data_1W72
#
_entry.id   1W72
#
_cell.length_a   125.359
_cell.length_b   50.050
_cell.length_c   136.705
_cell.angle_alpha   90.00
_cell.angle_beta   109.85
_cell.angle_gamma   90.00
#
_symmetry.space_group_name_H-M   'P 1 21 1'
#
loop_
_entity.id
_entity.type
_entity.pdbx_description
1 polymer 'HLA CLASS I HISTOCOMPATIBILITY ANTIGEN'
2 polymer BETA-2-MICROGLOBULIN
3 polymer 'MELANOMA-ASSOCIATED ANTIGEN 1'
4 polymer 'HYB3 HEAVY CHAIN'
5 polymer 'HYB3 LIGHT CHAIN'
6 non-polymer GLYCEROL
7 water water
#
loop_
_entity_poly.entity_id
_entity_poly.type
_entity_poly.pdbx_seq_one_letter_code
_entity_poly.pdbx_strand_id
1 'polypeptide(L)'
;GSHSMRYFFTSVSRPGRGEPRFIAVGYVDDTQFVRFDSDAASQKMEPRAPWIEQEGPEYWDQETRNMKAHSQTDRANLGT
LRGYYNQSEDGSHTIQIMYGCDVGPDGRFLRGYRQDAYDGKDYIALNEDLRSWTAADMAAQITKRKWEAVHAAEQRRVYL
EGRCVDGLRRYLENGKETLQRTDPPKTHMTHHPISDHEATLRCWALGFYPAEITLTWQRDGEDQTQDTELVETRPAGDGT
FQKWAAVVVPSGEEQRYTCHVQHEGLPKPLTLRW
;
A,D
2 'polypeptide(L)'
;MIQRTPKIQVYSRHPAENGKSNFLNCYVSGFHPSDIEVDLLKNGERIEKVEHSDLSFSKDWSFYLLYYTEFTPTEKDEYA
CRVNHVTLSQPKIVKWDRDM
;
B,E
3 'polypeptide(L)' EADPTGHSY C,F
4 'polypeptide(L)'
;EVQLVESGGGLVQPGRSLRLSCAASGFTFDDYAMHWVRQAPGKGLEWVSGISWNSGSIGYADSVKGRFTISRDNAKNSLY
LQMNSLRAEDTAVYYCARGRGFHYYYYGMDIWGQGTTVTVSSASTKGPSVFPLAPSSKSTSGGTAALGCLVKDYFPEPVT
VSWNSGALTSGVHTFPAVLQSSGLYSLSSVVTVPSSSLGTQTYICNVNHKPSNTKVDKKVEPK
;
H,I
5 'polypeptide(L)'
;SYVLTQPPSVSVAPGQTARITCGGNNIGSRSVHWYQQKPGQAPVLVVYDDSDRPSGIPERFSGSNSGNMATLTISRVEAG
DEADYYCQVWDSRTDHWVFGGGTDLTVLGQPKAAPSVTLFPPSSEELQANKATLVCLISDFYPGAVTVAWKADGSPVKAG
VETTKPSKQSNNKYAASSYLSLTPEQWKSHRSYSCQVTHEGSTVEKTVAP
;
L,M
#
# COMPACT_ATOMS: atom_id res chain seq x y z
N GLY A 1 31.42 2.89 35.03
CA GLY A 1 30.37 3.94 34.75
C GLY A 1 29.04 3.59 35.40
N SER A 2 27.96 3.97 34.72
CA SER A 2 26.62 3.68 35.19
C SER A 2 26.22 2.25 34.88
N HIS A 3 25.17 1.80 35.56
CA HIS A 3 24.68 0.45 35.37
C HIS A 3 23.18 0.42 35.38
N SER A 4 22.62 -0.65 34.81
CA SER A 4 21.18 -0.84 34.82
C SER A 4 20.86 -2.25 35.18
N MET A 5 19.65 -2.44 35.74
CA MET A 5 19.06 -3.79 35.94
C MET A 5 17.71 -3.75 35.24
N ARG A 6 17.44 -4.75 34.41
CA ARG A 6 16.20 -4.82 33.64
C ARG A 6 15.61 -6.21 33.68
N TYR A 7 14.29 -6.27 33.84
CA TYR A 7 13.53 -7.50 33.74
C TYR A 7 12.65 -7.37 32.48
N PHE A 8 12.62 -8.43 31.68
CA PHE A 8 11.84 -8.48 30.43
C PHE A 8 10.89 -9.67 30.51
N PHE A 9 9.60 -9.42 30.33
CA PHE A 9 8.56 -10.45 30.43
C PHE A 9 7.75 -10.53 29.13
N THR A 10 7.51 -11.76 28.68
CA THR A 10 6.72 -12.03 27.52
C THR A 10 5.73 -13.16 27.83
N SER A 11 4.45 -12.88 27.63
CA SER A 11 3.33 -13.82 27.76
C SER A 11 2.59 -13.92 26.43
N VAL A 12 2.41 -15.14 25.96
CA VAL A 12 1.71 -15.39 24.70
C VAL A 12 0.54 -16.33 24.94
N SER A 13 -0.66 -15.89 24.59
CA SER A 13 -1.85 -16.72 24.76
C SER A 13 -1.81 -17.85 23.73
N ARG A 14 -2.29 -19.03 24.12
CA ARG A 14 -2.26 -20.18 23.23
C ARG A 14 -3.59 -20.92 23.32
N PRO A 15 -4.61 -20.43 22.59
CA PRO A 15 -5.94 -21.06 22.53
C PRO A 15 -5.90 -22.55 22.17
N GLY A 16 -6.59 -23.37 22.95
CA GLY A 16 -6.63 -24.82 22.70
C GLY A 16 -5.41 -25.55 23.25
N ARG A 17 -4.21 -25.01 22.96
CA ARG A 17 -2.96 -25.52 23.50
C ARG A 17 -2.95 -25.38 25.04
N GLY A 18 -3.91 -24.64 25.57
CA GLY A 18 -4.05 -24.51 27.01
C GLY A 18 -3.45 -23.23 27.55
N GLU A 19 -2.50 -23.37 28.47
CA GLU A 19 -1.92 -22.23 29.19
C GLU A 19 -0.96 -21.40 28.35
N PRO A 20 -0.89 -20.11 28.63
CA PRO A 20 0.01 -19.21 27.90
C PRO A 20 1.49 -19.51 28.10
N ARG A 21 2.29 -19.16 27.13
CA ARG A 21 3.71 -19.31 27.29
C ARG A 21 4.16 -18.11 28.12
N PHE A 22 4.97 -18.32 29.14
CA PHE A 22 5.50 -17.19 29.93
C PHE A 22 6.98 -17.33 30.05
N ILE A 23 7.71 -16.27 29.68
CA ILE A 23 9.15 -16.25 29.86
C ILE A 23 9.59 -14.93 30.41
N ALA A 24 10.45 -14.97 31.42
CA ALA A 24 10.97 -13.78 32.07
C ALA A 24 12.47 -13.90 32.02
N VAL A 25 13.15 -12.80 31.73
CA VAL A 25 14.60 -12.74 31.82
C VAL A 25 14.99 -11.48 32.59
N GLY A 26 16.08 -11.61 33.35
CA GLY A 26 16.65 -10.50 34.07
C GLY A 26 18.08 -10.29 33.63
N TYR A 27 18.49 -9.00 33.56
CA TYR A 27 19.79 -8.54 33.07
C TYR A 27 20.39 -7.52 33.99
N VAL A 28 21.70 -7.56 34.15
CA VAL A 28 22.42 -6.42 34.72
C VAL A 28 23.27 -5.93 33.55
N ASP A 29 23.02 -4.70 33.07
CA ASP A 29 23.68 -4.20 31.91
C ASP A 29 23.36 -5.18 30.75
N ASP A 30 24.36 -5.76 30.11
CA ASP A 30 24.16 -6.66 28.96
C ASP A 30 24.37 -8.12 29.36
N THR A 31 24.29 -8.40 30.65
CA THR A 31 24.51 -9.74 31.15
C THR A 31 23.21 -10.30 31.73
N GLN A 32 22.70 -11.36 31.11
CA GLN A 32 21.54 -12.05 31.63
C GLN A 32 21.99 -12.80 32.89
N PHE A 33 21.19 -12.77 33.94
CA PHE A 33 21.53 -13.48 35.19
C PHE A 33 20.44 -14.44 35.71
N VAL A 34 19.21 -14.27 35.26
CA VAL A 34 18.18 -15.25 35.56
C VAL A 34 17.19 -15.43 34.42
N ARG A 35 16.46 -16.54 34.52
CA ARG A 35 15.32 -16.77 33.67
C ARG A 35 14.24 -17.59 34.36
N PHE A 36 13.03 -17.38 33.90
CA PHE A 36 11.88 -18.19 34.28
C PHE A 36 11.19 -18.47 32.97
N ASP A 37 10.96 -19.75 32.69
CA ASP A 37 10.25 -20.18 31.48
C ASP A 37 9.20 -21.26 31.79
N SER A 38 7.94 -20.97 31.49
CA SER A 38 6.84 -21.91 31.68
C SER A 38 7.06 -23.20 30.90
N ASP A 39 7.73 -23.12 29.74
CA ASP A 39 7.99 -24.33 28.96
C ASP A 39 9.31 -25.04 29.29
N ALA A 40 10.11 -24.47 30.19
CA ALA A 40 11.33 -25.13 30.64
C ALA A 40 10.90 -26.18 31.64
N ALA A 41 11.79 -27.12 31.93
CA ALA A 41 11.48 -28.21 32.84
C ALA A 41 11.47 -27.86 34.35
N SER A 42 12.18 -26.80 34.72
CA SER A 42 12.41 -26.45 36.14
C SER A 42 11.23 -26.08 37.06
N GLN A 43 10.49 -25.05 36.65
CA GLN A 43 9.38 -24.43 37.43
C GLN A 43 9.88 -23.40 38.49
N LYS A 44 11.18 -23.15 38.49
CA LYS A 44 11.78 -22.13 39.33
C LYS A 44 12.48 -21.06 38.48
N MET A 45 12.76 -19.94 39.13
CA MET A 45 13.61 -18.92 38.55
C MET A 45 14.96 -19.57 38.58
N GLU A 46 15.73 -19.49 37.49
CA GLU A 46 17.07 -20.06 37.54
C GLU A 46 18.20 -19.16 37.12
N PRO A 47 19.40 -19.50 37.61
CA PRO A 47 20.60 -18.71 37.34
C PRO A 47 21.06 -18.80 35.91
N ARG A 48 21.53 -17.67 35.38
CA ARG A 48 22.16 -17.61 34.04
C ARG A 48 23.52 -16.96 34.07
N ALA A 49 24.03 -16.65 35.26
CA ALA A 49 25.36 -16.10 35.44
C ALA A 49 25.89 -16.68 36.73
N PRO A 50 27.18 -17.05 36.79
CA PRO A 50 27.75 -17.68 38.00
C PRO A 50 27.60 -16.90 39.32
N TRP A 51 27.71 -15.57 39.27
CA TRP A 51 27.60 -14.72 40.48
C TRP A 51 26.20 -14.69 41.13
N ILE A 52 25.14 -15.02 40.41
CA ILE A 52 23.80 -15.03 41.06
C ILE A 52 23.61 -16.30 41.91
N GLU A 53 24.50 -17.28 41.75
CA GLU A 53 24.47 -18.52 42.50
C GLU A 53 24.97 -18.31 43.94
N GLN A 54 25.58 -17.15 44.20
CA GLN A 54 25.98 -16.80 45.55
C GLN A 54 24.73 -16.65 46.44
N GLU A 55 23.59 -16.28 45.83
CA GLU A 55 22.32 -16.10 46.56
C GLU A 55 21.84 -17.43 47.15
N GLY A 56 21.27 -17.36 48.34
CA GLY A 56 20.82 -18.57 49.07
C GLY A 56 19.41 -19.02 48.70
N PRO A 57 18.96 -20.12 49.33
CA PRO A 57 17.63 -20.68 49.07
C PRO A 57 16.44 -19.70 49.22
N GLU A 58 16.57 -18.71 50.10
CA GLU A 58 15.47 -17.78 50.38
C GLU A 58 15.28 -16.83 49.22
N TYR A 59 16.39 -16.41 48.62
CA TYR A 59 16.36 -15.58 47.42
C TYR A 59 15.63 -16.33 46.31
N TRP A 60 16.08 -17.56 46.07
CA TRP A 60 15.47 -18.37 45.02
C TRP A 60 13.99 -18.63 45.26
N ASP A 61 13.61 -18.95 46.49
CA ASP A 61 12.18 -19.13 46.82
C ASP A 61 11.36 -17.86 46.56
N GLN A 62 11.87 -16.73 47.06
CA GLN A 62 11.21 -15.44 46.89
C GLN A 62 11.10 -15.06 45.38
N GLU A 63 12.19 -15.11 44.64
CA GLU A 63 12.16 -14.75 43.23
C GLU A 63 11.33 -15.74 42.39
N THR A 64 11.29 -17.00 42.78
CA THR A 64 10.40 -17.97 42.13
C THR A 64 8.92 -17.61 42.36
N ARG A 65 8.56 -17.25 43.58
CA ARG A 65 7.19 -16.81 43.84
C ARG A 65 6.81 -15.59 43.03
N ASN A 66 7.73 -14.62 42.97
CA ASN A 66 7.52 -13.42 42.19
C ASN A 66 7.26 -13.76 40.72
N MET A 67 8.01 -14.71 40.18
CA MET A 67 7.84 -15.12 38.80
C MET A 67 6.53 -15.85 38.58
N LYS A 68 6.17 -16.71 39.51
CA LYS A 68 4.87 -17.37 39.46
C LYS A 68 3.72 -16.36 39.61
N ALA A 69 3.85 -15.37 40.49
CA ALA A 69 2.82 -14.34 40.65
C ALA A 69 2.71 -13.48 39.41
N HIS A 70 3.84 -13.06 38.86
CA HIS A 70 3.81 -12.20 37.65
C HIS A 70 3.15 -12.92 36.44
N SER A 71 3.46 -14.19 36.32
CA SER A 71 2.93 -15.05 35.28
C SER A 71 1.40 -15.07 35.33
N GLN A 72 0.87 -15.21 36.55
CA GLN A 72 -0.56 -15.24 36.77
C GLN A 72 -1.22 -13.92 36.51
N THR A 73 -0.49 -12.84 36.75
CA THR A 73 -1.01 -11.48 36.45
C THR A 73 -1.12 -11.29 34.95
N ASP A 74 -0.13 -11.74 34.20
CA ASP A 74 -0.14 -11.53 32.75
C ASP A 74 -1.17 -12.41 32.10
N ARG A 75 -1.35 -13.61 32.66
CA ARG A 75 -2.36 -14.52 32.17
C ARG A 75 -3.75 -13.92 32.39
N ALA A 76 -3.98 -13.35 33.57
CA ALA A 76 -5.24 -12.64 33.80
C ALA A 76 -5.38 -11.48 32.83
N ASN A 77 -4.31 -10.71 32.66
CA ASN A 77 -4.35 -9.53 31.79
C ASN A 77 -4.60 -9.83 30.31
N LEU A 78 -4.12 -10.98 29.84
CA LEU A 78 -4.40 -11.42 28.47
C LEU A 78 -5.91 -11.62 28.28
N GLY A 79 -6.57 -12.24 29.26
CA GLY A 79 -8.03 -12.39 29.22
C GLY A 79 -8.71 -11.03 29.28
N THR A 80 -8.21 -10.18 30.16
CA THR A 80 -8.76 -8.86 30.35
C THR A 80 -8.67 -8.01 29.09
N LEU A 81 -7.54 -8.06 28.41
CA LEU A 81 -7.34 -7.26 27.20
C LEU A 81 -8.18 -7.75 26.05
N ARG A 82 -8.32 -9.06 25.92
CA ARG A 82 -9.19 -9.63 24.89
C ARG A 82 -10.58 -9.04 25.08
N GLY A 83 -10.98 -8.91 26.36
CA GLY A 83 -12.28 -8.38 26.73
C GLY A 83 -12.40 -6.91 26.44
N TYR A 84 -11.43 -6.11 26.87
CA TYR A 84 -11.47 -4.65 26.63
C TYR A 84 -11.57 -4.27 25.17
N TYR A 85 -10.77 -4.95 24.34
CA TYR A 85 -10.71 -4.75 22.91
C TYR A 85 -11.79 -5.50 22.10
N ASN A 86 -12.58 -6.36 22.74
CA ASN A 86 -13.61 -7.12 22.06
C ASN A 86 -13.03 -8.00 20.96
N GLN A 87 -11.90 -8.65 21.26
CA GLN A 87 -11.26 -9.53 20.31
C GLN A 87 -11.81 -10.96 20.39
N SER A 88 -11.74 -11.69 19.29
CA SER A 88 -12.21 -13.07 19.25
C SER A 88 -11.28 -13.97 20.06
N GLU A 89 -11.79 -15.17 20.37
CA GLU A 89 -11.08 -16.15 21.20
C GLU A 89 -10.06 -17.00 20.43
N ASP A 90 -10.15 -17.03 19.10
CA ASP A 90 -9.34 -17.96 18.31
C ASP A 90 -7.90 -17.52 18.04
N GLY A 91 -7.64 -16.22 18.07
CA GLY A 91 -6.30 -15.72 17.78
C GLY A 91 -5.40 -15.66 19.00
N SER A 92 -4.09 -15.58 18.75
CA SER A 92 -3.09 -15.50 19.79
C SER A 92 -2.63 -14.04 19.98
N HIS A 93 -2.37 -13.68 21.23
CA HIS A 93 -2.02 -12.32 21.64
C HIS A 93 -0.86 -12.35 22.63
N THR A 94 -0.19 -11.21 22.75
CA THR A 94 1.06 -11.10 23.46
C THR A 94 1.09 -9.89 24.38
N ILE A 95 1.58 -10.10 25.61
CA ILE A 95 1.91 -9.01 26.50
C ILE A 95 3.43 -9.02 26.78
N GLN A 96 4.02 -7.84 26.72
CA GLN A 96 5.42 -7.60 27.11
C GLN A 96 5.48 -6.49 28.14
N ILE A 97 6.34 -6.70 29.13
CA ILE A 97 6.61 -5.77 30.23
C ILE A 97 8.12 -5.69 30.36
N MET A 98 8.62 -4.46 30.48
CA MET A 98 10.02 -4.25 30.84
C MET A 98 10.02 -3.31 32.01
N TYR A 99 10.79 -3.63 33.03
CA TYR A 99 11.02 -2.70 34.12
C TYR A 99 12.44 -2.82 34.66
N GLY A 100 12.85 -1.80 35.41
CA GLY A 100 14.19 -1.73 35.94
C GLY A 100 14.63 -0.34 36.40
N CYS A 101 15.89 -0.27 36.79
CA CYS A 101 16.45 0.97 37.29
C CYS A 101 17.88 1.17 36.84
N ASP A 102 18.32 2.42 36.84
CA ASP A 102 19.70 2.80 36.51
C ASP A 102 20.34 3.44 37.72
N VAL A 103 21.60 3.12 37.99
CA VAL A 103 22.36 3.77 39.07
C VAL A 103 23.61 4.40 38.49
N GLY A 104 24.14 5.39 39.20
CA GLY A 104 25.37 6.05 38.78
C GLY A 104 26.58 5.24 39.17
N PRO A 105 27.77 5.74 38.82
CA PRO A 105 29.04 5.05 39.15
C PRO A 105 29.29 4.83 40.64
N ASP A 106 28.60 5.58 41.51
CA ASP A 106 28.72 5.39 42.95
C ASP A 106 27.45 4.84 43.56
N GLY A 107 26.61 4.23 42.71
CA GLY A 107 25.41 3.52 43.16
C GLY A 107 24.17 4.35 43.35
N ARG A 108 24.26 5.65 43.11
CA ARG A 108 23.13 6.56 43.25
C ARG A 108 22.02 6.26 42.23
N PHE A 109 20.78 6.19 42.69
CA PHE A 109 19.65 6.00 41.80
C PHE A 109 19.64 7.08 40.72
N LEU A 110 19.50 6.69 39.45
CA LEU A 110 19.38 7.69 38.38
C LEU A 110 17.95 7.76 37.92
N ARG A 111 17.37 6.58 37.66
CA ARG A 111 15.97 6.48 37.25
C ARG A 111 15.44 5.07 37.18
N GLY A 112 14.12 4.99 37.03
CA GLY A 112 13.41 3.74 36.93
C GLY A 112 12.44 3.80 35.77
N TYR A 113 12.05 2.60 35.34
CA TYR A 113 11.20 2.39 34.17
C TYR A 113 10.16 1.27 34.41
N ARG A 114 9.00 1.41 33.81
CA ARG A 114 7.98 0.38 33.83
C ARG A 114 7.11 0.69 32.61
N GLN A 115 7.13 -0.23 31.64
CA GLN A 115 6.40 -0.08 30.39
C GLN A 115 5.82 -1.42 29.96
N ASP A 116 4.60 -1.36 29.44
CA ASP A 116 3.82 -2.50 29.05
C ASP A 116 3.34 -2.32 27.62
N ALA A 117 3.44 -3.40 26.83
CA ALA A 117 2.95 -3.49 25.45
C ALA A 117 1.96 -4.64 25.25
N TYR A 118 1.06 -4.45 24.29
CA TYR A 118 0.09 -5.47 23.89
C TYR A 118 0.17 -5.59 22.39
N ASP A 119 0.42 -6.83 21.96
CA ASP A 119 0.63 -7.16 20.56
C ASP A 119 1.78 -6.34 19.93
N GLY A 120 2.80 -6.03 20.72
CA GLY A 120 3.99 -5.34 20.21
C GLY A 120 3.87 -3.83 20.13
N LYS A 121 2.81 -3.27 20.70
CA LYS A 121 2.56 -1.83 20.67
C LYS A 121 2.35 -1.34 22.08
N ASP A 122 2.79 -0.12 22.36
CA ASP A 122 2.65 0.48 23.68
C ASP A 122 1.25 0.29 24.21
N TYR A 123 1.13 -0.06 25.48
CA TYR A 123 -0.16 -0.16 26.15
C TYR A 123 -0.25 0.90 27.26
N ILE A 124 0.62 0.74 28.27
CA ILE A 124 0.73 1.75 29.33
C ILE A 124 2.18 1.83 29.81
N ALA A 125 2.59 3.01 30.24
CA ALA A 125 3.94 3.22 30.73
C ALA A 125 3.92 4.18 31.93
N LEU A 126 4.76 3.88 32.92
CA LEU A 126 5.02 4.78 34.03
C LEU A 126 5.90 5.92 33.47
N ASN A 127 5.58 7.17 33.73
CA ASN A 127 6.40 8.27 33.24
C ASN A 127 7.65 8.40 34.09
N GLU A 128 8.61 9.20 33.64
CA GLU A 128 9.89 9.37 34.33
C GLU A 128 9.77 9.89 35.76
N ASP A 129 8.75 10.71 36.03
CA ASP A 129 8.59 11.24 37.38
C ASP A 129 8.16 10.12 38.37
N LEU A 130 7.80 8.95 37.82
CA LEU A 130 7.40 7.77 38.59
C LEU A 130 6.19 8.06 39.44
N ARG A 131 5.38 9.01 38.97
CA ARG A 131 4.19 9.47 39.71
C ARG A 131 2.95 9.56 38.83
N SER A 132 3.05 9.11 37.58
CA SER A 132 1.97 9.26 36.63
C SER A 132 2.16 8.27 35.47
N TRP A 133 1.11 8.11 34.67
CA TRP A 133 1.09 7.14 33.58
C TRP A 133 0.71 7.75 32.23
N THR A 134 1.19 7.11 31.18
CA THR A 134 0.79 7.45 29.83
C THR A 134 0.11 6.19 29.33
N ALA A 135 -1.15 6.33 28.94
CA ALA A 135 -1.93 5.25 28.33
C ALA A 135 -1.97 5.43 26.83
N ALA A 136 -1.57 4.43 26.06
CA ALA A 136 -1.51 4.52 24.57
C ALA A 136 -2.86 4.61 23.89
N ASP A 137 -3.89 4.06 24.50
CA ASP A 137 -5.21 4.04 23.87
C ASP A 137 -6.32 4.00 24.90
N MET A 138 -7.54 3.90 24.40
CA MET A 138 -8.71 3.94 25.24
C MET A 138 -8.88 2.75 26.18
N ALA A 139 -8.34 1.58 25.83
CA ALA A 139 -8.39 0.44 26.77
C ALA A 139 -7.40 0.69 27.90
N ALA A 140 -6.20 1.13 27.56
CA ALA A 140 -5.20 1.48 28.56
C ALA A 140 -5.69 2.57 29.52
N GLN A 141 -6.66 3.38 29.08
CA GLN A 141 -7.27 4.45 29.92
C GLN A 141 -8.14 3.88 31.03
N ILE A 142 -8.70 2.70 30.79
CA ILE A 142 -9.39 1.97 31.83
C ILE A 142 -8.35 1.56 32.87
N THR A 143 -7.25 0.97 32.41
CA THR A 143 -6.17 0.61 33.28
C THR A 143 -5.60 1.81 34.05
N LYS A 144 -5.38 2.92 33.33
CA LYS A 144 -4.79 4.11 33.93
C LYS A 144 -5.67 4.66 35.04
N ARG A 145 -6.96 4.81 34.79
CA ARG A 145 -7.80 5.32 35.87
C ARG A 145 -7.83 4.45 37.11
N LYS A 146 -7.86 3.14 36.94
CA LYS A 146 -7.94 2.26 38.12
C LYS A 146 -6.60 2.26 38.88
N TRP A 147 -5.52 2.36 38.15
CA TRP A 147 -4.19 2.44 38.73
C TRP A 147 -3.96 3.74 39.46
N GLU A 148 -4.44 4.85 38.90
CA GLU A 148 -4.40 6.11 39.61
C GLU A 148 -5.22 6.07 40.91
N ALA A 149 -6.39 5.43 40.88
CA ALA A 149 -7.26 5.38 42.07
C ALA A 149 -6.62 4.61 43.23
N VAL A 150 -5.79 3.62 42.91
CA VAL A 150 -5.10 2.80 43.92
C VAL A 150 -3.64 3.24 44.16
N HIS A 151 -3.24 4.36 43.56
CA HIS A 151 -1.90 4.89 43.76
C HIS A 151 -0.83 3.86 43.43
N ALA A 152 -1.01 3.19 42.29
CA ALA A 152 -0.07 2.21 41.81
C ALA A 152 1.32 2.76 41.50
N ALA A 153 1.38 4.04 41.09
CA ALA A 153 2.69 4.65 40.80
C ALA A 153 3.55 4.70 42.04
N GLU A 154 2.95 5.04 43.18
CA GLU A 154 3.70 5.05 44.45
C GLU A 154 4.28 3.66 44.73
N GLN A 155 3.50 2.60 44.47
CA GLN A 155 3.99 1.24 44.72
C GLN A 155 5.17 0.90 43.82
N ARG A 156 5.08 1.22 42.53
CA ARG A 156 6.20 1.03 41.60
C ARG A 156 7.43 1.83 41.99
N ARG A 157 7.23 3.10 42.36
CA ARG A 157 8.33 3.98 42.73
C ARG A 157 9.06 3.39 43.92
N VAL A 158 8.29 2.92 44.89
CA VAL A 158 8.86 2.29 46.08
C VAL A 158 9.76 1.14 45.65
N TYR A 159 9.29 0.33 44.70
CA TYR A 159 10.11 -0.76 44.17
C TYR A 159 11.38 -0.25 43.45
N LEU A 160 11.17 0.63 42.46
CA LEU A 160 12.25 1.11 41.59
C LEU A 160 13.37 1.83 42.35
N GLU A 161 12.97 2.66 43.32
CA GLU A 161 13.90 3.42 44.14
C GLU A 161 14.42 2.63 45.35
N GLY A 162 13.79 1.50 45.67
CA GLY A 162 14.17 0.69 46.81
C GLY A 162 14.88 -0.62 46.46
N ARG A 163 14.14 -1.73 46.45
CA ARG A 163 14.74 -3.04 46.20
C ARG A 163 15.38 -3.20 44.84
N CYS A 164 14.85 -2.51 43.84
CA CYS A 164 15.46 -2.56 42.52
C CYS A 164 16.91 -2.08 42.60
N VAL A 165 17.11 -0.94 43.26
CA VAL A 165 18.42 -0.37 43.46
C VAL A 165 19.30 -1.23 44.37
N ASP A 166 18.75 -1.61 45.53
CA ASP A 166 19.42 -2.52 46.46
C ASP A 166 19.87 -3.81 45.76
N GLY A 167 18.98 -4.40 44.97
CA GLY A 167 19.30 -5.60 44.23
C GLY A 167 20.44 -5.35 43.26
N LEU A 168 20.28 -4.32 42.44
CA LEU A 168 21.29 -3.99 41.42
C LEU A 168 22.68 -3.76 42.04
N ARG A 169 22.72 -2.98 43.11
CA ARG A 169 24.01 -2.72 43.78
C ARG A 169 24.70 -3.96 44.33
N ARG A 170 23.90 -4.88 44.88
CA ARG A 170 24.40 -6.11 45.43
C ARG A 170 24.93 -7.00 44.32
N TYR A 171 24.20 -7.05 43.22
CA TYR A 171 24.64 -7.83 42.02
C TYR A 171 25.93 -7.26 41.45
N LEU A 172 26.02 -5.94 41.42
CA LEU A 172 27.25 -5.29 40.94
C LEU A 172 28.46 -5.63 41.82
N GLU A 173 28.24 -5.76 43.14
CA GLU A 173 29.33 -6.15 44.04
C GLU A 173 29.68 -7.62 43.89
N ASN A 174 28.68 -8.49 44.01
CA ASN A 174 28.90 -9.94 43.89
C ASN A 174 29.44 -10.35 42.56
N GLY A 175 28.97 -9.71 41.49
CA GLY A 175 29.43 -10.01 40.16
C GLY A 175 30.43 -9.02 39.58
N LYS A 176 31.10 -8.27 40.45
CA LYS A 176 32.03 -7.23 40.02
C LYS A 176 33.10 -7.71 39.04
N GLU A 177 33.60 -8.93 39.22
CA GLU A 177 34.69 -9.43 38.39
C GLU A 177 34.29 -9.56 36.93
N THR A 178 32.99 -9.62 36.63
CA THR A 178 32.54 -9.62 35.24
C THR A 178 31.74 -8.36 34.88
N LEU A 179 30.77 -8.01 35.71
CA LEU A 179 29.92 -6.85 35.46
C LEU A 179 30.69 -5.53 35.49
N GLN A 180 31.66 -5.39 36.38
CA GLN A 180 32.44 -4.14 36.47
C GLN A 180 33.79 -4.25 35.77
N ARG A 181 33.86 -5.15 34.80
CA ARG A 181 35.04 -5.29 33.98
C ARG A 181 34.59 -5.25 32.53
N THR A 182 35.52 -4.96 31.63
CA THR A 182 35.20 -4.92 30.21
C THR A 182 36.08 -5.91 29.43
N ASP A 183 35.58 -6.31 28.26
CA ASP A 183 36.34 -7.10 27.30
C ASP A 183 36.46 -6.21 26.06
N PRO A 184 37.69 -5.94 25.66
CA PRO A 184 37.92 -5.08 24.50
C PRO A 184 37.68 -5.86 23.21
N PRO A 185 37.24 -5.17 22.16
CA PRO A 185 37.03 -5.85 20.89
C PRO A 185 38.35 -6.41 20.34
N LYS A 186 38.30 -7.65 19.87
CA LYS A 186 39.41 -8.22 19.11
C LYS A 186 39.11 -7.84 17.65
N THR A 187 40.08 -7.25 16.99
CA THR A 187 39.81 -6.70 15.68
C THR A 187 40.68 -7.25 14.57
N HIS A 188 40.12 -7.22 13.36
CA HIS A 188 40.85 -7.59 12.18
C HIS A 188 40.10 -7.08 10.96
N MET A 189 40.80 -7.07 9.84
CA MET A 189 40.27 -6.56 8.61
C MET A 189 40.26 -7.71 7.61
N THR A 190 39.20 -7.83 6.81
CA THR A 190 39.23 -8.75 5.67
C THR A 190 39.10 -7.96 4.38
N HIS A 191 39.57 -8.59 3.31
CA HIS A 191 39.59 -8.03 1.99
C HIS A 191 39.06 -9.05 1.00
N HIS A 192 38.05 -8.67 0.23
CA HIS A 192 37.45 -9.55 -0.77
C HIS A 192 37.11 -8.78 -2.05
N PRO A 193 37.84 -9.07 -3.13
CA PRO A 193 37.57 -8.42 -4.42
C PRO A 193 36.17 -8.77 -4.96
N ILE A 194 35.45 -7.74 -5.41
CA ILE A 194 34.12 -7.86 -6.00
C ILE A 194 34.27 -8.00 -7.50
N SER A 195 35.07 -7.12 -8.09
CA SER A 195 35.35 -7.10 -9.51
C SER A 195 36.80 -6.70 -9.69
N ASP A 196 37.22 -6.53 -10.93
CA ASP A 196 38.56 -6.06 -11.25
C ASP A 196 38.78 -4.64 -10.71
N HIS A 197 37.70 -3.86 -10.53
CA HIS A 197 37.87 -2.46 -10.06
C HIS A 197 37.47 -2.15 -8.61
N GLU A 198 36.58 -2.93 -8.01
CA GLU A 198 36.18 -2.72 -6.61
C GLU A 198 36.47 -3.93 -5.72
N ALA A 199 36.67 -3.65 -4.44
CA ALA A 199 36.90 -4.67 -3.42
C ALA A 199 36.16 -4.30 -2.13
N THR A 200 35.75 -5.30 -1.37
CA THR A 200 35.09 -5.07 -0.09
C THR A 200 36.11 -5.13 1.03
N LEU A 201 36.09 -4.13 1.90
CA LEU A 201 36.93 -4.12 3.09
C LEU A 201 35.97 -4.28 4.24
N ARG A 202 36.21 -5.27 5.08
CA ARG A 202 35.35 -5.52 6.22
C ARG A 202 36.18 -5.48 7.49
N CYS A 203 35.74 -4.63 8.39
CA CYS A 203 36.41 -4.38 9.65
C CYS A 203 35.59 -5.08 10.73
N TRP A 204 36.25 -5.96 11.47
CA TRP A 204 35.61 -6.82 12.44
C TRP A 204 35.96 -6.42 13.86
N ALA A 205 34.96 -6.48 14.75
CA ALA A 205 35.18 -6.35 16.19
C ALA A 205 34.53 -7.60 16.85
N LEU A 206 35.32 -8.40 17.55
CA LEU A 206 34.86 -9.66 18.15
C LEU A 206 35.21 -9.76 19.64
N GLY A 207 34.42 -10.54 20.37
CA GLY A 207 34.66 -10.84 21.78
C GLY A 207 34.57 -9.68 22.76
N PHE A 208 33.75 -8.68 22.44
CA PHE A 208 33.63 -7.51 23.33
C PHE A 208 32.41 -7.49 24.27
N TYR A 209 32.60 -6.77 25.37
CA TYR A 209 31.59 -6.51 26.38
C TYR A 209 31.94 -5.19 27.07
N PRO A 210 30.97 -4.30 27.31
CA PRO A 210 29.53 -4.48 26.96
C PRO A 210 29.25 -4.32 25.46
N ALA A 211 27.97 -4.41 25.10
CA ALA A 211 27.52 -4.38 23.72
C ALA A 211 27.79 -3.05 22.99
N GLU A 212 27.66 -1.93 23.69
CA GLU A 212 27.82 -0.61 23.07
C GLU A 212 29.18 -0.50 22.37
N ILE A 213 29.14 -0.12 21.11
CA ILE A 213 30.37 0.07 20.33
C ILE A 213 30.08 0.94 19.12
N THR A 214 31.12 1.65 18.66
CA THR A 214 31.04 2.49 17.48
C THR A 214 32.14 2.04 16.50
N LEU A 215 31.73 1.67 15.29
CA LEU A 215 32.60 1.32 14.17
C LEU A 215 32.43 2.41 13.11
N THR A 216 33.52 3.02 12.69
CA THR A 216 33.45 4.06 11.69
C THR A 216 34.57 3.92 10.64
N TRP A 217 34.19 4.12 9.38
CA TRP A 217 35.12 4.11 8.26
C TRP A 217 35.43 5.52 7.87
N GLN A 218 36.70 5.81 7.65
CA GLN A 218 37.10 7.08 7.07
C GLN A 218 37.86 6.85 5.75
N ARG A 219 37.89 7.90 4.91
CA ARG A 219 38.65 7.91 3.65
C ARG A 219 39.49 9.18 3.70
N ASP A 220 40.81 9.07 3.63
CA ASP A 220 41.71 10.20 3.78
C ASP A 220 41.33 10.96 5.04
N GLY A 221 41.10 10.22 6.11
CA GLY A 221 40.74 10.82 7.37
C GLY A 221 39.40 11.53 7.37
N GLU A 222 38.47 11.13 6.52
CA GLU A 222 37.16 11.76 6.46
C GLU A 222 36.08 10.68 6.64
N ASP A 223 35.12 10.93 7.53
CA ASP A 223 34.05 9.97 7.81
C ASP A 223 33.31 9.60 6.51
N GLN A 224 33.06 8.31 6.35
CA GLN A 224 32.44 7.72 5.16
C GLN A 224 31.07 7.15 5.50
N THR A 225 30.18 8.00 5.98
CA THR A 225 28.83 7.55 6.40
C THR A 225 27.84 7.60 5.22
N GLN A 226 28.18 6.84 4.18
CA GLN A 226 27.38 6.73 2.97
C GLN A 226 27.53 5.31 2.42
N ASP A 227 28.74 4.99 1.94
CA ASP A 227 28.99 3.66 1.36
C ASP A 227 29.43 2.62 2.42
N THR A 228 28.79 2.64 3.58
CA THR A 228 29.16 1.75 4.66
C THR A 228 28.09 0.69 4.96
N GLU A 229 28.46 -0.59 4.84
CA GLU A 229 27.57 -1.70 5.22
C GLU A 229 27.84 -1.94 6.71
N LEU A 230 26.79 -1.89 7.53
CA LEU A 230 26.93 -1.99 8.99
C LEU A 230 25.88 -2.93 9.60
N VAL A 231 26.33 -4.04 10.17
CA VAL A 231 25.39 -5.01 10.77
C VAL A 231 25.07 -4.66 12.21
N GLU A 232 23.89 -5.10 12.64
CA GLU A 232 23.45 -4.99 14.03
C GLU A 232 24.46 -5.72 14.91
N THR A 233 24.76 -5.14 16.07
CA THR A 233 25.62 -5.82 17.03
C THR A 233 24.88 -7.12 17.42
N ARG A 234 25.64 -8.21 17.53
CA ARG A 234 25.08 -9.56 17.72
C ARG A 234 25.84 -10.36 18.79
N PRO A 235 25.16 -11.25 19.50
CA PRO A 235 25.81 -12.06 20.53
C PRO A 235 26.71 -13.16 19.98
N ALA A 236 27.91 -13.30 20.55
CA ALA A 236 28.82 -14.38 20.17
C ALA A 236 28.32 -15.71 20.71
N GLY A 237 27.58 -15.64 21.81
CA GLY A 237 27.02 -16.80 22.45
C GLY A 237 27.71 -17.10 23.75
N ASP A 238 28.81 -16.39 24.05
CA ASP A 238 29.52 -16.61 25.32
C ASP A 238 29.42 -15.42 26.28
N GLY A 239 28.40 -14.58 26.10
CA GLY A 239 28.26 -13.38 26.90
C GLY A 239 28.92 -12.14 26.27
N THR A 240 29.62 -12.30 25.14
CA THR A 240 30.24 -11.16 24.45
C THR A 240 29.51 -10.91 23.15
N PHE A 241 29.95 -9.86 22.45
CA PHE A 241 29.30 -9.37 21.25
C PHE A 241 30.27 -9.21 20.10
N GLN A 242 29.67 -9.17 18.92
CA GLN A 242 30.36 -9.04 17.66
C GLN A 242 29.70 -7.96 16.83
N LYS A 243 30.49 -7.31 15.97
CA LYS A 243 29.97 -6.37 14.98
C LYS A 243 30.99 -6.18 13.86
N TRP A 244 30.49 -5.96 12.64
CA TRP A 244 31.34 -5.51 11.55
C TRP A 244 30.72 -4.39 10.76
N ALA A 245 31.61 -3.69 10.04
CA ALA A 245 31.28 -2.61 9.11
C ALA A 245 32.14 -2.85 7.88
N ALA A 246 31.57 -2.58 6.72
CA ALA A 246 32.32 -2.79 5.50
C ALA A 246 32.15 -1.61 4.56
N VAL A 247 33.09 -1.48 3.62
CA VAL A 247 33.04 -0.43 2.60
C VAL A 247 33.49 -1.00 1.25
N VAL A 248 32.85 -0.56 0.17
CA VAL A 248 33.29 -0.92 -1.18
C VAL A 248 34.24 0.17 -1.64
N VAL A 249 35.46 -0.22 -1.97
CA VAL A 249 36.52 0.71 -2.34
C VAL A 249 37.08 0.37 -3.72
N PRO A 250 37.70 1.32 -4.41
CA PRO A 250 38.32 1.00 -5.68
C PRO A 250 39.58 0.23 -5.41
N SER A 251 39.81 -0.81 -6.22
CA SER A 251 40.98 -1.66 -6.12
C SER A 251 42.26 -0.85 -6.28
N GLY A 252 43.18 -0.99 -5.32
CA GLY A 252 44.43 -0.21 -5.31
C GLY A 252 44.41 0.96 -4.33
N GLU A 253 43.22 1.39 -3.93
CA GLU A 253 43.06 2.53 -3.04
C GLU A 253 42.81 2.13 -1.59
N GLU A 254 43.00 0.85 -1.28
CA GLU A 254 42.74 0.30 0.05
C GLU A 254 43.39 1.03 1.22
N GLN A 255 44.65 1.41 1.09
CA GLN A 255 45.38 2.08 2.19
C GLN A 255 44.77 3.43 2.61
N ARG A 256 43.89 4.00 1.77
CA ARG A 256 43.26 5.30 2.05
C ARG A 256 42.13 5.21 3.07
N TYR A 257 41.66 4.00 3.31
CA TYR A 257 40.53 3.76 4.21
C TYR A 257 41.01 3.23 5.53
N THR A 258 40.43 3.77 6.60
CA THR A 258 40.71 3.32 7.97
C THR A 258 39.43 3.05 8.70
N CYS A 259 39.46 2.03 9.54
CA CYS A 259 38.33 1.67 10.37
C CYS A 259 38.64 2.09 11.81
N HIS A 260 37.71 2.82 12.41
CA HIS A 260 37.90 3.36 13.73
C HIS A 260 36.91 2.69 14.71
N VAL A 261 37.48 2.15 15.78
CA VAL A 261 36.73 1.35 16.76
C VAL A 261 36.83 2.03 18.11
N GLN A 262 35.66 2.39 18.63
CA GLN A 262 35.51 3.02 19.94
C GLN A 262 34.75 2.05 20.86
N HIS A 263 35.33 1.75 22.03
CA HIS A 263 34.71 0.84 23.00
C HIS A 263 35.30 1.18 24.36
N GLU A 264 34.49 1.12 25.42
CA GLU A 264 34.97 1.49 26.78
C GLU A 264 36.06 0.54 27.27
N GLY A 265 36.17 -0.62 26.65
CA GLY A 265 37.21 -1.56 26.99
C GLY A 265 38.57 -1.12 26.46
N LEU A 266 38.59 -0.13 25.56
CA LEU A 266 39.83 0.38 24.96
C LEU A 266 40.33 1.65 25.65
N PRO A 267 41.64 1.70 25.93
CA PRO A 267 42.21 2.88 26.58
C PRO A 267 42.20 4.06 25.61
N LYS A 268 42.31 3.74 24.32
CA LYS A 268 42.21 4.68 23.23
C LYS A 268 41.47 4.04 22.03
N PRO A 269 40.76 4.84 21.24
CA PRO A 269 40.12 4.32 20.01
C PRO A 269 41.17 3.68 19.07
N LEU A 270 40.77 2.61 18.39
CA LEU A 270 41.67 1.87 17.52
C LEU A 270 41.45 2.28 16.09
N THR A 271 42.54 2.34 15.35
CA THR A 271 42.51 2.61 13.93
C THR A 271 43.09 1.40 13.19
N LEU A 272 42.30 0.83 12.28
CA LEU A 272 42.69 -0.33 11.48
C LEU A 272 42.86 0.15 10.05
N ARG A 273 43.85 -0.38 9.35
CA ARG A 273 44.08 -0.07 7.93
C ARG A 273 44.59 -1.30 7.21
N TRP A 274 44.09 -1.57 6.02
CA TRP A 274 44.48 -2.78 5.27
C TRP A 274 45.96 -2.73 4.91
N MET B 1 -3.29 -5.80 13.91
CA MET B 1 -2.10 -6.32 14.65
C MET B 1 -0.86 -6.35 13.74
N ILE B 2 0.16 -5.57 14.11
CA ILE B 2 1.33 -5.40 13.27
C ILE B 2 2.40 -6.47 13.51
N GLN B 3 2.78 -7.16 12.43
CA GLN B 3 3.79 -8.22 12.47
C GLN B 3 5.06 -7.75 11.78
N ARG B 4 6.20 -8.14 12.34
CA ARG B 4 7.50 -7.75 11.81
C ARG B 4 8.30 -8.99 11.42
N THR B 5 8.88 -8.97 10.23
CA THR B 5 9.65 -10.08 9.72
C THR B 5 11.08 -10.07 10.33
N PRO B 6 11.64 -11.26 10.57
CA PRO B 6 12.97 -11.37 11.16
C PRO B 6 14.14 -10.97 10.24
N LYS B 7 15.18 -10.42 10.88
CA LYS B 7 16.48 -10.20 10.27
C LYS B 7 17.22 -11.47 10.66
N ILE B 8 18.08 -11.99 9.78
CA ILE B 8 18.80 -13.23 10.04
C ILE B 8 20.31 -12.99 9.84
N GLN B 9 21.13 -13.44 10.79
CA GLN B 9 22.57 -13.40 10.63
C GLN B 9 23.10 -14.77 11.03
N VAL B 10 23.87 -15.38 10.15
CA VAL B 10 24.51 -16.65 10.42
C VAL B 10 26.02 -16.41 10.50
N TYR B 11 26.63 -16.87 11.58
CA TYR B 11 28.06 -16.67 11.82
C TYR B 11 28.58 -17.67 12.85
N SER B 12 29.90 -17.75 12.98
CA SER B 12 30.56 -18.58 13.98
C SER B 12 30.98 -17.72 15.18
N ARG B 13 31.08 -18.36 16.35
CA ARG B 13 31.49 -17.67 17.58
C ARG B 13 32.91 -17.13 17.50
N HIS B 14 33.80 -17.95 16.94
CA HIS B 14 35.19 -17.58 16.75
C HIS B 14 35.52 -17.68 15.28
N PRO B 15 36.58 -17.02 14.81
CA PRO B 15 36.96 -17.13 13.39
C PRO B 15 37.18 -18.60 13.05
N ALA B 16 36.62 -19.03 11.92
CA ALA B 16 36.63 -20.45 11.57
C ALA B 16 38.01 -20.99 11.17
N GLU B 17 38.38 -22.11 11.79
CA GLU B 17 39.58 -22.82 11.43
C GLU B 17 39.20 -24.28 11.25
N ASN B 18 39.63 -24.85 10.13
CA ASN B 18 39.28 -26.23 9.79
C ASN B 18 39.81 -27.25 10.78
N GLY B 19 38.90 -28.09 11.28
CA GLY B 19 39.24 -29.14 12.24
C GLY B 19 39.24 -28.71 13.70
N LYS B 20 38.95 -27.43 13.95
CA LYS B 20 38.95 -26.87 15.30
C LYS B 20 37.51 -26.68 15.73
N SER B 21 37.16 -27.18 16.92
CA SER B 21 35.79 -27.06 17.42
C SER B 21 35.43 -25.59 17.65
N ASN B 22 34.15 -25.27 17.45
CA ASN B 22 33.66 -23.91 17.39
C ASN B 22 32.14 -23.95 17.62
N PHE B 23 31.46 -22.82 17.45
CA PHE B 23 30.00 -22.73 17.55
C PHE B 23 29.40 -22.01 16.35
N LEU B 24 28.33 -22.59 15.79
CA LEU B 24 27.61 -22.03 14.65
C LEU B 24 26.38 -21.29 15.15
N ASN B 25 26.30 -20.01 14.85
CA ASN B 25 25.22 -19.16 15.32
C ASN B 25 24.27 -18.67 14.24
N CYS B 26 22.99 -18.60 14.62
CA CYS B 26 21.96 -17.95 13.84
C CYS B 26 21.22 -17.01 14.77
N TYR B 27 21.34 -15.71 14.49
CA TYR B 27 20.67 -14.68 15.26
C TYR B 27 19.52 -14.10 14.47
N VAL B 28 18.34 -14.22 15.04
CA VAL B 28 17.13 -13.72 14.48
C VAL B 28 16.66 -12.62 15.42
N SER B 29 16.28 -11.48 14.86
CA SER B 29 15.96 -10.30 15.64
C SER B 29 14.97 -9.48 14.87
N GLY B 30 14.34 -8.52 15.52
CA GLY B 30 13.40 -7.61 14.85
C GLY B 30 12.04 -8.19 14.48
N PHE B 31 11.69 -9.34 15.05
CA PHE B 31 10.44 -9.97 14.63
C PHE B 31 9.30 -9.87 15.64
N HIS B 32 8.08 -10.06 15.14
CA HIS B 32 6.88 -10.09 16.01
C HIS B 32 5.76 -10.73 15.19
N PRO B 33 5.02 -11.74 15.71
CA PRO B 33 5.08 -12.21 17.09
C PRO B 33 6.32 -13.09 17.31
N SER B 34 6.45 -13.62 18.53
CA SER B 34 7.64 -14.39 18.92
C SER B 34 7.71 -15.78 18.36
N ASP B 35 6.59 -16.36 17.94
CA ASP B 35 6.60 -17.72 17.42
C ASP B 35 7.44 -17.69 16.14
N ILE B 36 8.43 -18.56 16.08
CA ILE B 36 9.36 -18.57 14.98
C ILE B 36 9.99 -19.94 14.97
N GLU B 37 10.30 -20.42 13.77
CA GLU B 37 10.95 -21.71 13.59
C GLU B 37 12.34 -21.45 13.01
N VAL B 38 13.36 -21.98 13.66
CA VAL B 38 14.73 -21.77 13.25
C VAL B 38 15.51 -23.08 13.26
N ASP B 39 16.05 -23.44 12.10
CA ASP B 39 16.86 -24.64 11.96
C ASP B 39 18.27 -24.34 11.47
N LEU B 40 19.26 -25.03 12.04
CA LEU B 40 20.63 -24.96 11.56
C LEU B 40 20.80 -26.15 10.61
N LEU B 41 21.45 -25.92 9.47
CA LEU B 41 21.61 -26.95 8.45
C LEU B 41 23.07 -27.26 8.17
N LYS B 42 23.38 -28.55 7.99
CA LYS B 42 24.71 -29.02 7.57
C LYS B 42 24.50 -29.78 6.27
N ASN B 43 25.03 -29.23 5.18
CA ASN B 43 24.82 -29.80 3.85
C ASN B 43 23.31 -29.99 3.60
N GLY B 44 22.56 -28.92 3.81
CA GLY B 44 21.10 -28.90 3.58
C GLY B 44 20.24 -29.72 4.53
N GLU B 45 20.87 -30.35 5.52
CA GLU B 45 20.21 -31.30 6.42
C GLU B 45 20.09 -30.70 7.80
N ARG B 46 18.94 -30.92 8.45
CA ARG B 46 18.66 -30.37 9.79
C ARG B 46 19.57 -30.95 10.86
N ILE B 47 20.09 -30.08 11.71
CA ILE B 47 20.94 -30.48 12.82
C ILE B 47 20.02 -30.71 14.03
N GLU B 48 20.19 -31.83 14.73
CA GLU B 48 19.28 -32.22 15.84
C GLU B 48 19.46 -31.40 17.13
N LYS B 49 20.67 -31.43 17.65
CA LYS B 49 21.00 -30.89 18.99
C LYS B 49 20.86 -29.36 19.23
N VAL B 50 20.13 -28.64 18.38
CA VAL B 50 20.23 -27.15 18.41
C VAL B 50 19.54 -26.45 19.59
N GLU B 51 20.29 -25.58 20.27
CA GLU B 51 19.77 -24.83 21.41
C GLU B 51 19.61 -23.38 21.06
N HIS B 52 18.88 -22.64 21.90
CA HIS B 52 18.71 -21.22 21.70
C HIS B 52 18.65 -20.45 23.01
N SER B 53 18.95 -19.16 22.91
CA SER B 53 18.91 -18.26 24.04
C SER B 53 17.49 -18.05 24.54
N ASP B 54 17.37 -17.39 25.70
CA ASP B 54 16.09 -17.12 26.29
C ASP B 54 15.48 -15.94 25.57
N LEU B 55 14.21 -16.06 25.19
CA LEU B 55 13.51 -14.99 24.46
C LEU B 55 13.59 -13.69 25.20
N SER B 56 14.02 -12.65 24.48
CA SER B 56 13.96 -11.29 25.03
C SER B 56 13.59 -10.35 23.88
N PHE B 57 13.57 -9.06 24.14
CA PHE B 57 13.13 -8.10 23.13
C PHE B 57 13.79 -6.75 23.27
N SER B 58 13.69 -5.97 22.18
CA SER B 58 14.30 -4.66 22.12
C SER B 58 13.32 -3.55 22.53
N LYS B 59 13.85 -2.35 22.50
CA LYS B 59 13.14 -1.12 22.85
C LYS B 59 11.87 -0.89 22.00
N ASP B 60 11.87 -1.34 20.75
CA ASP B 60 10.66 -1.26 19.91
C ASP B 60 9.74 -2.50 20.13
N TRP B 61 10.05 -3.29 21.16
CA TRP B 61 9.33 -4.51 21.50
C TRP B 61 9.53 -5.69 20.56
N SER B 62 10.42 -5.57 19.57
CA SER B 62 10.67 -6.67 18.64
C SER B 62 11.57 -7.70 19.33
N PHE B 63 11.32 -8.97 19.07
CA PHE B 63 12.03 -10.06 19.71
C PHE B 63 13.37 -10.38 19.06
N TYR B 64 14.26 -10.96 19.87
CA TYR B 64 15.51 -11.53 19.35
C TYR B 64 15.82 -12.82 20.09
N LEU B 65 16.52 -13.70 19.39
CA LEU B 65 16.92 -15.03 19.85
C LEU B 65 18.18 -15.50 19.11
N LEU B 66 19.06 -16.20 19.83
CA LEU B 66 20.23 -16.85 19.25
C LEU B 66 20.08 -18.35 19.29
N TYR B 67 20.11 -19.01 18.13
CA TYR B 67 20.12 -20.47 18.04
C TYR B 67 21.56 -20.85 17.72
N TYR B 68 22.02 -21.97 18.26
CA TYR B 68 23.43 -22.32 18.12
C TYR B 68 23.72 -23.77 18.41
N THR B 69 24.90 -24.20 17.96
CA THR B 69 25.36 -25.56 18.18
C THR B 69 26.87 -25.62 17.97
N GLU B 70 27.54 -26.39 18.82
CA GLU B 70 28.97 -26.62 18.69
C GLU B 70 29.17 -27.36 17.39
N PHE B 71 30.22 -27.01 16.65
CA PHE B 71 30.56 -27.69 15.39
C PHE B 71 32.04 -27.52 15.11
N THR B 72 32.58 -28.49 14.39
CA THR B 72 33.97 -28.48 13.96
C THR B 72 33.97 -28.33 12.44
N PRO B 73 34.18 -27.12 11.95
CA PRO B 73 34.13 -26.88 10.51
C PRO B 73 35.26 -27.54 9.69
N THR B 74 34.94 -27.79 8.42
CA THR B 74 35.84 -28.38 7.45
C THR B 74 35.76 -27.53 6.18
N GLU B 75 36.50 -27.92 5.14
CA GLU B 75 36.52 -27.18 3.88
C GLU B 75 35.37 -27.58 2.94
N LYS B 76 34.79 -28.76 3.17
CA LYS B 76 33.78 -29.35 2.29
C LYS B 76 32.36 -29.35 2.86
N ASP B 77 32.22 -28.98 4.13
CA ASP B 77 30.90 -28.96 4.74
C ASP B 77 30.29 -27.57 4.64
N GLU B 78 29.06 -27.52 4.14
CA GLU B 78 28.31 -26.29 3.98
C GLU B 78 27.27 -26.19 5.10
N TYR B 79 27.07 -24.97 5.60
CA TYR B 79 26.13 -24.69 6.68
C TYR B 79 25.17 -23.57 6.36
N ALA B 80 24.05 -23.56 7.06
CA ALA B 80 23.01 -22.59 6.80
C ALA B 80 22.03 -22.51 7.93
N CYS B 81 21.22 -21.46 7.88
CA CYS B 81 20.15 -21.23 8.82
C CYS B 81 18.84 -21.11 8.03
N ARG B 82 17.86 -21.94 8.40
CA ARG B 82 16.54 -21.91 7.79
C ARG B 82 15.55 -21.32 8.78
N VAL B 83 14.79 -20.34 8.36
CA VAL B 83 13.89 -19.63 9.24
C VAL B 83 12.48 -19.53 8.62
N ASN B 84 11.47 -19.77 9.45
CA ASN B 84 10.07 -19.54 9.07
C ASN B 84 9.35 -18.73 10.17
N HIS B 85 8.48 -17.85 9.72
CA HIS B 85 7.77 -16.95 10.59
C HIS B 85 6.49 -16.57 9.84
N VAL B 86 5.41 -16.27 10.56
CA VAL B 86 4.13 -15.94 9.91
C VAL B 86 4.28 -14.91 8.75
N THR B 87 5.27 -14.03 8.85
CA THR B 87 5.51 -12.98 7.85
C THR B 87 6.21 -13.48 6.58
N LEU B 88 6.56 -14.76 6.57
CA LEU B 88 7.26 -15.38 5.45
C LEU B 88 6.38 -16.44 4.80
N SER B 89 6.42 -16.49 3.46
CA SER B 89 5.62 -17.44 2.65
C SER B 89 6.22 -18.84 2.59
N GLN B 90 7.53 -18.90 2.74
CA GLN B 90 8.24 -20.17 2.79
C GLN B 90 9.49 -19.92 3.60
N PRO B 91 10.15 -20.97 4.05
CA PRO B 91 11.36 -20.80 4.83
C PRO B 91 12.42 -19.99 4.07
N LYS B 92 12.99 -19.00 4.74
CA LYS B 92 14.06 -18.17 4.18
C LYS B 92 15.35 -18.83 4.63
N ILE B 93 16.25 -19.10 3.69
CA ILE B 93 17.51 -19.76 4.01
C ILE B 93 18.69 -18.81 3.84
N VAL B 94 19.52 -18.73 4.87
CA VAL B 94 20.71 -17.89 4.82
C VAL B 94 21.88 -18.82 5.06
N LYS B 95 22.75 -18.93 4.05
CA LYS B 95 23.91 -19.81 4.09
C LYS B 95 25.01 -19.19 4.93
N TRP B 96 25.72 -20.02 5.71
CA TRP B 96 26.87 -19.58 6.48
C TRP B 96 28.02 -19.23 5.53
N ASP B 97 28.56 -18.04 5.73
CA ASP B 97 29.67 -17.55 4.93
C ASP B 97 30.74 -17.07 5.92
N ARG B 98 31.89 -17.72 5.90
CA ARG B 98 33.03 -17.35 6.74
C ARG B 98 33.28 -15.81 6.83
N ASP B 99 33.12 -15.14 5.69
CA ASP B 99 33.39 -13.69 5.53
C ASP B 99 32.32 -12.72 6.08
N MET B 100 31.32 -13.23 6.81
CA MET B 100 30.23 -12.39 7.37
C MET B 100 29.72 -12.91 8.73
N GLU C 1 16.57 -8.34 41.90
CA GLU C 1 15.27 -8.69 42.56
C GLU C 1 14.10 -8.06 41.87
N ALA C 2 13.07 -8.86 41.67
CA ALA C 2 11.89 -8.47 40.96
C ALA C 2 10.85 -7.77 41.83
N ASP C 3 9.84 -7.21 41.14
CA ASP C 3 8.80 -6.41 41.79
C ASP C 3 7.67 -7.32 42.27
N PRO C 4 7.41 -7.41 43.58
CA PRO C 4 6.38 -8.34 44.08
C PRO C 4 4.91 -7.91 43.93
N THR C 5 4.67 -6.70 43.47
CA THR C 5 3.32 -6.13 43.33
C THR C 5 2.65 -6.47 42.02
N GLY C 6 1.46 -7.07 42.10
CA GLY C 6 0.69 -7.46 40.94
C GLY C 6 -0.56 -6.61 40.79
N HIS C 7 -0.74 -5.99 39.63
CA HIS C 7 -1.93 -5.21 39.35
C HIS C 7 -2.56 -5.66 38.07
N SER C 8 -3.86 -5.88 38.14
CA SER C 8 -4.64 -6.18 36.96
C SER C 8 -4.77 -4.96 36.06
N TYR C 9 -4.89 -5.20 34.76
CA TYR C 9 -5.24 -4.13 33.85
C TYR C 9 -6.73 -3.75 34.05
N GLY D 1 -1.58 -17.12 -16.10
CA GLY D 1 -2.36 -15.86 -15.95
C GLY D 1 -2.25 -14.99 -17.20
N SER D 2 -3.28 -14.19 -17.44
CA SER D 2 -3.30 -13.29 -18.56
C SER D 2 -2.46 -12.06 -18.26
N HIS D 3 -2.01 -11.40 -19.32
CA HIS D 3 -1.19 -10.20 -19.21
C HIS D 3 -1.62 -9.16 -20.22
N SER D 4 -1.11 -7.96 -20.05
CA SER D 4 -1.42 -6.87 -20.96
C SER D 4 -0.24 -5.93 -21.10
N MET D 5 -0.18 -5.26 -22.24
CA MET D 5 0.76 -4.19 -22.45
C MET D 5 -0.05 -2.99 -22.90
N ARG D 6 0.27 -1.83 -22.31
CA ARG D 6 -0.42 -0.57 -22.59
C ARG D 6 0.55 0.60 -22.70
N TYR D 7 0.26 1.48 -23.66
CA TYR D 7 0.97 2.74 -23.76
C TYR D 7 -0.07 3.83 -23.50
N PHE D 8 0.35 4.87 -22.78
CA PHE D 8 -0.50 5.99 -22.42
C PHE D 8 0.30 7.23 -22.84
N PHE D 9 -0.34 8.15 -23.56
CA PHE D 9 0.31 9.34 -24.10
C PHE D 9 -0.49 10.55 -23.75
N THR D 10 0.17 11.60 -23.29
CA THR D 10 -0.48 12.84 -22.97
C THR D 10 0.23 14.02 -23.59
N SER D 11 -0.49 14.77 -24.43
CA SER D 11 0.02 16.04 -24.98
C SER D 11 -0.84 17.19 -24.49
N VAL D 12 -0.18 18.23 -23.98
CA VAL D 12 -0.86 19.42 -23.48
C VAL D 12 -0.23 20.63 -24.15
N SER D 13 -1.04 21.42 -24.84
CA SER D 13 -0.57 22.59 -25.52
C SER D 13 -0.26 23.66 -24.49
N ARG D 14 0.70 24.53 -24.82
CA ARG D 14 1.10 25.60 -23.91
C ARG D 14 1.32 26.90 -24.68
N PRO D 15 0.23 27.47 -25.22
CA PRO D 15 0.31 28.72 -25.97
C PRO D 15 1.15 29.79 -25.25
N GLY D 16 1.97 30.50 -26.01
CA GLY D 16 2.84 31.53 -25.44
C GLY D 16 4.07 30.96 -24.73
N ARG D 17 3.97 29.73 -24.21
CA ARG D 17 5.08 29.11 -23.51
C ARG D 17 6.01 28.44 -24.52
N GLY D 18 5.43 27.85 -25.56
CA GLY D 18 6.19 27.13 -26.59
C GLY D 18 5.50 25.83 -26.97
N GLU D 19 6.27 24.84 -27.44
CA GLU D 19 5.73 23.54 -27.86
C GLU D 19 4.88 22.89 -26.75
N PRO D 20 4.06 21.90 -27.11
CA PRO D 20 3.25 21.22 -26.11
C PRO D 20 4.05 20.24 -25.24
N ARG D 21 3.59 20.03 -24.01
CA ARG D 21 4.18 19.05 -23.12
C ARG D 21 3.73 17.66 -23.61
N PHE D 22 4.67 16.73 -23.74
CA PHE D 22 4.36 15.38 -24.22
C PHE D 22 4.98 14.33 -23.31
N ILE D 23 4.13 13.52 -22.69
CA ILE D 23 4.60 12.47 -21.80
C ILE D 23 4.02 11.14 -22.24
N ALA D 24 4.89 10.15 -22.46
CA ALA D 24 4.45 8.80 -22.78
C ALA D 24 4.99 7.82 -21.75
N VAL D 25 4.15 6.87 -21.36
CA VAL D 25 4.54 5.82 -20.44
C VAL D 25 4.05 4.48 -20.97
N GLY D 26 4.90 3.45 -20.83
CA GLY D 26 4.55 2.09 -21.23
C GLY D 26 4.54 1.18 -20.01
N TYR D 27 3.55 0.29 -19.95
CA TYR D 27 3.37 -0.67 -18.85
C TYR D 27 3.14 -2.10 -19.35
N VAL D 28 3.66 -3.06 -18.59
CA VAL D 28 3.23 -4.45 -18.70
C VAL D 28 2.53 -4.72 -17.36
N ASP D 29 1.24 -5.05 -17.47
CA ASP D 29 0.39 -5.23 -16.31
C ASP D 29 0.46 -3.92 -15.49
N ASP D 30 0.81 -4.01 -14.21
CA ASP D 30 0.89 -2.83 -13.33
C ASP D 30 2.36 -2.41 -13.10
N THR D 31 3.20 -2.64 -14.10
CA THR D 31 4.64 -2.37 -14.02
C THR D 31 5.09 -1.49 -15.20
N GLN D 32 5.45 -0.24 -14.92
CA GLN D 32 5.91 0.70 -15.93
C GLN D 32 7.28 0.24 -16.41
N PHE D 33 7.52 0.20 -17.73
CA PHE D 33 8.83 -0.21 -18.24
C PHE D 33 9.57 0.83 -19.09
N VAL D 34 8.86 1.78 -19.71
CA VAL D 34 9.51 2.82 -20.50
C VAL D 34 8.84 4.15 -20.26
N ARG D 35 9.55 5.19 -20.65
CA ARG D 35 9.05 6.54 -20.46
C ARG D 35 9.71 7.50 -21.42
N PHE D 36 8.95 8.51 -21.83
CA PHE D 36 9.47 9.61 -22.67
C PHE D 36 8.87 10.90 -22.17
N ASP D 37 9.69 11.91 -21.90
CA ASP D 37 9.19 13.22 -21.51
C ASP D 37 9.87 14.31 -22.32
N SER D 38 9.07 15.06 -23.07
CA SER D 38 9.58 16.15 -23.90
C SER D 38 10.37 17.20 -23.09
N ASP D 39 10.04 17.37 -21.81
CA ASP D 39 10.73 18.35 -20.96
C ASP D 39 12.02 17.83 -20.29
N ALA D 40 12.33 16.54 -20.47
CA ALA D 40 13.55 16.00 -19.89
C ALA D 40 14.70 16.23 -20.87
N ALA D 41 15.93 16.05 -20.38
CA ALA D 41 17.15 16.28 -21.17
C ALA D 41 17.34 15.29 -22.34
N SER D 42 17.22 13.99 -22.04
CA SER D 42 17.43 12.89 -23.01
C SER D 42 16.89 13.07 -24.41
N GLN D 43 15.59 13.34 -24.51
CA GLN D 43 14.90 13.36 -25.81
C GLN D 43 14.96 11.96 -26.44
N LYS D 44 14.97 10.95 -25.56
CA LYS D 44 14.96 9.55 -25.95
C LYS D 44 14.02 8.76 -25.05
N MET D 45 13.63 7.58 -25.52
CA MET D 45 12.82 6.68 -24.72
C MET D 45 13.77 6.12 -23.68
N GLU D 46 13.35 6.17 -22.42
CA GLU D 46 14.16 5.72 -21.30
C GLU D 46 13.56 4.50 -20.61
N PRO D 47 14.41 3.61 -20.11
CA PRO D 47 13.96 2.44 -19.39
C PRO D 47 13.53 2.76 -17.95
N ARG D 48 12.54 2.02 -17.48
CA ARG D 48 12.04 2.18 -16.13
C ARG D 48 11.87 0.84 -15.42
N ALA D 49 12.42 -0.23 -16.00
CA ALA D 49 12.41 -1.56 -15.39
C ALA D 49 13.71 -2.26 -15.79
N PRO D 50 14.32 -3.02 -14.88
CA PRO D 50 15.63 -3.63 -15.16
C PRO D 50 15.69 -4.52 -16.39
N TRP D 51 14.61 -5.23 -16.67
CA TRP D 51 14.59 -6.18 -17.79
C TRP D 51 14.47 -5.56 -19.20
N ILE D 52 14.18 -4.26 -19.30
CA ILE D 52 14.09 -3.64 -20.62
C ILE D 52 15.44 -3.07 -21.08
N GLU D 53 16.39 -2.90 -20.15
CA GLU D 53 17.73 -2.37 -20.47
C GLU D 53 18.59 -3.46 -21.12
N GLN D 54 17.96 -4.61 -21.38
CA GLN D 54 18.54 -5.77 -22.00
C GLN D 54 18.01 -5.84 -23.44
N GLU D 55 18.12 -4.75 -24.20
CA GLU D 55 17.50 -4.69 -25.55
C GLU D 55 18.43 -4.36 -26.74
N GLY D 56 19.40 -3.48 -26.52
CA GLY D 56 20.28 -3.08 -27.61
C GLY D 56 19.91 -1.69 -28.11
N PRO D 57 20.90 -1.00 -28.70
CA PRO D 57 20.69 0.37 -29.16
C PRO D 57 19.67 0.50 -30.29
N GLU D 58 19.48 -0.58 -31.04
CA GLU D 58 18.54 -0.58 -32.15
C GLU D 58 17.12 -0.40 -31.60
N TYR D 59 16.83 -1.17 -30.56
CA TYR D 59 15.55 -1.05 -29.90
C TYR D 59 15.26 0.38 -29.46
N TRP D 60 16.21 0.98 -28.71
CA TRP D 60 16.04 2.33 -28.19
C TRP D 60 15.97 3.39 -29.30
N ASP D 61 16.73 3.19 -30.36
CA ASP D 61 16.70 4.12 -31.48
C ASP D 61 15.32 4.11 -32.12
N GLN D 62 14.72 2.93 -32.29
CA GLN D 62 13.39 2.86 -32.87
C GLN D 62 12.32 3.42 -31.93
N GLU D 63 12.40 3.06 -30.66
CA GLU D 63 11.38 3.52 -29.73
C GLU D 63 11.47 5.03 -29.54
N THR D 64 12.68 5.55 -29.49
CA THR D 64 12.91 7.00 -29.46
C THR D 64 12.26 7.69 -30.67
N ARG D 65 12.45 7.12 -31.86
CA ARG D 65 11.83 7.70 -33.05
C ARG D 65 10.31 7.62 -32.97
N ASN D 66 9.80 6.45 -32.59
CA ASN D 66 8.36 6.27 -32.44
C ASN D 66 7.77 7.33 -31.57
N MET D 67 8.46 7.67 -30.48
CA MET D 67 7.95 8.66 -29.51
C MET D 67 7.92 10.08 -30.08
N LYS D 68 8.99 10.49 -30.78
CA LYS D 68 9.07 11.82 -31.39
C LYS D 68 7.99 11.99 -32.46
N ALA D 69 7.82 10.95 -33.25
CA ALA D 69 6.80 10.91 -34.28
C ALA D 69 5.40 11.05 -33.65
N HIS D 70 5.17 10.32 -32.56
CA HIS D 70 3.90 10.42 -31.85
C HIS D 70 3.68 11.86 -31.36
N SER D 71 4.71 12.50 -30.82
CA SER D 71 4.54 13.87 -30.33
C SER D 71 4.21 14.80 -31.50
N GLN D 72 4.84 14.57 -32.64
CA GLN D 72 4.59 15.42 -33.83
C GLN D 72 3.15 15.24 -34.33
N THR D 73 2.64 14.01 -34.33
CA THR D 73 1.23 13.77 -34.66
C THR D 73 0.28 14.54 -33.73
N ASP D 74 0.46 14.36 -32.41
CA ASP D 74 -0.32 15.08 -31.41
C ASP D 74 -0.25 16.61 -31.60
N ARG D 75 0.95 17.10 -31.87
CA ARG D 75 1.18 18.53 -32.07
C ARG D 75 0.30 19.01 -33.21
N ALA D 76 0.27 18.26 -34.30
CA ALA D 76 -0.57 18.59 -35.45
C ALA D 76 -2.04 18.46 -35.08
N ASN D 77 -2.37 17.40 -34.35
CA ASN D 77 -3.74 17.13 -33.99
C ASN D 77 -4.34 18.16 -33.03
N LEU D 78 -3.50 18.79 -32.21
CA LEU D 78 -3.96 19.88 -31.33
C LEU D 78 -4.38 21.08 -32.18
N GLY D 79 -3.62 21.36 -33.22
CA GLY D 79 -3.96 22.43 -34.17
C GLY D 79 -5.26 22.09 -34.89
N THR D 80 -5.33 20.86 -35.38
CA THR D 80 -6.49 20.37 -36.08
C THR D 80 -7.75 20.51 -35.26
N LEU D 81 -7.74 19.96 -34.04
CA LEU D 81 -8.92 20.02 -33.20
C LEU D 81 -9.33 21.43 -32.81
N ARG D 82 -8.34 22.30 -32.62
CA ARG D 82 -8.61 23.70 -32.35
C ARG D 82 -9.46 24.24 -33.50
N GLY D 83 -9.13 23.81 -34.72
CA GLY D 83 -9.87 24.14 -35.93
C GLY D 83 -11.24 23.48 -35.98
N TYR D 84 -11.32 22.18 -35.70
CA TYR D 84 -12.63 21.48 -35.71
C TYR D 84 -13.66 22.00 -34.69
N TYR D 85 -13.19 22.39 -33.52
CA TYR D 85 -14.07 22.89 -32.46
C TYR D 85 -14.13 24.41 -32.39
N ASN D 86 -13.49 25.09 -33.33
CA ASN D 86 -13.55 26.55 -33.38
C ASN D 86 -13.15 27.22 -32.07
N GLN D 87 -12.04 26.76 -31.48
CA GLN D 87 -11.55 27.30 -30.22
C GLN D 87 -10.44 28.31 -30.46
N SER D 88 -10.22 29.20 -29.49
CA SER D 88 -9.19 30.24 -29.60
C SER D 88 -7.80 29.66 -29.35
N GLU D 89 -6.77 30.43 -29.68
CA GLU D 89 -5.38 29.96 -29.53
C GLU D 89 -4.81 30.26 -28.14
N ASP D 90 -5.45 31.16 -27.39
CA ASP D 90 -4.95 31.55 -26.07
C ASP D 90 -5.61 30.72 -24.98
N GLY D 91 -5.40 29.42 -25.06
CA GLY D 91 -5.95 28.44 -24.10
C GLY D 91 -5.30 27.07 -24.26
N SER D 92 -5.08 26.37 -23.15
CA SER D 92 -4.40 25.07 -23.17
C SER D 92 -5.35 23.90 -23.40
N HIS D 93 -4.91 22.94 -24.22
CA HIS D 93 -5.69 21.76 -24.54
C HIS D 93 -4.88 20.47 -24.44
N THR D 94 -5.60 19.37 -24.26
CA THR D 94 -5.04 18.03 -23.99
C THR D 94 -5.53 16.93 -24.92
N ILE D 95 -4.58 16.21 -25.54
CA ILE D 95 -4.89 14.98 -26.25
C ILE D 95 -4.32 13.81 -25.42
N GLN D 96 -5.13 12.76 -25.25
CA GLN D 96 -4.70 11.53 -24.56
C GLN D 96 -4.99 10.31 -25.44
N ILE D 97 -4.08 9.35 -25.42
CA ILE D 97 -4.22 8.14 -26.22
C ILE D 97 -3.72 6.99 -25.39
N MET D 98 -4.48 5.91 -25.42
CA MET D 98 -4.08 4.67 -24.79
C MET D 98 -4.21 3.58 -25.84
N TYR D 99 -3.20 2.73 -25.95
CA TYR D 99 -3.38 1.51 -26.72
C TYR D 99 -2.65 0.32 -26.15
N GLY D 100 -2.97 -0.84 -26.69
CA GLY D 100 -2.30 -2.06 -26.26
C GLY D 100 -3.14 -3.29 -26.44
N CYS D 101 -2.59 -4.41 -25.94
CA CYS D 101 -3.16 -5.73 -26.14
C CYS D 101 -3.04 -6.63 -24.93
N ASP D 102 -3.96 -7.58 -24.83
CA ASP D 102 -3.94 -8.63 -23.79
C ASP D 102 -3.61 -9.97 -24.40
N VAL D 103 -2.92 -10.81 -23.65
CA VAL D 103 -2.65 -12.17 -24.09
C VAL D 103 -3.11 -13.10 -22.99
N GLY D 104 -3.48 -14.31 -23.38
CA GLY D 104 -3.95 -15.30 -22.41
C GLY D 104 -2.80 -16.01 -21.72
N PRO D 105 -3.14 -16.96 -20.85
CA PRO D 105 -2.16 -17.77 -20.13
C PRO D 105 -1.09 -18.42 -20.99
N ASP D 106 -1.48 -18.83 -22.20
CA ASP D 106 -0.58 -19.45 -23.18
C ASP D 106 -0.01 -18.41 -24.16
N GLY D 107 -0.02 -17.14 -23.78
CA GLY D 107 0.55 -16.09 -24.60
C GLY D 107 -0.22 -15.76 -25.87
N ARG D 108 -1.47 -16.21 -25.98
CA ARG D 108 -2.30 -15.97 -27.17
C ARG D 108 -3.10 -14.65 -27.10
N PHE D 109 -3.23 -13.97 -28.23
CA PHE D 109 -3.94 -12.68 -28.31
C PHE D 109 -5.40 -12.82 -27.90
N LEU D 110 -5.85 -11.98 -26.97
CA LEU D 110 -7.25 -12.00 -26.52
C LEU D 110 -8.01 -10.78 -27.00
N ARG D 111 -7.41 -9.60 -26.86
CA ARG D 111 -8.06 -8.36 -27.24
C ARG D 111 -7.09 -7.24 -27.44
N GLY D 112 -7.52 -6.23 -28.20
CA GLY D 112 -6.71 -5.08 -28.52
C GLY D 112 -7.48 -3.81 -28.25
N TYR D 113 -6.76 -2.73 -28.05
CA TYR D 113 -7.36 -1.46 -27.69
C TYR D 113 -6.62 -0.32 -28.33
N ARG D 114 -7.36 0.73 -28.65
CA ARG D 114 -6.83 2.00 -29.15
C ARG D 114 -7.95 3.07 -28.98
N GLN D 115 -7.71 4.06 -28.12
CA GLN D 115 -8.72 5.09 -27.80
C GLN D 115 -8.06 6.45 -27.66
N ASP D 116 -8.72 7.48 -28.19
CA ASP D 116 -8.21 8.86 -28.19
C ASP D 116 -9.19 9.76 -27.49
N ALA D 117 -8.67 10.75 -26.79
CA ALA D 117 -9.50 11.69 -26.05
C ALA D 117 -9.03 13.12 -26.25
N TYR D 118 -9.99 14.03 -26.25
CA TYR D 118 -9.68 15.45 -26.35
C TYR D 118 -10.24 16.17 -25.14
N ASP D 119 -9.39 16.91 -24.46
CA ASP D 119 -9.77 17.66 -23.28
C ASP D 119 -10.48 16.82 -22.21
N GLY D 120 -10.01 15.60 -22.04
CA GLY D 120 -10.53 14.72 -21.00
C GLY D 120 -11.76 13.92 -21.35
N LYS D 121 -12.20 13.97 -22.61
CA LYS D 121 -13.40 13.24 -23.05
C LYS D 121 -13.17 12.46 -24.36
N ASP D 122 -13.96 11.39 -24.54
CA ASP D 122 -13.80 10.53 -25.70
C ASP D 122 -13.82 11.34 -26.96
N TYR D 123 -12.88 11.07 -27.84
CA TYR D 123 -12.85 11.69 -29.17
C TYR D 123 -13.18 10.57 -30.15
N ILE D 124 -12.27 9.62 -30.28
CA ILE D 124 -12.49 8.49 -31.14
C ILE D 124 -11.86 7.24 -30.53
N ALA D 125 -12.48 6.10 -30.78
CA ALA D 125 -12.05 4.84 -30.23
C ALA D 125 -12.20 3.70 -31.24
N LEU D 126 -11.17 2.88 -31.34
CA LEU D 126 -11.25 1.65 -32.11
C LEU D 126 -12.18 0.72 -31.34
N ASN D 127 -13.17 0.16 -32.03
CA ASN D 127 -14.11 -0.77 -31.43
C ASN D 127 -13.42 -2.13 -31.16
N GLU D 128 -14.14 -3.02 -30.46
CA GLU D 128 -13.62 -4.34 -30.06
C GLU D 128 -13.32 -5.29 -31.20
N ASP D 129 -14.02 -5.12 -32.33
CA ASP D 129 -13.73 -5.95 -33.51
C ASP D 129 -12.43 -5.53 -34.20
N LEU D 130 -11.93 -4.34 -33.84
CA LEU D 130 -10.70 -3.76 -34.39
C LEU D 130 -10.78 -3.50 -35.90
N ARG D 131 -12.01 -3.38 -36.40
CA ARG D 131 -12.30 -3.17 -37.83
C ARG D 131 -13.33 -2.07 -37.99
N SER D 132 -13.54 -1.30 -36.93
CA SER D 132 -14.64 -0.35 -36.84
C SER D 132 -14.27 0.74 -35.84
N TRP D 133 -14.85 1.92 -36.03
CA TRP D 133 -14.58 3.10 -35.22
C TRP D 133 -15.84 3.68 -34.57
N THR D 134 -15.66 4.29 -33.39
CA THR D 134 -16.76 4.99 -32.72
C THR D 134 -16.27 6.42 -32.53
N ALA D 135 -16.97 7.38 -33.14
CA ALA D 135 -16.68 8.80 -32.98
C ALA D 135 -17.63 9.42 -31.96
N ALA D 136 -17.08 10.13 -30.98
CA ALA D 136 -17.86 10.77 -29.91
C ALA D 136 -18.76 11.92 -30.34
N ASP D 137 -18.42 12.59 -31.45
CA ASP D 137 -19.17 13.75 -31.92
C ASP D 137 -18.92 14.08 -33.42
N MET D 138 -19.59 15.12 -33.92
CA MET D 138 -19.45 15.55 -35.32
C MET D 138 -18.01 15.86 -35.76
N ALA D 139 -17.19 16.41 -34.88
CA ALA D 139 -15.78 16.66 -35.23
C ALA D 139 -15.03 15.34 -35.43
N ALA D 140 -15.28 14.41 -34.54
CA ALA D 140 -14.68 13.08 -34.60
C ALA D 140 -15.21 12.30 -35.81
N GLN D 141 -16.39 12.66 -36.28
CA GLN D 141 -16.95 12.02 -37.46
C GLN D 141 -16.11 12.35 -38.70
N ILE D 142 -15.51 13.54 -38.72
CA ILE D 142 -14.61 13.93 -39.83
C ILE D 142 -13.41 12.97 -39.88
N THR D 143 -12.85 12.71 -38.71
CA THR D 143 -11.71 11.82 -38.57
C THR D 143 -12.06 10.38 -38.97
N LYS D 144 -13.19 9.89 -38.44
CA LYS D 144 -13.68 8.54 -38.68
C LYS D 144 -13.85 8.30 -40.16
N ARG D 145 -14.44 9.25 -40.86
CA ARG D 145 -14.64 9.12 -42.30
C ARG D 145 -13.34 8.98 -43.09
N LYS D 146 -12.36 9.85 -42.82
CA LYS D 146 -11.07 9.73 -43.49
C LYS D 146 -10.33 8.44 -43.09
N TRP D 147 -10.42 8.05 -41.82
CA TRP D 147 -9.77 6.82 -41.35
C TRP D 147 -10.35 5.57 -42.02
N GLU D 148 -11.67 5.58 -42.22
CA GLU D 148 -12.38 4.50 -42.93
C GLU D 148 -11.92 4.36 -44.39
N ALA D 149 -11.55 5.48 -45.00
CA ALA D 149 -11.18 5.48 -46.42
C ALA D 149 -9.74 5.03 -46.69
N VAL D 150 -8.88 5.10 -45.68
CA VAL D 150 -7.50 4.65 -45.83
C VAL D 150 -7.21 3.43 -44.94
N HIS D 151 -8.27 2.73 -44.53
CA HIS D 151 -8.21 1.50 -43.72
C HIS D 151 -7.31 1.58 -42.51
N ALA D 152 -7.51 2.60 -41.69
CA ALA D 152 -6.71 2.79 -40.47
C ALA D 152 -6.97 1.70 -39.42
N ALA D 153 -8.21 1.24 -39.32
CA ALA D 153 -8.53 0.21 -38.35
C ALA D 153 -7.69 -1.03 -38.66
N GLU D 154 -7.59 -1.36 -39.94
CA GLU D 154 -6.82 -2.53 -40.33
C GLU D 154 -5.37 -2.41 -39.92
N GLN D 155 -4.78 -1.23 -40.07
CA GLN D 155 -3.39 -0.97 -39.67
C GLN D 155 -3.22 -1.18 -38.17
N ARG D 156 -4.11 -0.58 -37.37
CA ARG D 156 -4.06 -0.68 -35.93
C ARG D 156 -4.18 -2.15 -35.51
N ARG D 157 -5.10 -2.88 -36.13
CA ARG D 157 -5.32 -4.31 -35.85
C ARG D 157 -4.04 -5.10 -36.11
N VAL D 158 -3.35 -4.76 -37.20
CA VAL D 158 -2.11 -5.43 -37.55
C VAL D 158 -1.06 -5.18 -36.48
N TYR D 159 -0.99 -3.96 -35.97
CA TYR D 159 -0.08 -3.69 -34.88
C TYR D 159 -0.47 -4.50 -33.62
N LEU D 160 -1.74 -4.41 -33.25
CA LEU D 160 -2.27 -4.97 -32.00
C LEU D 160 -2.27 -6.50 -31.91
N GLU D 161 -2.42 -7.17 -33.06
CA GLU D 161 -2.36 -8.61 -33.13
C GLU D 161 -0.93 -9.08 -33.43
N GLY D 162 -0.09 -8.22 -33.99
CA GLY D 162 1.30 -8.60 -34.36
C GLY D 162 2.36 -8.14 -33.37
N ARG D 163 3.06 -7.06 -33.70
CA ARG D 163 4.13 -6.50 -32.86
C ARG D 163 3.79 -6.19 -31.38
N CYS D 164 2.56 -5.75 -31.11
CA CYS D 164 2.12 -5.48 -29.73
C CYS D 164 2.26 -6.76 -28.88
N VAL D 165 1.73 -7.85 -29.42
CA VAL D 165 1.77 -9.17 -28.78
C VAL D 165 3.19 -9.73 -28.77
N ASP D 166 3.89 -9.63 -29.89
CA ASP D 166 5.30 -10.09 -29.96
C ASP D 166 6.14 -9.41 -28.86
N GLY D 167 5.93 -8.12 -28.69
CA GLY D 167 6.65 -7.34 -27.69
C GLY D 167 6.25 -7.75 -26.28
N LEU D 168 4.95 -7.84 -26.02
CA LEU D 168 4.45 -8.28 -24.70
C LEU D 168 5.08 -9.63 -24.34
N ARG D 169 4.95 -10.58 -25.25
CA ARG D 169 5.55 -11.92 -25.09
C ARG D 169 7.02 -11.87 -24.69
N ARG D 170 7.81 -11.07 -25.39
CA ARG D 170 9.26 -10.98 -25.13
C ARG D 170 9.51 -10.42 -23.74
N TYR D 171 8.76 -9.38 -23.38
CA TYR D 171 8.95 -8.71 -22.09
C TYR D 171 8.61 -9.66 -20.95
N LEU D 172 7.50 -10.40 -21.11
CA LEU D 172 7.08 -11.36 -20.09
C LEU D 172 8.13 -12.40 -19.82
N GLU D 173 8.87 -12.79 -20.85
CA GLU D 173 9.89 -13.82 -20.70
C GLU D 173 11.22 -13.26 -20.23
N ASN D 174 11.62 -12.13 -20.80
CA ASN D 174 12.85 -11.43 -20.37
C ASN D 174 12.78 -10.95 -18.92
N GLY D 175 11.56 -10.62 -18.47
CA GLY D 175 11.34 -10.15 -17.11
C GLY D 175 10.50 -11.08 -16.28
N LYS D 176 10.60 -12.38 -16.55
CA LYS D 176 9.88 -13.43 -15.80
C LYS D 176 9.96 -13.28 -14.28
N GLU D 177 11.20 -13.14 -13.79
CA GLU D 177 11.53 -13.06 -12.36
C GLU D 177 10.64 -12.09 -11.58
N THR D 178 10.19 -11.02 -12.24
CA THR D 178 9.34 -10.02 -11.62
C THR D 178 7.95 -9.93 -12.27
N LEU D 179 7.87 -9.94 -13.59
CA LEU D 179 6.58 -9.83 -14.25
C LEU D 179 5.60 -10.96 -13.92
N GLN D 180 6.06 -12.21 -13.94
CA GLN D 180 5.16 -13.33 -13.64
C GLN D 180 5.10 -13.70 -12.16
N ARG D 181 5.49 -12.76 -11.30
CA ARG D 181 5.43 -12.97 -9.86
C ARG D 181 4.06 -12.51 -9.37
N THR D 182 3.61 -13.10 -8.27
CA THR D 182 2.40 -12.62 -7.61
C THR D 182 2.74 -12.48 -6.14
N ASP D 183 2.93 -11.25 -5.67
CA ASP D 183 3.18 -11.04 -4.24
C ASP D 183 1.84 -10.97 -3.53
N PRO D 184 1.63 -11.85 -2.55
CA PRO D 184 0.40 -11.85 -1.80
C PRO D 184 0.33 -10.64 -0.87
N PRO D 185 -0.88 -10.20 -0.54
CA PRO D 185 -1.04 -9.13 0.41
C PRO D 185 -0.62 -9.60 1.79
N LYS D 186 0.09 -8.74 2.47
CA LYS D 186 0.41 -8.95 3.85
C LYS D 186 -0.74 -8.22 4.55
N THR D 187 -1.52 -8.95 5.35
CA THR D 187 -2.74 -8.41 5.94
C THR D 187 -2.73 -8.25 7.45
N HIS D 188 -3.50 -7.28 7.91
CA HIS D 188 -3.71 -7.04 9.33
C HIS D 188 -4.96 -6.17 9.52
N MET D 189 -5.39 -6.10 10.77
CA MET D 189 -6.58 -5.38 11.16
C MET D 189 -6.29 -4.42 12.31
N THR D 190 -6.79 -3.20 12.19
CA THR D 190 -6.68 -2.25 13.27
C THR D 190 -8.08 -1.96 13.79
N HIS D 191 -8.12 -1.27 14.93
CA HIS D 191 -9.37 -1.07 15.69
C HIS D 191 -9.34 0.30 16.34
N HIS D 192 -10.38 1.10 16.08
CA HIS D 192 -10.43 2.47 16.57
C HIS D 192 -11.76 2.81 17.18
N PRO D 193 -11.86 2.67 18.50
CA PRO D 193 -13.05 3.12 19.23
C PRO D 193 -13.40 4.58 18.91
N ILE D 194 -14.70 4.84 18.73
CA ILE D 194 -15.18 6.19 18.45
C ILE D 194 -15.71 6.76 19.75
N SER D 195 -16.66 6.01 20.30
CA SER D 195 -17.28 6.31 21.56
C SER D 195 -17.30 4.94 22.24
N ASP D 196 -17.93 4.86 23.39
CA ASP D 196 -18.08 3.59 24.07
C ASP D 196 -19.06 2.66 23.36
N HIS D 197 -19.88 3.18 22.47
CA HIS D 197 -20.88 2.35 21.77
C HIS D 197 -20.54 1.94 20.35
N GLU D 198 -19.51 2.53 19.77
CA GLU D 198 -19.09 2.23 18.41
C GLU D 198 -17.58 2.26 18.23
N ALA D 199 -17.11 1.40 17.34
CA ALA D 199 -15.69 1.30 17.01
C ALA D 199 -15.55 1.04 15.52
N THR D 200 -14.44 1.50 14.95
CA THR D 200 -14.12 1.19 13.58
C THR D 200 -13.16 0.00 13.54
N LEU D 201 -13.45 -0.94 12.65
CA LEU D 201 -12.51 -2.00 12.30
C LEU D 201 -12.00 -1.67 10.91
N ARG D 202 -10.68 -1.67 10.76
CA ARG D 202 -10.04 -1.42 9.46
C ARG D 202 -9.19 -2.62 9.05
N CYS D 203 -9.48 -3.12 7.86
CA CYS D 203 -8.79 -4.25 7.28
C CYS D 203 -7.73 -3.80 6.27
N TRP D 204 -6.50 -4.21 6.49
CA TRP D 204 -5.36 -3.80 5.65
C TRP D 204 -4.80 -4.87 4.71
N ALA D 205 -4.47 -4.47 3.49
CA ALA D 205 -3.73 -5.33 2.53
C ALA D 205 -2.55 -4.49 2.04
N LEU D 206 -1.33 -4.95 2.31
CA LEU D 206 -0.12 -4.23 1.95
C LEU D 206 0.84 -5.11 1.14
N GLY D 207 1.63 -4.45 0.29
CA GLY D 207 2.74 -5.10 -0.42
C GLY D 207 2.41 -6.10 -1.49
N PHE D 208 1.21 -5.99 -2.06
CA PHE D 208 0.73 -6.94 -3.05
C PHE D 208 0.93 -6.54 -4.51
N TYR D 209 1.14 -7.55 -5.34
CA TYR D 209 1.23 -7.36 -6.79
C TYR D 209 0.68 -8.64 -7.44
N PRO D 210 -0.17 -8.53 -8.47
CA PRO D 210 -0.59 -7.25 -9.08
C PRO D 210 -1.60 -6.42 -8.25
N ALA D 211 -2.00 -5.28 -8.81
CA ALA D 211 -2.88 -4.32 -8.13
C ALA D 211 -4.31 -4.81 -7.84
N GLU D 212 -4.84 -5.68 -8.69
CA GLU D 212 -6.18 -6.24 -8.52
C GLU D 212 -6.32 -6.95 -7.16
N ILE D 213 -7.34 -6.56 -6.40
CA ILE D 213 -7.59 -7.16 -5.11
C ILE D 213 -9.04 -6.88 -4.72
N THR D 214 -9.60 -7.72 -3.86
CA THR D 214 -10.94 -7.50 -3.35
C THR D 214 -10.95 -7.63 -1.81
N LEU D 215 -11.37 -6.56 -1.14
CA LEU D 215 -11.59 -6.52 0.31
C LEU D 215 -13.10 -6.48 0.57
N THR D 216 -13.60 -7.47 1.30
CA THR D 216 -15.01 -7.58 1.64
C THR D 216 -15.22 -7.77 3.17
N TRP D 217 -16.19 -7.07 3.72
CA TRP D 217 -16.58 -7.23 5.12
C TRP D 217 -17.83 -8.09 5.19
N GLN D 218 -17.86 -8.97 6.18
CA GLN D 218 -19.01 -9.83 6.44
C GLN D 218 -19.39 -9.73 7.91
N ARG D 219 -20.68 -9.90 8.18
CA ARG D 219 -21.20 -9.99 9.54
C ARG D 219 -21.93 -11.33 9.64
N ASP D 220 -21.47 -12.18 10.56
CA ASP D 220 -22.00 -13.53 10.72
C ASP D 220 -22.07 -14.23 9.36
N GLY D 221 -21.05 -14.01 8.54
CA GLY D 221 -20.96 -14.63 7.22
C GLY D 221 -21.70 -13.96 6.08
N GLU D 222 -22.46 -12.90 6.37
CA GLU D 222 -23.21 -12.17 5.33
C GLU D 222 -22.48 -10.89 4.96
N ASP D 223 -22.44 -10.56 3.68
CA ASP D 223 -21.70 -9.38 3.21
C ASP D 223 -22.26 -8.07 3.74
N GLN D 224 -21.43 -7.31 4.42
CA GLN D 224 -21.78 -5.99 4.95
C GLN D 224 -21.25 -4.86 4.08
N THR D 225 -22.08 -4.37 3.17
CA THR D 225 -21.72 -3.23 2.32
C THR D 225 -22.75 -2.12 2.45
N GLN D 226 -23.03 -1.74 3.70
CA GLN D 226 -23.92 -0.61 3.98
C GLN D 226 -23.15 0.43 4.79
N ASP D 227 -22.26 -0.05 5.66
CA ASP D 227 -21.44 0.79 6.47
C ASP D 227 -19.96 0.57 6.13
N THR D 228 -19.68 -0.02 4.98
CA THR D 228 -18.29 -0.30 4.59
C THR D 228 -17.70 0.86 3.80
N GLU D 229 -16.51 1.30 4.22
CA GLU D 229 -15.74 2.33 3.54
C GLU D 229 -14.50 1.70 2.93
N LEU D 230 -14.18 2.06 1.68
CA LEU D 230 -12.96 1.56 1.05
C LEU D 230 -12.24 2.58 0.19
N VAL D 231 -10.95 2.74 0.46
CA VAL D 231 -10.10 3.63 -0.32
C VAL D 231 -9.69 2.95 -1.63
N GLU D 232 -9.35 3.75 -2.64
CA GLU D 232 -8.95 3.17 -3.92
C GLU D 232 -7.54 2.59 -3.75
N THR D 233 -7.25 1.53 -4.51
CA THR D 233 -5.95 0.90 -4.45
C THR D 233 -4.87 1.92 -4.83
N ARG D 234 -3.78 1.94 -4.06
CA ARG D 234 -2.75 2.92 -4.22
C ARG D 234 -1.36 2.28 -4.29
N PRO D 235 -0.42 2.92 -5.00
CA PRO D 235 0.93 2.38 -5.08
C PRO D 235 1.78 2.69 -3.85
N ALA D 236 2.54 1.71 -3.40
CA ALA D 236 3.44 1.88 -2.26
C ALA D 236 4.66 2.70 -2.67
N GLY D 237 4.95 2.68 -3.96
CA GLY D 237 6.10 3.38 -4.51
C GLY D 237 7.27 2.46 -4.82
N ASP D 238 7.15 1.18 -4.43
CA ASP D 238 8.19 0.17 -4.62
C ASP D 238 7.76 -0.97 -5.54
N GLY D 239 6.71 -0.74 -6.32
CA GLY D 239 6.19 -1.75 -7.25
C GLY D 239 4.99 -2.52 -6.69
N THR D 240 4.72 -2.41 -5.38
CA THR D 240 3.56 -3.08 -4.77
C THR D 240 2.44 -2.10 -4.48
N PHE D 241 1.29 -2.63 -4.08
CA PHE D 241 0.12 -1.80 -3.82
C PHE D 241 -0.46 -1.99 -2.41
N GLN D 242 -1.36 -1.08 -2.05
CA GLN D 242 -1.95 -1.04 -0.73
C GLN D 242 -3.42 -0.75 -0.85
N LYS D 243 -4.20 -1.30 0.07
CA LYS D 243 -5.62 -0.99 0.11
C LYS D 243 -6.16 -1.28 1.51
N TRP D 244 -7.21 -0.57 1.90
CA TRP D 244 -7.92 -0.94 3.12
C TRP D 244 -9.42 -0.77 2.97
N ALA D 245 -10.12 -1.43 3.87
CA ALA D 245 -11.58 -1.44 3.96
C ALA D 245 -11.91 -1.27 5.42
N ALA D 246 -12.85 -0.40 5.74
CA ALA D 246 -13.24 -0.21 7.14
C ALA D 246 -14.74 -0.22 7.30
N VAL D 247 -15.15 -0.59 8.50
CA VAL D 247 -16.57 -0.65 8.86
C VAL D 247 -16.76 -0.17 10.31
N VAL D 248 -17.79 0.64 10.54
CA VAL D 248 -18.15 1.07 11.90
C VAL D 248 -19.13 0.03 12.48
N VAL D 249 -18.81 -0.51 13.66
CA VAL D 249 -19.61 -1.56 14.30
C VAL D 249 -19.95 -1.18 15.75
N PRO D 250 -21.01 -1.79 16.31
CA PRO D 250 -21.36 -1.58 17.72
C PRO D 250 -20.31 -2.21 18.60
N SER D 251 -19.88 -1.50 19.64
CA SER D 251 -18.86 -2.01 20.54
C SER D 251 -19.38 -3.26 21.25
N GLY D 252 -18.56 -4.32 21.26
CA GLY D 252 -18.97 -5.58 21.85
C GLY D 252 -19.49 -6.55 20.79
N GLU D 253 -19.58 -6.10 19.53
CA GLU D 253 -20.02 -6.95 18.41
C GLU D 253 -18.91 -7.21 17.39
N GLU D 254 -17.69 -6.74 17.69
CA GLU D 254 -16.56 -6.86 16.77
C GLU D 254 -16.28 -8.28 16.29
N GLN D 255 -16.43 -9.25 17.19
CA GLN D 255 -16.11 -10.62 16.82
C GLN D 255 -17.11 -11.21 15.79
N ARG D 256 -18.23 -10.53 15.53
CA ARG D 256 -19.18 -10.94 14.49
C ARG D 256 -18.66 -10.68 13.08
N TYR D 257 -17.70 -9.77 12.95
CA TYR D 257 -17.24 -9.31 11.64
C TYR D 257 -15.97 -9.97 11.19
N THR D 258 -15.95 -10.36 9.92
CA THR D 258 -14.76 -10.90 9.29
C THR D 258 -14.40 -10.11 8.04
N CYS D 259 -13.11 -9.93 7.84
CA CYS D 259 -12.64 -9.30 6.62
C CYS D 259 -12.18 -10.38 5.66
N HIS D 260 -12.55 -10.25 4.39
CA HIS D 260 -12.20 -11.26 3.39
C HIS D 260 -11.36 -10.67 2.28
N VAL D 261 -10.20 -11.29 2.06
CA VAL D 261 -9.25 -10.78 1.09
C VAL D 261 -9.06 -11.76 -0.06
N GLN D 262 -9.24 -11.26 -1.27
CA GLN D 262 -9.09 -12.08 -2.46
C GLN D 262 -7.99 -11.50 -3.34
N HIS D 263 -7.01 -12.32 -3.68
CA HIS D 263 -5.89 -11.92 -4.51
C HIS D 263 -5.27 -13.19 -5.13
N GLU D 264 -4.79 -13.08 -6.36
CA GLU D 264 -4.23 -14.22 -7.11
C GLU D 264 -2.97 -14.86 -6.50
N GLY D 265 -2.19 -14.06 -5.79
CA GLY D 265 -1.03 -14.55 -5.05
C GLY D 265 -1.42 -15.40 -3.84
N LEU D 266 -2.64 -15.22 -3.33
CA LEU D 266 -3.13 -16.04 -2.21
C LEU D 266 -3.57 -17.38 -2.77
N PRO D 267 -3.06 -18.47 -2.19
CA PRO D 267 -3.46 -19.80 -2.65
C PRO D 267 -4.93 -20.05 -2.35
N LYS D 268 -5.42 -19.43 -1.29
CA LYS D 268 -6.81 -19.53 -0.86
C LYS D 268 -7.23 -18.21 -0.23
N PRO D 269 -8.40 -17.69 -0.54
CA PRO D 269 -8.84 -16.43 0.04
C PRO D 269 -8.71 -16.39 1.58
N LEU D 270 -8.15 -15.28 2.09
CA LEU D 270 -7.95 -15.08 3.53
C LEU D 270 -9.19 -14.53 4.22
N THR D 271 -9.39 -14.96 5.46
CA THR D 271 -10.42 -14.43 6.33
C THR D 271 -9.69 -13.89 7.56
N LEU D 272 -10.03 -12.68 7.97
CA LEU D 272 -9.36 -12.06 9.11
C LEU D 272 -10.44 -11.61 10.07
N ARG D 273 -10.17 -11.78 11.36
CA ARG D 273 -11.11 -11.40 12.40
C ARG D 273 -10.34 -10.76 13.57
N TRP D 274 -10.90 -9.67 14.08
CA TRP D 274 -10.30 -8.95 15.20
C TRP D 274 -10.23 -9.89 16.39
N MET E 1 -15.59 22.56 -21.17
CA MET E 1 -14.34 21.82 -20.81
C MET E 1 -14.47 21.25 -19.40
N ILE E 2 -14.64 19.93 -19.33
CA ILE E 2 -14.91 19.23 -18.07
C ILE E 2 -13.67 19.17 -17.18
N GLN E 3 -13.80 19.65 -15.94
CA GLN E 3 -12.70 19.66 -14.98
C GLN E 3 -13.01 18.76 -13.79
N ARG E 4 -12.03 17.96 -13.37
CA ARG E 4 -12.18 17.00 -12.27
C ARG E 4 -11.17 17.28 -11.17
N THR E 5 -11.67 17.37 -9.93
CA THR E 5 -10.84 17.65 -8.78
C THR E 5 -10.14 16.37 -8.33
N PRO E 6 -8.89 16.47 -7.91
CA PRO E 6 -8.12 15.32 -7.47
C PRO E 6 -8.52 14.69 -6.13
N LYS E 7 -8.31 13.39 -6.03
CA LYS E 7 -8.45 12.65 -4.79
C LYS E 7 -7.04 12.66 -4.22
N ILE E 8 -6.92 12.64 -2.90
CA ILE E 8 -5.61 12.69 -2.25
C ILE E 8 -5.46 11.65 -1.15
N GLN E 9 -4.43 10.82 -1.26
CA GLN E 9 -4.10 9.89 -0.17
C GLN E 9 -2.65 10.12 0.21
N VAL E 10 -2.45 10.39 1.49
CA VAL E 10 -1.14 10.61 2.06
C VAL E 10 -0.90 9.41 2.94
N TYR E 11 0.24 8.73 2.75
CA TYR E 11 0.54 7.52 3.49
C TYR E 11 2.01 7.21 3.38
N SER E 12 2.44 6.17 4.07
CA SER E 12 3.81 5.72 4.03
C SER E 12 3.95 4.42 3.19
N ARG E 13 5.13 4.24 2.62
CA ARG E 13 5.42 3.06 1.83
C ARG E 13 5.39 1.83 2.72
N HIS E 14 5.90 1.99 3.94
CA HIS E 14 5.92 0.94 4.94
C HIS E 14 5.24 1.44 6.20
N PRO E 15 4.75 0.51 7.02
CA PRO E 15 4.09 0.84 8.30
C PRO E 15 4.91 1.81 9.13
N ALA E 16 4.28 2.89 9.57
CA ALA E 16 4.97 3.94 10.31
C ALA E 16 5.57 3.42 11.64
N GLU E 17 6.90 3.47 11.73
CA GLU E 17 7.65 3.01 12.93
C GLU E 17 8.79 4.01 13.26
N ASN E 18 8.60 4.75 14.34
CA ASN E 18 9.52 5.81 14.80
C ASN E 18 11.02 5.49 14.80
N GLY E 19 11.81 6.35 14.16
CA GLY E 19 13.26 6.22 14.17
C GLY E 19 13.93 5.47 13.04
N LYS E 20 13.14 4.94 12.10
CA LYS E 20 13.75 4.25 10.96
C LYS E 20 13.19 4.78 9.62
N SER E 21 14.08 4.86 8.64
CA SER E 21 13.79 5.38 7.31
C SER E 21 12.53 4.79 6.68
N ASN E 22 11.89 5.56 5.79
CA ASN E 22 10.63 5.18 5.16
C ASN E 22 10.34 6.19 4.04
N PHE E 23 9.28 5.97 3.28
CA PHE E 23 8.88 6.90 2.24
C PHE E 23 7.50 7.46 2.55
N LEU E 24 7.37 8.77 2.41
CA LEU E 24 6.08 9.42 2.60
C LEU E 24 5.54 9.60 1.20
N ASN E 25 4.28 9.20 1.04
CA ASN E 25 3.64 9.19 -0.25
C ASN E 25 2.42 10.06 -0.26
N CYS E 26 2.25 10.78 -1.37
CA CYS E 26 1.05 11.53 -1.63
C CYS E 26 0.60 11.12 -3.02
N TYR E 27 -0.50 10.37 -3.04
CA TYR E 27 -1.01 9.81 -4.26
C TYR E 27 -2.22 10.60 -4.65
N VAL E 28 -2.09 11.30 -5.78
CA VAL E 28 -3.15 12.14 -6.30
C VAL E 28 -3.71 11.47 -7.54
N SER E 29 -5.04 11.48 -7.68
CA SER E 29 -5.67 10.82 -8.81
C SER E 29 -7.04 11.39 -9.10
N GLY E 30 -7.63 10.94 -10.20
CA GLY E 30 -8.99 11.31 -10.56
C GLY E 30 -9.14 12.74 -11.05
N PHE E 31 -8.01 13.37 -11.41
CA PHE E 31 -8.03 14.78 -11.79
C PHE E 31 -7.84 15.09 -13.28
N HIS E 32 -8.34 16.26 -13.66
CA HIS E 32 -8.23 16.76 -15.02
C HIS E 32 -8.50 18.27 -15.01
N PRO E 33 -7.55 19.09 -15.47
CA PRO E 33 -6.41 18.66 -16.30
C PRO E 33 -5.22 18.17 -15.45
N SER E 34 -4.09 17.94 -16.10
CA SER E 34 -2.90 17.37 -15.49
C SER E 34 -1.98 18.37 -14.78
N ASP E 35 -2.11 19.65 -15.08
CA ASP E 35 -1.33 20.65 -14.38
C ASP E 35 -1.79 20.62 -12.90
N ILE E 36 -0.84 20.33 -12.02
CA ILE E 36 -1.13 20.22 -10.62
C ILE E 36 0.15 20.50 -9.85
N GLU E 37 0.02 21.18 -8.71
CA GLU E 37 1.14 21.48 -7.83
C GLU E 37 1.02 20.60 -6.57
N VAL E 38 2.06 19.83 -6.26
CA VAL E 38 2.05 18.97 -5.08
C VAL E 38 3.29 19.19 -4.21
N ASP E 39 3.06 19.37 -2.92
CA ASP E 39 4.13 19.54 -1.96
C ASP E 39 3.91 18.65 -0.75
N LEU E 40 4.99 18.00 -0.32
CA LEU E 40 4.99 17.28 0.91
C LEU E 40 5.49 18.30 1.94
N LEU E 41 4.90 18.28 3.12
CA LEU E 41 5.28 19.22 4.19
C LEU E 41 5.71 18.49 5.46
N LYS E 42 6.60 19.15 6.19
CA LYS E 42 7.09 18.67 7.48
C LYS E 42 7.04 19.84 8.46
N ASN E 43 6.26 19.65 9.53
CA ASN E 43 6.04 20.67 10.54
C ASN E 43 5.57 22.01 9.95
N GLY E 44 4.85 21.93 8.83
CA GLY E 44 4.30 23.11 8.16
C GLY E 44 5.07 23.65 6.96
N GLU E 45 6.33 23.24 6.81
CA GLU E 45 7.18 23.71 5.71
C GLU E 45 7.50 22.62 4.68
N ARG E 46 7.85 23.03 3.47
CA ARG E 46 8.14 22.08 2.38
C ARG E 46 9.43 21.27 2.52
N ILE E 47 9.43 20.10 1.87
CA ILE E 47 10.59 19.23 1.78
C ILE E 47 11.09 19.38 0.35
N GLU E 48 12.38 19.66 0.18
CA GLU E 48 12.97 19.98 -1.15
C GLU E 48 13.20 18.79 -2.09
N LYS E 49 13.57 17.65 -1.51
CA LYS E 49 13.94 16.46 -2.30
C LYS E 49 12.79 15.71 -3.00
N VAL E 50 11.55 16.00 -2.64
CA VAL E 50 10.38 15.29 -3.18
C VAL E 50 10.44 14.96 -4.69
N GLU E 51 10.08 13.72 -5.04
CA GLU E 51 10.08 13.24 -6.42
C GLU E 51 8.67 12.78 -6.83
N HIS E 52 8.39 12.68 -8.13
CA HIS E 52 7.11 12.15 -8.62
C HIS E 52 7.24 11.10 -9.73
N SER E 53 6.13 10.38 -9.95
CA SER E 53 6.04 9.35 -10.99
C SER E 53 5.72 9.98 -12.33
N ASP E 54 5.86 9.21 -13.39
CA ASP E 54 5.55 9.70 -14.74
C ASP E 54 4.04 9.79 -14.93
N LEU E 55 3.58 10.93 -15.46
CA LEU E 55 2.15 11.16 -15.63
C LEU E 55 1.49 10.01 -16.38
N SER E 56 0.33 9.60 -15.90
CA SER E 56 -0.43 8.57 -16.59
C SER E 56 -1.88 8.70 -16.19
N PHE E 57 -2.73 7.86 -16.78
CA PHE E 57 -4.16 7.98 -16.56
C PHE E 57 -4.88 6.64 -16.60
N SER E 58 -6.09 6.63 -16.04
CA SER E 58 -6.91 5.44 -15.97
C SER E 58 -7.89 5.40 -17.14
N LYS E 59 -8.74 4.35 -17.20
CA LYS E 59 -9.66 4.15 -18.35
C LYS E 59 -10.54 5.36 -18.64
N ASP E 60 -11.05 6.01 -17.60
CA ASP E 60 -11.90 7.19 -17.75
C ASP E 60 -11.12 8.50 -18.06
N TRP E 61 -9.86 8.36 -18.49
CA TRP E 61 -8.95 9.47 -18.87
C TRP E 61 -8.41 10.30 -17.70
N SER E 62 -8.68 9.86 -16.48
CA SER E 62 -8.33 10.63 -15.32
C SER E 62 -6.87 10.37 -14.94
N PHE E 63 -6.13 11.46 -14.68
CA PHE E 63 -4.71 11.38 -14.41
C PHE E 63 -4.42 10.93 -12.97
N TYR E 64 -3.20 10.42 -12.76
CA TYR E 64 -2.73 10.06 -11.42
C TYR E 64 -1.21 10.21 -11.32
N LEU E 65 -0.75 10.62 -10.13
CA LEU E 65 0.67 10.79 -9.83
C LEU E 65 0.99 10.42 -8.38
N LEU E 66 2.11 9.73 -8.17
CA LEU E 66 2.61 9.48 -6.85
C LEU E 66 3.76 10.44 -6.62
N TYR E 67 3.62 11.27 -5.59
CA TYR E 67 4.66 12.17 -5.13
C TYR E 67 5.23 11.56 -3.87
N TYR E 68 6.55 11.60 -3.72
CA TYR E 68 7.16 10.96 -2.57
C TYR E 68 8.53 11.52 -2.20
N THR E 69 8.85 11.32 -0.93
CA THR E 69 10.12 11.69 -0.35
C THR E 69 10.47 10.63 0.70
N GLU E 70 11.75 10.44 0.92
CA GLU E 70 12.27 9.52 1.93
C GLU E 70 12.34 10.30 3.24
N PHE E 71 11.90 9.67 4.32
CA PHE E 71 11.83 10.33 5.65
C PHE E 71 11.87 9.35 6.82
N THR E 72 12.18 9.90 7.99
CA THR E 72 12.21 9.14 9.24
C THR E 72 11.14 9.73 10.17
N PRO E 73 10.00 9.05 10.29
CA PRO E 73 8.91 9.53 11.14
C PRO E 73 9.29 9.56 12.62
N THR E 74 8.56 10.37 13.39
CA THR E 74 8.76 10.51 14.85
C THR E 74 7.42 10.79 15.56
N GLU E 75 7.47 10.84 16.89
CA GLU E 75 6.34 11.26 17.69
C GLU E 75 6.10 12.74 17.37
N LYS E 76 7.22 13.47 17.35
CA LYS E 76 7.30 14.90 17.12
C LYS E 76 6.84 15.42 15.76
N ASP E 77 7.55 15.03 14.71
CA ASP E 77 7.38 15.60 13.38
C ASP E 77 6.07 15.23 12.69
N GLU E 78 5.21 16.22 12.47
CA GLU E 78 3.94 16.01 11.80
C GLU E 78 4.13 16.28 10.30
N TYR E 79 3.39 15.53 9.46
CA TYR E 79 3.53 15.60 8.01
C TYR E 79 2.19 15.78 7.28
N ALA E 80 2.26 16.29 6.05
CA ALA E 80 1.04 16.51 5.23
C ALA E 80 1.33 16.62 3.72
N CYS E 81 0.28 16.74 2.92
CA CYS E 81 0.41 16.94 1.48
C CYS E 81 -0.46 18.12 1.09
N ARG E 82 0.16 19.07 0.39
CA ARG E 82 -0.50 20.29 -0.07
C ARG E 82 -0.65 20.15 -1.59
N VAL E 83 -1.89 20.14 -2.05
CA VAL E 83 -2.18 19.98 -3.46
C VAL E 83 -2.93 21.21 -3.98
N ASN E 84 -2.54 21.68 -5.16
CA ASN E 84 -3.24 22.77 -5.82
C ASN E 84 -3.53 22.38 -7.27
N HIS E 85 -4.74 22.68 -7.71
CA HIS E 85 -5.21 22.36 -9.04
C HIS E 85 -6.05 23.56 -9.49
N VAL E 86 -6.59 23.54 -10.71
CA VAL E 86 -7.46 24.64 -11.18
C VAL E 86 -8.81 24.61 -10.44
N THR E 87 -9.29 23.41 -10.13
CA THR E 87 -10.57 23.19 -9.45
C THR E 87 -10.62 23.71 -7.99
N LEU E 88 -9.45 23.84 -7.37
CA LEU E 88 -9.33 24.23 -5.97
C LEU E 88 -9.13 25.72 -5.78
N SER E 89 -9.90 26.32 -4.86
CA SER E 89 -9.81 27.75 -4.55
C SER E 89 -8.54 28.10 -3.78
N GLN E 90 -8.02 27.14 -3.02
CA GLN E 90 -6.75 27.33 -2.32
C GLN E 90 -6.10 25.96 -2.16
N PRO E 91 -4.80 25.93 -1.84
CA PRO E 91 -4.08 24.65 -1.72
C PRO E 91 -4.69 23.76 -0.62
N LYS E 92 -5.16 22.57 -1.00
CA LYS E 92 -5.77 21.65 -0.06
C LYS E 92 -4.72 20.87 0.70
N ILE E 93 -4.69 21.07 2.02
CA ILE E 93 -3.77 20.34 2.88
C ILE E 93 -4.49 19.15 3.51
N VAL E 94 -3.85 17.99 3.42
CA VAL E 94 -4.35 16.76 4.04
C VAL E 94 -3.23 16.24 4.93
N LYS E 95 -3.52 16.09 6.22
CA LYS E 95 -2.53 15.59 7.18
C LYS E 95 -2.30 14.10 7.02
N TRP E 96 -1.05 13.68 7.21
CA TRP E 96 -0.70 12.27 7.24
C TRP E 96 -1.21 11.65 8.54
N ASP E 97 -2.05 10.63 8.40
CA ASP E 97 -2.60 9.86 9.52
C ASP E 97 -2.11 8.41 9.37
N ARG E 98 -1.26 7.99 10.30
CA ARG E 98 -0.68 6.65 10.28
C ARG E 98 -1.71 5.54 10.02
N ASP E 99 -2.89 5.72 10.59
CA ASP E 99 -3.98 4.74 10.49
C ASP E 99 -4.84 4.87 9.24
N MET E 100 -4.34 5.51 8.18
CA MET E 100 -5.10 5.62 6.94
C MET E 100 -4.22 5.60 5.69
N GLU F 1 6.60 -2.49 -27.01
CA GLU F 1 7.02 -1.93 -28.31
C GLU F 1 5.85 -1.14 -28.91
N ALA F 2 6.10 0.13 -29.22
CA ALA F 2 5.06 1.06 -29.65
C ALA F 2 4.68 0.98 -31.15
N ASP F 3 3.55 1.61 -31.48
CA ASP F 3 3.02 1.60 -32.83
C ASP F 3 3.59 2.80 -33.57
N PRO F 4 4.33 2.56 -34.64
CA PRO F 4 4.97 3.66 -35.38
C PRO F 4 4.06 4.48 -36.32
N THR F 5 2.86 3.99 -36.60
CA THR F 5 1.99 4.66 -37.56
C THR F 5 1.28 5.86 -36.93
N GLY F 6 1.39 6.99 -37.63
CA GLY F 6 0.79 8.22 -37.21
C GLY F 6 -0.29 8.65 -38.19
N HIS F 7 -1.49 8.90 -37.67
CA HIS F 7 -2.59 9.41 -38.48
C HIS F 7 -3.08 10.74 -37.94
N SER F 8 -3.31 11.68 -38.85
CA SER F 8 -3.93 12.97 -38.54
C SER F 8 -5.40 12.79 -38.21
N TYR F 9 -5.95 13.68 -37.39
CA TYR F 9 -7.38 13.71 -37.18
C TYR F 9 -7.98 14.46 -38.33
N GLU G 1 -6.68 -31.34 57.05
CA GLU G 1 -5.75 -30.66 56.12
C GLU G 1 -6.02 -29.14 56.07
N VAL G 2 -6.65 -28.67 54.99
CA VAL G 2 -6.91 -27.26 54.78
C VAL G 2 -8.16 -26.86 55.58
N GLN G 3 -8.05 -25.77 56.32
CA GLN G 3 -9.19 -25.23 57.01
C GLN G 3 -9.14 -23.72 56.91
N LEU G 4 -10.32 -23.12 56.89
CA LEU G 4 -10.55 -21.68 56.89
C LEU G 4 -11.61 -21.54 57.95
N VAL G 5 -11.25 -21.07 59.14
CA VAL G 5 -12.22 -21.02 60.23
C VAL G 5 -12.61 -19.57 60.53
N GLU G 6 -13.84 -19.22 60.20
CA GLU G 6 -14.38 -17.90 60.47
C GLU G 6 -14.89 -17.72 61.89
N SER G 7 -14.69 -16.52 62.42
CA SER G 7 -15.23 -16.14 63.75
C SER G 7 -15.48 -14.61 63.79
N GLY G 8 -16.24 -14.21 64.81
CA GLY G 8 -16.54 -12.79 65.02
C GLY G 8 -17.98 -12.41 64.72
N GLY G 9 -18.72 -13.33 64.11
CA GLY G 9 -20.11 -13.12 63.74
C GLY G 9 -21.00 -12.96 64.96
N GLY G 10 -22.14 -12.30 64.81
CA GLY G 10 -23.03 -12.05 65.93
C GLY G 10 -24.08 -11.04 65.54
N LEU G 11 -24.74 -10.47 66.54
CA LEU G 11 -25.76 -9.46 66.31
C LEU G 11 -25.14 -8.10 66.51
N VAL G 12 -25.37 -7.18 65.57
CA VAL G 12 -24.82 -5.82 65.63
C VAL G 12 -25.97 -4.88 65.38
N GLN G 13 -26.04 -3.80 66.15
CA GLN G 13 -27.02 -2.78 65.89
C GLN G 13 -26.59 -2.04 64.61
N PRO G 14 -27.54 -1.67 63.76
CA PRO G 14 -27.20 -0.93 62.55
C PRO G 14 -26.42 0.33 62.93
N GLY G 15 -25.45 0.72 62.11
CA GLY G 15 -24.65 1.90 62.37
C GLY G 15 -23.38 1.59 63.14
N ARG G 16 -23.31 0.42 63.78
CA ARG G 16 -22.12 0.03 64.52
C ARG G 16 -21.20 -0.84 63.66
N SER G 17 -20.19 -1.43 64.30
CA SER G 17 -19.10 -2.13 63.66
C SER G 17 -18.88 -3.51 64.20
N LEU G 18 -18.31 -4.35 63.34
CA LEU G 18 -17.95 -5.70 63.72
C LEU G 18 -16.73 -6.16 62.89
N ARG G 19 -15.82 -6.90 63.54
CA ARG G 19 -14.67 -7.51 62.89
C ARG G 19 -14.75 -9.04 62.83
N LEU G 20 -14.74 -9.55 61.61
CA LEU G 20 -14.70 -10.95 61.35
C LEU G 20 -13.24 -11.35 61.13
N SER G 21 -12.91 -12.55 61.60
CA SER G 21 -11.57 -13.10 61.45
C SER G 21 -11.70 -14.50 60.87
N CYS G 22 -10.70 -14.89 60.10
CA CYS G 22 -10.64 -16.23 59.49
C CYS G 22 -9.24 -16.77 59.72
N ALA G 23 -9.15 -17.89 60.45
CA ALA G 23 -7.92 -18.58 60.76
C ALA G 23 -7.68 -19.63 59.67
N ALA G 24 -6.57 -19.47 58.94
CA ALA G 24 -6.18 -20.38 57.88
C ALA G 24 -5.15 -21.39 58.35
N SER G 25 -5.36 -22.64 57.98
CA SER G 25 -4.39 -23.67 58.33
C SER G 25 -4.31 -24.71 57.23
N GLY G 26 -3.17 -25.41 57.21
CA GLY G 26 -2.96 -26.55 56.36
C GLY G 26 -2.53 -26.24 54.96
N PHE G 27 -2.19 -24.97 54.70
CA PHE G 27 -1.65 -24.53 53.43
C PHE G 27 -0.76 -23.28 53.62
N THR G 28 0.06 -22.99 52.63
CA THR G 28 0.95 -21.81 52.65
C THR G 28 0.10 -20.59 52.36
N PHE G 29 -0.38 -19.99 53.44
CA PHE G 29 -1.32 -18.88 53.41
C PHE G 29 -0.85 -17.73 52.55
N ASP G 30 0.44 -17.38 52.68
CA ASP G 30 0.95 -16.23 51.93
C ASP G 30 1.22 -16.45 50.43
N ASP G 31 0.87 -17.62 49.89
CA ASP G 31 1.01 -17.90 48.48
C ASP G 31 -0.31 -17.61 47.77
N TYR G 32 -1.37 -17.32 48.52
CA TYR G 32 -2.73 -17.22 47.95
C TYR G 32 -3.50 -15.96 48.23
N ALA G 33 -4.29 -15.56 47.25
CA ALA G 33 -5.22 -14.49 47.44
C ALA G 33 -6.33 -15.07 48.31
N MET G 34 -6.96 -14.17 49.06
CA MET G 34 -8.00 -14.50 50.01
C MET G 34 -9.18 -13.58 49.81
N HIS G 35 -10.38 -14.09 50.12
CA HIS G 35 -11.60 -13.32 49.85
C HIS G 35 -12.67 -13.49 50.93
N TRP G 36 -13.55 -12.50 51.01
CA TRP G 36 -14.80 -12.62 51.77
C TRP G 36 -15.97 -12.61 50.78
N VAL G 37 -16.82 -13.62 50.89
CA VAL G 37 -18.03 -13.73 50.10
C VAL G 37 -19.21 -13.94 51.07
N ARG G 38 -20.35 -13.32 50.80
CA ARG G 38 -21.48 -13.43 51.70
C ARG G 38 -22.74 -13.91 51.00
N GLN G 39 -23.68 -14.36 51.83
CA GLN G 39 -24.95 -14.88 51.39
C GLN G 39 -26.06 -14.45 52.36
N ALA G 40 -26.94 -13.56 51.90
CA ALA G 40 -28.07 -13.11 52.72
C ALA G 40 -29.06 -14.25 52.83
N PRO G 41 -29.91 -14.25 53.86
CA PRO G 41 -30.87 -15.34 54.04
C PRO G 41 -31.72 -15.59 52.79
N GLY G 42 -31.73 -16.83 52.32
CA GLY G 42 -32.54 -17.22 51.16
C GLY G 42 -32.03 -16.71 49.82
N LYS G 43 -30.90 -16.03 49.81
CA LYS G 43 -30.39 -15.44 48.57
C LYS G 43 -29.08 -16.08 48.09
N GLY G 44 -28.57 -15.58 46.98
CA GLY G 44 -27.35 -16.10 46.37
C GLY G 44 -26.08 -15.52 46.97
N LEU G 45 -24.94 -15.92 46.41
CA LEU G 45 -23.63 -15.46 46.85
C LEU G 45 -23.29 -14.07 46.30
N GLU G 46 -22.64 -13.27 47.14
CA GLU G 46 -22.16 -11.93 46.76
C GLU G 46 -20.74 -11.72 47.23
N TRP G 47 -19.81 -11.50 46.29
CA TRP G 47 -18.44 -11.20 46.67
C TRP G 47 -18.42 -9.89 47.44
N VAL G 48 -17.67 -9.85 48.54
CA VAL G 48 -17.55 -8.66 49.36
C VAL G 48 -16.21 -7.95 49.13
N SER G 49 -15.11 -8.69 49.23
CA SER G 49 -13.78 -8.13 49.04
C SER G 49 -12.71 -9.22 48.87
N GLY G 50 -11.60 -8.81 48.27
CA GLY G 50 -10.49 -9.68 48.02
C GLY G 50 -9.18 -9.00 48.28
N ILE G 51 -8.17 -9.81 48.59
CA ILE G 51 -6.82 -9.32 48.86
C ILE G 51 -5.80 -10.34 48.33
N SER G 52 -4.86 -9.83 47.53
CA SER G 52 -3.85 -10.68 46.94
C SER G 52 -2.89 -11.11 48.04
N TRP G 53 -2.07 -12.10 47.66
CA TRP G 53 -1.14 -12.75 48.55
C TRP G 53 -0.34 -11.89 49.48
N ASN G 54 0.26 -10.80 48.98
CA ASN G 54 1.14 -9.93 49.74
C ASN G 54 0.47 -8.58 50.01
N SER G 55 -0.84 -8.54 49.91
CA SER G 55 -1.60 -7.31 50.08
C SER G 55 -1.30 -6.25 49.01
N GLY G 56 -0.64 -6.65 47.92
CA GLY G 56 -0.24 -5.71 46.86
C GLY G 56 -1.40 -5.12 46.05
N SER G 57 -2.53 -5.80 46.10
CA SER G 57 -3.73 -5.36 45.44
C SER G 57 -4.94 -5.80 46.28
N ILE G 58 -5.95 -4.93 46.35
CA ILE G 58 -7.13 -5.12 47.19
C ILE G 58 -8.38 -4.63 46.44
N GLY G 59 -9.48 -5.32 46.62
CA GLY G 59 -10.71 -4.89 45.94
C GLY G 59 -11.92 -5.01 46.83
N TYR G 60 -12.94 -4.24 46.47
CA TYR G 60 -14.19 -4.23 47.21
C TYR G 60 -15.38 -4.17 46.29
N ALA G 61 -16.49 -4.80 46.70
CA ALA G 61 -17.74 -4.61 46.01
C ALA G 61 -18.23 -3.17 46.29
N ASP G 62 -18.90 -2.57 45.32
CA ASP G 62 -19.44 -1.23 45.47
C ASP G 62 -20.38 -1.15 46.66
N SER G 63 -21.12 -2.20 46.90
CA SER G 63 -22.04 -2.25 48.01
C SER G 63 -21.35 -1.99 49.36
N VAL G 64 -20.04 -2.20 49.45
CA VAL G 64 -19.35 -2.08 50.76
C VAL G 64 -18.21 -1.05 50.81
N LYS G 65 -17.87 -0.49 49.68
CA LYS G 65 -16.75 0.45 49.63
C LYS G 65 -17.00 1.66 50.53
N GLY G 66 -15.97 2.02 51.29
CA GLY G 66 -16.03 3.13 52.23
C GLY G 66 -16.43 2.67 53.62
N ARG G 67 -16.96 1.45 53.74
CA ARG G 67 -17.41 0.93 55.01
C ARG G 67 -16.64 -0.28 55.50
N PHE G 68 -16.34 -1.22 54.61
CA PHE G 68 -15.62 -2.44 54.97
C PHE G 68 -14.15 -2.32 54.58
N THR G 69 -13.30 -2.99 55.35
CA THR G 69 -11.87 -3.06 55.08
C THR G 69 -11.40 -4.52 55.24
N ILE G 70 -10.74 -5.04 54.21
CA ILE G 70 -10.13 -6.38 54.24
C ILE G 70 -8.64 -6.21 54.54
N SER G 71 -8.08 -7.13 55.33
CA SER G 71 -6.65 -7.14 55.66
C SER G 71 -6.21 -8.55 56.01
N ARG G 72 -4.90 -8.76 56.01
CA ARG G 72 -4.33 -10.06 56.35
C ARG G 72 -3.03 -9.94 57.14
N ASP G 73 -2.79 -10.94 57.96
CA ASP G 73 -1.59 -11.02 58.77
C ASP G 73 -0.98 -12.37 58.37
N ASN G 74 -0.03 -12.31 57.45
CA ASN G 74 0.63 -13.49 56.93
C ASN G 74 1.53 -14.19 57.91
N ALA G 75 1.89 -13.53 59.00
CA ALA G 75 2.63 -14.17 60.08
C ALA G 75 1.69 -15.06 60.93
N LYS G 76 0.44 -14.62 61.11
CA LYS G 76 -0.54 -15.35 61.91
C LYS G 76 -1.48 -16.19 61.07
N ASN G 77 -1.31 -16.22 59.77
CA ASN G 77 -2.21 -16.97 58.88
C ASN G 77 -3.68 -16.62 59.11
N SER G 78 -3.95 -15.31 59.18
CA SER G 78 -5.29 -14.78 59.44
C SER G 78 -5.69 -13.73 58.40
N LEU G 79 -6.98 -13.74 58.11
CA LEU G 79 -7.60 -12.78 57.24
C LEU G 79 -8.69 -12.08 58.06
N TYR G 80 -8.87 -10.79 57.83
CA TYR G 80 -9.85 -10.01 58.58
C TYR G 80 -10.79 -9.22 57.69
N LEU G 81 -11.98 -8.97 58.22
CA LEU G 81 -12.95 -8.06 57.62
C LEU G 81 -13.48 -7.09 58.67
N GLN G 82 -13.03 -5.85 58.59
CA GLN G 82 -13.54 -4.81 59.46
C GLN G 82 -14.78 -4.23 58.77
N MET G 83 -15.93 -4.38 59.41
CA MET G 83 -17.19 -3.89 58.86
C MET G 83 -17.68 -2.72 59.69
N ASN G 84 -17.74 -1.55 59.08
CA ASN G 84 -18.22 -0.36 59.75
C ASN G 84 -19.56 0.08 59.17
N SER G 85 -20.25 0.96 59.90
CA SER G 85 -21.52 1.54 59.46
C SER G 85 -22.44 0.50 58.91
N LEU G 86 -22.68 -0.54 59.70
CA LEU G 86 -23.46 -1.69 59.25
C LEU G 86 -24.91 -1.34 58.96
N ARG G 87 -25.46 -2.05 57.99
CA ARG G 87 -26.86 -1.82 57.56
C ARG G 87 -27.56 -3.13 57.58
N ALA G 88 -28.88 -3.05 57.62
CA ALA G 88 -29.73 -4.21 57.68
C ALA G 88 -29.39 -5.19 56.55
N GLU G 89 -29.07 -4.65 55.36
CA GLU G 89 -28.79 -5.47 54.18
C GLU G 89 -27.41 -6.13 54.16
N ASP G 90 -26.61 -5.90 55.19
CA ASP G 90 -25.32 -6.57 55.35
C ASP G 90 -25.52 -7.91 56.08
N THR G 91 -26.74 -8.14 56.57
CA THR G 91 -27.08 -9.35 57.26
C THR G 91 -26.83 -10.50 56.28
N ALA G 92 -25.95 -11.42 56.67
CA ALA G 92 -25.61 -12.54 55.83
C ALA G 92 -24.69 -13.51 56.52
N VAL G 93 -24.52 -14.67 55.89
CA VAL G 93 -23.47 -15.58 56.27
C VAL G 93 -22.27 -15.09 55.51
N TYR G 94 -21.18 -14.84 56.23
CA TYR G 94 -19.93 -14.40 55.61
C TYR G 94 -18.97 -15.57 55.55
N TYR G 95 -18.57 -15.92 54.32
CA TYR G 95 -17.60 -16.97 54.08
C TYR G 95 -16.19 -16.42 53.81
N CYS G 96 -15.24 -17.01 54.52
CA CYS G 96 -13.83 -16.84 54.22
C CYS G 96 -13.51 -17.85 53.08
N ALA G 97 -12.85 -17.36 52.04
CA ALA G 97 -12.52 -18.23 50.91
C ALA G 97 -11.14 -17.96 50.31
N ARG G 98 -10.50 -19.06 49.93
CA ARG G 98 -9.20 -19.00 49.27
C ARG G 98 -9.34 -18.82 47.77
N GLY G 99 -8.57 -17.86 47.24
CA GLY G 99 -8.43 -17.64 45.81
C GLY G 99 -7.45 -18.71 45.33
N ARG G 100 -7.71 -19.24 44.15
CA ARG G 100 -6.94 -20.33 43.63
C ARG G 100 -5.59 -19.89 43.02
N GLY G 101 -5.22 -18.63 43.18
CA GLY G 101 -3.92 -18.18 42.76
C GLY G 101 -3.45 -17.10 43.70
N PHE G 102 -2.40 -16.41 43.27
CA PHE G 102 -1.77 -15.36 44.03
C PHE G 102 -2.60 -14.08 44.11
N HIS G 103 -3.46 -13.85 43.12
CA HIS G 103 -4.16 -12.57 42.95
C HIS G 103 -5.65 -12.65 43.24
N TYR G 104 -6.19 -11.55 43.78
CA TYR G 104 -7.61 -11.51 44.12
C TYR G 104 -8.46 -11.41 42.86
N TYR G 105 -7.89 -10.80 41.81
CA TYR G 105 -8.54 -10.75 40.51
C TYR G 105 -8.42 -12.04 39.71
N TYR G 106 -9.43 -12.34 38.91
CA TYR G 106 -9.39 -13.40 37.88
C TYR G 106 -9.51 -14.87 38.34
N TYR G 107 -8.77 -15.24 39.38
CA TYR G 107 -8.71 -16.60 39.90
C TYR G 107 -9.80 -16.83 40.94
N GLY G 108 -10.68 -17.78 40.61
CA GLY G 108 -11.80 -18.24 41.43
C GLY G 108 -11.44 -18.78 42.83
N MET G 109 -12.48 -19.06 43.61
CA MET G 109 -12.34 -19.42 45.02
C MET G 109 -12.34 -20.93 45.21
N ASP G 110 -11.20 -21.53 45.54
CA ASP G 110 -11.15 -23.02 45.59
C ASP G 110 -11.40 -23.71 46.93
N ILE G 111 -11.32 -22.95 48.02
CA ILE G 111 -11.62 -23.47 49.36
C ILE G 111 -12.46 -22.45 50.09
N TRP G 112 -13.55 -22.92 50.67
CA TRP G 112 -14.47 -22.08 51.40
C TRP G 112 -14.59 -22.56 52.83
N GLY G 113 -14.66 -21.63 53.79
CA GLY G 113 -14.92 -21.97 55.20
C GLY G 113 -16.42 -22.25 55.41
N GLN G 114 -16.84 -22.65 56.61
CA GLN G 114 -18.27 -22.95 56.85
C GLN G 114 -19.14 -21.70 57.03
N GLY G 115 -18.50 -20.54 57.16
CA GLY G 115 -19.16 -19.24 57.38
C GLY G 115 -19.44 -18.78 58.82
N THR G 116 -19.61 -17.49 58.98
CA THR G 116 -19.98 -16.95 60.26
C THR G 116 -21.11 -15.96 59.98
N THR G 117 -22.13 -16.00 60.83
CA THR G 117 -23.34 -15.19 60.64
C THR G 117 -23.28 -13.82 61.22
N VAL G 118 -23.63 -12.84 60.39
CA VAL G 118 -23.76 -11.45 60.81
C VAL G 118 -25.22 -11.06 60.68
N THR G 119 -25.78 -10.68 61.83
CA THR G 119 -27.17 -10.27 61.94
C THR G 119 -27.19 -8.80 62.35
N VAL G 120 -27.45 -7.92 61.39
CA VAL G 120 -27.51 -6.47 61.66
C VAL G 120 -28.95 -6.13 62.01
N SER G 121 -29.17 -5.88 63.31
CA SER G 121 -30.51 -5.80 63.86
C SER G 121 -30.66 -4.79 64.95
N SER G 122 -31.84 -4.18 65.03
CA SER G 122 -32.18 -3.24 66.10
C SER G 122 -32.61 -3.96 67.38
N ALA G 123 -32.87 -5.26 67.27
CA ALA G 123 -33.34 -6.08 68.39
C ALA G 123 -32.22 -6.54 69.35
N SER G 124 -32.62 -7.13 70.47
CA SER G 124 -31.68 -7.64 71.47
C SER G 124 -31.44 -9.14 71.24
N THR G 125 -30.32 -9.62 71.76
CA THR G 125 -30.03 -11.04 71.77
C THR G 125 -30.79 -11.67 72.94
N LYS G 126 -31.17 -12.92 72.78
CA LYS G 126 -31.70 -13.71 73.85
C LYS G 126 -31.10 -15.12 73.77
N GLY G 127 -30.41 -15.53 74.83
CA GLY G 127 -29.86 -16.88 74.91
C GLY G 127 -31.02 -17.81 75.18
N PRO G 128 -30.91 -19.06 74.76
CA PRO G 128 -31.99 -20.03 74.92
C PRO G 128 -32.00 -20.73 76.28
N SER G 129 -33.15 -21.29 76.64
CA SER G 129 -33.31 -22.15 77.81
C SER G 129 -33.19 -23.55 77.24
N VAL G 130 -32.31 -24.37 77.83
CA VAL G 130 -32.07 -25.71 77.31
C VAL G 130 -32.67 -26.74 78.25
N PHE G 131 -33.46 -27.66 77.69
CA PHE G 131 -34.11 -28.73 78.44
C PHE G 131 -33.77 -30.09 77.81
N PRO G 132 -33.55 -31.10 78.66
CA PRO G 132 -33.24 -32.43 78.15
C PRO G 132 -34.49 -33.09 77.55
N LEU G 133 -34.29 -33.96 76.58
CA LEU G 133 -35.41 -34.75 76.03
C LEU G 133 -35.03 -36.19 76.26
N ALA G 134 -35.48 -36.71 77.39
CA ALA G 134 -35.09 -38.04 77.85
C ALA G 134 -35.51 -39.13 76.91
N PRO G 135 -34.68 -40.17 76.81
CA PRO G 135 -35.03 -41.36 76.04
C PRO G 135 -36.15 -42.12 76.75
N SER G 136 -36.99 -42.83 75.99
CA SER G 136 -38.12 -43.60 76.53
C SER G 136 -38.19 -44.98 75.91
N SER G 137 -39.07 -45.80 76.47
CA SER G 137 -39.23 -47.19 76.03
C SER G 137 -39.51 -47.36 74.54
N LYS G 138 -39.05 -48.51 74.01
CA LYS G 138 -39.17 -48.91 72.61
C LYS G 138 -39.10 -47.73 71.64
N SER G 139 -38.15 -46.83 71.88
CA SER G 139 -38.01 -45.59 71.11
C SER G 139 -37.74 -45.79 69.60
N THR G 140 -37.22 -46.97 69.25
CA THR G 140 -37.05 -47.37 67.85
C THR G 140 -36.80 -48.88 67.88
N SER G 141 -37.80 -49.65 67.46
CA SER G 141 -37.75 -51.13 67.51
C SER G 141 -36.42 -51.81 67.18
N GLY G 142 -35.59 -51.16 66.36
CA GLY G 142 -34.30 -51.73 65.97
C GLY G 142 -33.21 -51.53 67.00
N GLY G 143 -33.53 -51.76 68.28
CA GLY G 143 -32.57 -51.64 69.37
C GLY G 143 -31.92 -50.28 69.55
N THR G 144 -32.50 -49.23 68.98
CA THR G 144 -31.94 -47.89 69.19
C THR G 144 -32.94 -47.01 69.92
N ALA G 145 -32.41 -46.11 70.74
CA ALA G 145 -33.21 -45.16 71.47
C ALA G 145 -32.84 -43.75 71.02
N ALA G 146 -33.81 -42.86 71.06
CA ALA G 146 -33.61 -41.46 70.71
C ALA G 146 -33.70 -40.63 71.97
N LEU G 147 -32.81 -39.65 72.06
CA LEU G 147 -32.80 -38.70 73.15
C LEU G 147 -32.24 -37.41 72.59
N GLY G 148 -32.63 -36.28 73.17
CA GLY G 148 -32.16 -35.02 72.66
C GLY G 148 -32.18 -33.87 73.63
N CYS G 149 -32.07 -32.69 73.07
CA CYS G 149 -32.09 -31.46 73.81
C CYS G 149 -32.99 -30.48 73.11
N LEU G 150 -33.81 -29.80 73.92
CA LEU G 150 -34.68 -28.75 73.42
C LEU G 150 -33.97 -27.39 73.69
N VAL G 151 -33.73 -26.64 72.62
CA VAL G 151 -33.08 -25.32 72.72
C VAL G 151 -34.19 -24.31 72.49
N LYS G 152 -34.63 -23.70 73.58
CA LYS G 152 -35.84 -22.90 73.56
C LYS G 152 -35.70 -21.37 73.68
N ASP G 153 -36.45 -20.66 72.82
CA ASP G 153 -36.61 -19.21 72.87
C ASP G 153 -35.35 -18.34 72.80
N TYR G 154 -34.65 -18.42 71.68
CA TYR G 154 -33.47 -17.63 71.46
C TYR G 154 -33.60 -16.72 70.23
N PHE G 155 -32.71 -15.74 70.16
CA PHE G 155 -32.64 -14.82 69.03
C PHE G 155 -31.25 -14.23 69.05
N PRO G 156 -30.65 -14.00 67.89
CA PRO G 156 -31.05 -14.59 66.61
C PRO G 156 -30.41 -15.94 66.38
N GLU G 157 -30.66 -16.49 65.19
CA GLU G 157 -29.96 -17.69 64.77
C GLU G 157 -28.51 -17.23 64.54
N PRO G 158 -27.56 -18.16 64.54
CA PRO G 158 -27.80 -19.58 64.78
C PRO G 158 -27.41 -19.99 66.18
N VAL G 159 -27.62 -21.27 66.48
CA VAL G 159 -27.13 -21.89 67.69
C VAL G 159 -26.44 -23.18 67.22
N THR G 160 -25.30 -23.51 67.82
CA THR G 160 -24.62 -24.78 67.55
C THR G 160 -24.80 -25.74 68.70
N VAL G 161 -25.16 -26.98 68.38
CA VAL G 161 -25.26 -28.02 69.38
C VAL G 161 -24.28 -29.13 69.05
N SER G 162 -23.50 -29.54 70.05
CA SER G 162 -22.64 -30.70 69.89
C SER G 162 -23.03 -31.67 70.99
N TRP G 163 -22.49 -32.89 70.91
CA TRP G 163 -22.75 -33.92 71.92
C TRP G 163 -21.42 -34.51 72.37
N ASN G 164 -21.30 -34.68 73.69
CA ASN G 164 -20.09 -35.21 74.28
C ASN G 164 -18.85 -34.44 73.80
N SER G 165 -19.01 -33.12 73.73
CA SER G 165 -17.95 -32.18 73.36
C SER G 165 -17.34 -32.51 72.01
N GLY G 166 -18.19 -32.91 71.07
CA GLY G 166 -17.75 -33.23 69.71
C GLY G 166 -17.30 -34.66 69.46
N ALA G 167 -17.21 -35.47 70.53
CA ALA G 167 -16.81 -36.88 70.43
C ALA G 167 -17.87 -37.73 69.73
N LEU G 168 -19.15 -37.46 70.02
CA LEU G 168 -20.25 -38.23 69.46
C LEU G 168 -20.89 -37.49 68.29
N THR G 169 -20.71 -38.04 67.08
CA THR G 169 -21.24 -37.43 65.86
C THR G 169 -22.26 -38.31 65.14
N SER G 170 -21.96 -39.60 65.02
CA SER G 170 -22.87 -40.52 64.34
C SER G 170 -24.19 -40.54 65.08
N GLY G 171 -25.28 -40.53 64.32
CA GLY G 171 -26.63 -40.61 64.89
C GLY G 171 -27.19 -39.30 65.39
N VAL G 172 -26.48 -38.20 65.15
CA VAL G 172 -26.91 -36.89 65.62
C VAL G 172 -27.65 -36.17 64.50
N HIS G 173 -28.81 -35.62 64.85
CA HIS G 173 -29.62 -34.83 63.95
C HIS G 173 -30.12 -33.57 64.66
N THR G 174 -29.50 -32.44 64.34
CA THR G 174 -29.94 -31.17 64.85
C THR G 174 -30.88 -30.61 63.79
N PHE G 175 -32.11 -30.36 64.21
CA PHE G 175 -33.18 -29.94 63.31
C PHE G 175 -33.17 -28.44 63.05
N PRO G 176 -33.55 -28.04 61.84
CA PRO G 176 -33.71 -26.60 61.56
C PRO G 176 -34.68 -25.93 62.55
N ALA G 177 -34.34 -24.71 62.92
CA ALA G 177 -35.12 -23.94 63.86
C ALA G 177 -36.48 -23.59 63.35
N VAL G 178 -37.42 -23.53 64.30
CA VAL G 178 -38.75 -23.03 64.02
C VAL G 178 -38.72 -21.58 64.43
N LEU G 179 -39.32 -20.70 63.63
CA LEU G 179 -39.47 -19.30 64.01
C LEU G 179 -40.88 -19.13 64.55
N GLN G 180 -40.98 -18.92 65.86
CA GLN G 180 -42.26 -18.82 66.53
C GLN G 180 -42.93 -17.48 66.27
N SER G 181 -44.24 -17.42 66.52
CA SER G 181 -45.02 -16.20 66.34
C SER G 181 -44.47 -15.12 67.26
N SER G 182 -43.86 -15.55 68.36
CA SER G 182 -43.25 -14.63 69.31
C SER G 182 -42.07 -13.83 68.73
N GLY G 183 -41.52 -14.29 67.60
CA GLY G 183 -40.33 -13.70 67.02
C GLY G 183 -39.07 -14.40 67.51
N LEU G 184 -39.22 -15.38 68.40
CA LEU G 184 -38.07 -16.11 68.92
C LEU G 184 -38.02 -17.48 68.28
N TYR G 185 -36.85 -18.07 68.36
CA TYR G 185 -36.61 -19.34 67.72
C TYR G 185 -36.49 -20.45 68.75
N SER G 186 -36.79 -21.65 68.29
CA SER G 186 -36.51 -22.88 69.03
C SER G 186 -36.01 -23.95 68.08
N LEU G 187 -35.15 -24.80 68.59
CA LEU G 187 -34.74 -25.96 67.80
C LEU G 187 -34.53 -27.14 68.73
N SER G 188 -34.43 -28.32 68.15
CA SER G 188 -34.14 -29.53 68.88
C SER G 188 -33.02 -30.29 68.18
N SER G 189 -32.25 -31.01 68.98
CA SER G 189 -31.18 -31.84 68.47
C SER G 189 -31.34 -33.20 69.14
N VAL G 190 -31.42 -34.25 68.31
CA VAL G 190 -31.61 -35.61 68.77
C VAL G 190 -30.47 -36.50 68.36
N VAL G 191 -30.07 -37.37 69.27
CA VAL G 191 -29.07 -38.37 69.01
C VAL G 191 -29.70 -39.75 69.19
N THR G 192 -29.68 -40.55 68.13
CA THR G 192 -30.20 -41.89 68.24
C THR G 192 -29.01 -42.80 68.56
N VAL G 193 -29.16 -43.59 69.62
CA VAL G 193 -28.08 -44.45 70.09
C VAL G 193 -28.60 -45.86 70.35
N PRO G 194 -27.71 -46.86 70.29
CA PRO G 194 -28.09 -48.24 70.62
C PRO G 194 -28.75 -48.26 71.99
N SER G 195 -29.85 -48.98 72.11
CA SER G 195 -30.63 -49.02 73.34
C SER G 195 -29.94 -49.81 74.45
N SER G 196 -28.96 -50.65 74.07
CA SER G 196 -28.17 -51.39 75.05
C SER G 196 -27.33 -50.41 75.90
N SER G 197 -26.67 -49.47 75.23
CA SER G 197 -25.80 -48.48 75.90
C SER G 197 -26.53 -47.27 76.51
N LEU G 198 -27.28 -47.50 77.58
CA LEU G 198 -27.92 -46.45 78.37
C LEU G 198 -27.52 -46.66 79.82
N GLY G 199 -27.04 -45.59 80.48
CA GLY G 199 -26.51 -45.72 81.84
C GLY G 199 -25.17 -46.43 81.79
N THR G 200 -24.49 -46.23 80.66
CA THR G 200 -23.15 -46.76 80.40
C THR G 200 -22.28 -45.59 79.94
N GLN G 201 -22.72 -44.94 78.86
CA GLN G 201 -22.07 -43.75 78.37
C GLN G 201 -22.94 -42.56 78.80
N THR G 202 -22.31 -41.44 79.12
CA THR G 202 -23.04 -40.24 79.50
C THR G 202 -23.37 -39.49 78.23
N TYR G 203 -24.53 -38.85 78.20
CA TYR G 203 -24.98 -38.06 77.06
C TYR G 203 -25.19 -36.61 77.48
N ILE G 204 -24.40 -35.72 76.88
CA ILE G 204 -24.46 -34.28 77.16
C ILE G 204 -24.49 -33.47 75.87
N CYS G 205 -25.53 -32.66 75.71
CA CYS G 205 -25.58 -31.70 74.61
C CYS G 205 -24.88 -30.44 75.07
N ASN G 206 -24.08 -29.88 74.19
CA ASN G 206 -23.32 -28.67 74.44
C ASN G 206 -23.95 -27.64 73.54
N VAL G 207 -24.73 -26.74 74.12
CA VAL G 207 -25.41 -25.73 73.34
C VAL G 207 -24.56 -24.45 73.36
N ASN G 208 -24.25 -23.90 72.18
CA ASN G 208 -23.55 -22.61 72.09
C ASN G 208 -24.34 -21.64 71.21
N HIS G 209 -24.88 -20.60 71.85
CA HIS G 209 -25.54 -19.50 71.17
C HIS G 209 -24.55 -18.32 71.27
N LYS G 210 -23.67 -18.27 70.29
CA LYS G 210 -22.62 -17.28 70.26
C LYS G 210 -23.12 -15.83 70.28
N PRO G 211 -24.20 -15.51 69.56
CA PRO G 211 -24.70 -14.13 69.58
C PRO G 211 -24.95 -13.55 70.97
N SER G 212 -25.28 -14.39 71.96
CA SER G 212 -25.52 -13.93 73.34
C SER G 212 -24.49 -14.48 74.33
N ASN G 213 -23.40 -15.06 73.82
CA ASN G 213 -22.38 -15.68 74.67
C ASN G 213 -23.02 -16.70 75.61
N THR G 214 -24.02 -17.42 75.12
CA THR G 214 -24.71 -18.43 75.94
C THR G 214 -24.25 -19.86 75.62
N LYS G 215 -23.62 -20.49 76.60
CA LYS G 215 -23.10 -21.85 76.46
C LYS G 215 -23.71 -22.68 77.57
N VAL G 216 -24.52 -23.65 77.21
CA VAL G 216 -25.16 -24.52 78.20
C VAL G 216 -24.89 -25.99 77.90
N ASP G 217 -24.48 -26.73 78.92
CA ASP G 217 -24.28 -28.18 78.79
C ASP G 217 -25.38 -28.82 79.59
N LYS G 218 -26.03 -29.81 78.98
CA LYS G 218 -27.17 -30.46 79.60
C LYS G 218 -27.01 -31.97 79.55
N LYS G 219 -26.97 -32.60 80.73
CA LYS G 219 -26.92 -34.05 80.79
C LYS G 219 -28.32 -34.50 80.41
N VAL G 220 -28.42 -35.56 79.63
CA VAL G 220 -29.70 -36.12 79.22
C VAL G 220 -29.78 -37.57 79.74
N GLU G 221 -30.56 -37.78 80.79
CA GLU G 221 -30.69 -39.08 81.43
C GLU G 221 -32.05 -39.72 81.15
N PRO G 222 -32.14 -41.05 81.22
CA PRO G 222 -33.42 -41.73 81.06
C PRO G 222 -34.26 -41.62 82.33
N LYS G 223 -34.49 -40.40 82.80
CA LYS G 223 -35.19 -40.18 84.08
C LYS G 223 -36.70 -39.92 83.94
N GLU H 1 25.70 19.28 -50.18
CA GLU H 1 25.26 18.72 -48.86
C GLU H 1 23.93 17.98 -49.02
N VAL H 2 22.82 18.62 -48.61
CA VAL H 2 21.50 18.03 -48.74
C VAL H 2 21.03 18.21 -50.18
N GLN H 3 20.51 17.14 -50.78
CA GLN H 3 20.05 17.19 -52.15
C GLN H 3 18.84 16.26 -52.41
N LEU H 4 18.00 16.70 -53.35
CA LEU H 4 16.88 15.91 -53.86
C LEU H 4 16.98 16.04 -55.36
N VAL H 5 17.17 14.94 -56.06
CA VAL H 5 17.36 14.98 -57.51
C VAL H 5 16.30 14.12 -58.17
N GLU H 6 15.44 14.76 -58.96
CA GLU H 6 14.34 14.08 -59.64
C GLU H 6 14.72 13.59 -61.03
N SER H 7 14.08 12.51 -61.45
CA SER H 7 14.29 11.96 -62.79
C SER H 7 13.06 11.19 -63.26
N GLY H 8 13.03 10.90 -64.57
CA GLY H 8 11.95 10.16 -65.18
C GLY H 8 11.00 11.00 -66.02
N GLY H 9 11.19 12.32 -66.03
CA GLY H 9 10.28 13.21 -66.78
C GLY H 9 10.36 13.04 -68.29
N GLY H 10 9.30 13.41 -69.00
CA GLY H 10 9.32 13.31 -70.45
C GLY H 10 7.96 13.61 -71.07
N LEU H 11 7.86 13.39 -72.38
CA LEU H 11 6.60 13.60 -73.07
C LEU H 11 5.93 12.25 -73.27
N VAL H 12 4.63 12.20 -73.05
CA VAL H 12 3.82 11.01 -73.33
C VAL H 12 2.44 11.47 -73.77
N GLN H 13 1.69 10.60 -74.42
CA GLN H 13 0.35 10.92 -74.87
C GLN H 13 -0.65 10.71 -73.73
N PRO H 14 -1.81 11.36 -73.78
CA PRO H 14 -2.85 11.15 -72.80
C PRO H 14 -3.16 9.65 -72.67
N GLY H 15 -3.47 9.22 -71.44
CA GLY H 15 -3.77 7.81 -71.18
C GLY H 15 -2.57 6.95 -70.82
N ARG H 16 -1.39 7.37 -71.24
CA ARG H 16 -0.16 6.63 -70.97
C ARG H 16 0.34 6.86 -69.55
N SER H 17 1.43 6.17 -69.23
CA SER H 17 2.02 6.19 -67.89
C SER H 17 3.45 6.70 -67.85
N LEU H 18 3.91 7.01 -66.66
CA LEU H 18 5.25 7.51 -66.45
C LEU H 18 5.59 7.30 -64.97
N ARG H 19 6.84 6.98 -64.68
CA ARG H 19 7.30 6.83 -63.29
C ARG H 19 8.40 7.83 -62.95
N LEU H 20 8.13 8.73 -62.01
CA LEU H 20 9.16 9.66 -61.55
C LEU H 20 9.89 9.08 -60.36
N SER H 21 11.16 9.46 -60.22
CA SER H 21 12.05 9.05 -59.13
C SER H 21 12.76 10.26 -58.52
N CYS H 22 13.17 10.14 -57.27
CA CYS H 22 13.89 11.21 -56.54
C CYS H 22 14.92 10.57 -55.64
N ALA H 23 16.18 10.89 -55.89
CA ALA H 23 17.28 10.41 -55.08
C ALA H 23 17.57 11.44 -53.99
N ALA H 24 17.55 10.99 -52.73
CA ALA H 24 17.83 11.86 -51.58
C ALA H 24 19.21 11.58 -50.99
N SER H 25 19.86 12.63 -50.49
CA SER H 25 21.16 12.50 -49.83
C SER H 25 21.39 13.67 -48.87
N GLY H 26 22.30 13.48 -47.91
CA GLY H 26 22.64 14.56 -46.97
C GLY H 26 21.83 14.63 -45.69
N PHE H 27 20.86 13.73 -45.52
CA PHE H 27 20.04 13.65 -44.33
C PHE H 27 19.45 12.25 -44.15
N THR H 28 18.97 11.99 -42.92
CA THR H 28 18.37 10.71 -42.58
C THR H 28 16.96 10.62 -43.17
N PHE H 29 16.92 10.09 -44.38
CA PHE H 29 15.68 10.01 -45.18
C PHE H 29 14.47 9.46 -44.44
N ASP H 30 14.64 8.32 -43.79
CA ASP H 30 13.50 7.64 -43.14
C ASP H 30 12.95 8.31 -41.88
N ASP H 31 13.53 9.44 -41.47
CA ASP H 31 12.98 10.24 -40.38
C ASP H 31 12.04 11.32 -40.89
N TYR H 32 11.99 11.51 -42.21
CA TYR H 32 11.21 12.61 -42.78
C TYR H 32 10.11 12.20 -43.74
N ALA H 33 9.00 12.93 -43.68
CA ALA H 33 7.96 12.84 -44.69
C ALA H 33 8.55 13.37 -46.00
N MET H 34 7.99 12.91 -47.12
CA MET H 34 8.40 13.34 -48.44
C MET H 34 7.14 13.67 -49.25
N HIS H 35 7.30 14.56 -50.23
CA HIS H 35 6.21 15.02 -51.06
C HIS H 35 6.56 15.21 -52.54
N TRP H 36 5.51 15.29 -53.35
CA TRP H 36 5.61 15.75 -54.76
C TRP H 36 4.69 16.95 -54.87
N VAL H 37 5.22 18.00 -55.49
CA VAL H 37 4.51 19.25 -55.70
C VAL H 37 4.78 19.61 -57.15
N ARG H 38 3.77 20.02 -57.87
CA ARG H 38 3.95 20.32 -59.29
C ARG H 38 3.56 21.76 -59.61
N GLN H 39 4.10 22.25 -60.73
CA GLN H 39 3.87 23.60 -61.18
C GLN H 39 3.65 23.61 -62.71
N ALA H 40 2.40 23.75 -63.11
CA ALA H 40 2.04 23.80 -64.54
C ALA H 40 2.65 25.06 -65.14
N PRO H 41 3.01 25.04 -66.42
CA PRO H 41 3.67 26.17 -67.07
C PRO H 41 2.98 27.51 -66.80
N GLY H 42 3.78 28.48 -66.37
CA GLY H 42 3.27 29.80 -66.02
C GLY H 42 2.31 29.88 -64.84
N LYS H 43 2.09 28.78 -64.10
CA LYS H 43 1.10 28.74 -63.00
C LYS H 43 1.75 28.56 -61.62
N GLY H 44 0.90 28.35 -60.59
CA GLY H 44 1.33 28.21 -59.21
C GLY H 44 1.66 26.79 -58.78
N LEU H 45 1.90 26.64 -57.49
CA LEU H 45 2.25 25.38 -56.90
C LEU H 45 0.98 24.60 -56.51
N GLU H 46 1.01 23.30 -56.78
CA GLU H 46 -0.09 22.38 -56.47
C GLU H 46 0.51 21.13 -55.89
N TRP H 47 0.18 20.89 -54.63
CA TRP H 47 0.56 19.65 -53.93
C TRP H 47 -0.05 18.47 -54.65
N VAL H 48 0.76 17.43 -54.83
CA VAL H 48 0.36 16.26 -55.59
C VAL H 48 0.06 15.13 -54.62
N SER H 49 1.07 14.75 -53.85
CA SER H 49 0.97 13.64 -52.91
C SER H 49 2.06 13.71 -51.86
N GLY H 50 1.77 13.06 -50.73
CA GLY H 50 2.66 13.07 -49.58
C GLY H 50 2.70 11.72 -48.91
N ILE H 51 3.88 11.34 -48.42
CA ILE H 51 4.08 10.07 -47.71
C ILE H 51 4.91 10.27 -46.43
N SER H 52 4.38 9.78 -45.29
CA SER H 52 5.07 9.90 -44.01
C SER H 52 6.31 9.00 -43.92
N TRP H 53 7.15 9.31 -42.94
CA TRP H 53 8.46 8.65 -42.71
C TRP H 53 8.52 7.14 -42.96
N ASN H 54 7.55 6.41 -42.46
CA ASN H 54 7.53 4.95 -42.51
C ASN H 54 6.44 4.40 -43.43
N SER H 55 5.92 5.27 -44.30
CA SER H 55 4.82 4.95 -45.24
C SER H 55 3.45 4.69 -44.58
N GLY H 56 3.34 4.95 -43.28
CA GLY H 56 2.11 4.64 -42.50
C GLY H 56 0.85 5.46 -42.82
N SER H 57 1.08 6.61 -43.43
CA SER H 57 -0.01 7.47 -43.87
C SER H 57 0.44 8.08 -45.19
N ILE H 58 -0.52 8.16 -46.12
CA ILE H 58 -0.29 8.62 -47.47
C ILE H 58 -1.47 9.50 -47.89
N GLY H 59 -1.16 10.61 -48.55
CA GLY H 59 -2.16 11.55 -49.05
C GLY H 59 -2.00 11.86 -50.52
N TYR H 60 -3.11 12.21 -51.15
CA TYR H 60 -3.17 12.51 -52.55
C TYR H 60 -4.08 13.69 -52.75
N ALA H 61 -3.70 14.58 -53.66
CA ALA H 61 -4.61 15.63 -54.09
C ALA H 61 -5.75 14.93 -54.85
N ASP H 62 -6.96 15.46 -54.70
CA ASP H 62 -8.15 14.91 -55.35
C ASP H 62 -7.98 14.83 -56.85
N SER H 63 -7.26 15.81 -57.41
CA SER H 63 -6.99 15.86 -58.85
C SER H 63 -6.22 14.65 -59.39
N VAL H 64 -5.51 13.92 -58.53
CA VAL H 64 -4.70 12.76 -58.97
C VAL H 64 -5.05 11.42 -58.29
N LYS H 65 -6.01 11.44 -57.37
CA LYS H 65 -6.44 10.23 -56.66
C LYS H 65 -6.89 9.17 -57.61
N GLY H 66 -6.48 7.94 -57.32
CA GLY H 66 -6.83 6.80 -58.15
C GLY H 66 -5.95 6.61 -59.38
N ARG H 67 -5.13 7.60 -59.73
CA ARG H 67 -4.26 7.53 -60.91
C ARG H 67 -2.76 7.56 -60.59
N PHE H 68 -2.40 8.33 -59.55
CA PHE H 68 -1.00 8.49 -59.11
C PHE H 68 -0.79 7.70 -57.81
N THR H 69 0.38 7.09 -57.68
CA THR H 69 0.72 6.31 -56.46
C THR H 69 2.10 6.74 -55.96
N ILE H 70 2.18 7.22 -54.73
CA ILE H 70 3.47 7.61 -54.14
C ILE H 70 4.04 6.42 -53.35
N SER H 71 5.36 6.34 -53.28
CA SER H 71 6.03 5.28 -52.53
C SER H 71 7.44 5.72 -52.24
N ARG H 72 8.08 4.99 -51.33
CA ARG H 72 9.45 5.30 -50.94
C ARG H 72 10.19 4.05 -50.55
N ASP H 73 11.49 4.08 -50.83
CA ASP H 73 12.41 3.00 -50.52
C ASP H 73 13.42 3.58 -49.52
N ASN H 74 13.18 3.32 -48.24
CA ASN H 74 14.06 3.84 -47.18
C ASN H 74 15.46 3.20 -47.09
N ALA H 75 15.66 2.10 -47.81
CA ALA H 75 16.97 1.45 -47.86
C ALA H 75 17.83 2.14 -48.92
N LYS H 76 17.21 2.48 -50.06
CA LYS H 76 17.91 3.18 -51.15
C LYS H 76 17.73 4.69 -51.13
N ASN H 77 17.04 5.22 -50.13
CA ASN H 77 16.79 6.67 -50.04
C ASN H 77 16.16 7.25 -51.32
N SER H 78 15.05 6.68 -51.74
CA SER H 78 14.40 7.14 -52.95
C SER H 78 12.90 7.32 -52.77
N LEU H 79 12.38 8.32 -53.48
CA LEU H 79 10.96 8.62 -53.52
C LEU H 79 10.49 8.40 -54.94
N TYR H 80 9.31 7.80 -55.07
CA TYR H 80 8.73 7.47 -56.36
C TYR H 80 7.32 7.99 -56.59
N LEU H 81 6.99 8.21 -57.86
CA LEU H 81 5.66 8.63 -58.25
C LEU H 81 5.26 7.97 -59.55
N GLN H 82 4.38 6.98 -59.43
CA GLN H 82 3.84 6.23 -60.54
C GLN H 82 2.62 6.95 -61.04
N MET H 83 2.76 7.56 -62.21
CA MET H 83 1.69 8.34 -62.80
C MET H 83 0.97 7.57 -63.91
N ASN H 84 -0.26 7.16 -63.65
CA ASN H 84 -1.11 6.49 -64.66
C ASN H 84 -2.19 7.43 -65.20
N SER H 85 -2.75 7.03 -66.34
CA SER H 85 -3.85 7.73 -67.00
C SER H 85 -3.63 9.22 -67.05
N LEU H 86 -2.47 9.61 -67.53
CA LEU H 86 -2.10 11.01 -67.63
C LEU H 86 -3.03 11.83 -68.51
N ARG H 87 -3.25 13.06 -68.08
CA ARG H 87 -4.09 14.04 -68.76
C ARG H 87 -3.21 15.20 -69.17
N ALA H 88 -3.70 15.97 -70.14
CA ALA H 88 -3.00 17.15 -70.62
C ALA H 88 -2.67 18.08 -69.45
N GLU H 89 -3.60 18.18 -68.50
CA GLU H 89 -3.43 19.06 -67.36
C GLU H 89 -2.52 18.52 -66.24
N ASP H 90 -1.94 17.33 -66.41
CA ASP H 90 -0.90 16.82 -65.52
C ASP H 90 0.48 17.38 -65.92
N THR H 91 0.56 17.92 -67.15
CA THR H 91 1.73 18.64 -67.66
C THR H 91 2.24 19.67 -66.66
N ALA H 92 3.49 19.48 -66.23
CA ALA H 92 4.09 20.36 -65.22
C ALA H 92 5.53 19.99 -64.90
N VAL H 93 6.13 20.86 -64.09
CA VAL H 93 7.39 20.58 -63.44
C VAL H 93 6.96 19.91 -62.13
N TYR H 94 7.55 18.76 -61.83
CA TYR H 94 7.27 18.00 -60.64
C TYR H 94 8.44 18.07 -59.71
N TYR H 95 8.24 18.65 -58.52
CA TYR H 95 9.30 18.76 -57.55
C TYR H 95 9.18 17.67 -56.51
N CYS H 96 10.33 17.21 -56.09
CA CYS H 96 10.47 16.30 -54.98
C CYS H 96 10.81 17.21 -53.81
N ALA H 97 10.12 17.05 -52.68
CA ALA H 97 10.36 17.87 -51.52
C ALA H 97 10.27 17.10 -50.23
N ARG H 98 11.08 17.51 -49.27
CA ARG H 98 11.06 16.94 -47.96
C ARG H 98 10.17 17.77 -47.02
N GLY H 99 9.41 17.08 -46.16
CA GLY H 99 8.57 17.71 -45.16
C GLY H 99 9.36 17.87 -43.87
N ARG H 100 9.11 18.95 -43.12
CA ARG H 100 9.87 19.28 -41.91
C ARG H 100 9.80 18.31 -40.74
N GLY H 101 8.94 17.31 -40.80
CA GLY H 101 8.82 16.37 -39.70
C GLY H 101 8.63 15.00 -40.26
N PHE H 102 8.29 14.06 -39.38
CA PHE H 102 8.02 12.67 -39.70
C PHE H 102 6.75 12.45 -40.55
N HIS H 103 5.78 13.35 -40.46
CA HIS H 103 4.46 13.15 -41.08
C HIS H 103 4.17 14.06 -42.27
N TYR H 104 3.46 13.52 -43.27
CA TYR H 104 3.14 14.27 -44.52
C TYR H 104 2.13 15.40 -44.24
N TYR H 105 1.29 15.22 -43.23
CA TYR H 105 0.37 16.27 -42.82
C TYR H 105 1.08 17.33 -41.99
N TYR H 106 0.55 18.56 -42.01
CA TYR H 106 0.91 19.68 -41.10
C TYR H 106 2.28 20.35 -41.25
N TYR H 107 3.31 19.54 -41.38
CA TYR H 107 4.67 20.07 -41.50
C TYR H 107 5.02 20.44 -42.95
N GLY H 108 5.45 21.69 -43.12
CA GLY H 108 5.78 22.23 -44.43
C GLY H 108 7.00 21.62 -45.08
N MET H 109 7.23 22.04 -46.32
CA MET H 109 8.30 21.49 -47.15
C MET H 109 9.59 22.28 -47.05
N ASP H 110 10.60 21.71 -46.39
CA ASP H 110 11.80 22.48 -46.13
C ASP H 110 12.97 22.32 -47.09
N ILE H 111 12.93 21.28 -47.92
CA ILE H 111 13.95 21.13 -48.99
C ILE H 111 13.21 20.72 -50.24
N TRP H 112 13.68 21.25 -51.37
CA TRP H 112 13.06 20.98 -52.66
C TRP H 112 14.10 20.65 -53.71
N GLY H 113 13.83 19.65 -54.54
CA GLY H 113 14.71 19.36 -55.68
C GLY H 113 14.53 20.43 -56.76
N GLN H 114 15.20 20.27 -57.88
CA GLN H 114 15.13 21.26 -58.96
C GLN H 114 14.03 20.93 -59.99
N GLY H 115 13.45 19.75 -59.85
CA GLY H 115 12.32 19.33 -60.66
C GLY H 115 12.63 18.62 -61.96
N THR H 116 11.65 17.85 -62.42
CA THR H 116 11.72 17.16 -63.70
C THR H 116 10.41 17.47 -64.45
N THR H 117 10.54 17.72 -65.75
CA THR H 117 9.43 18.13 -66.60
C THR H 117 8.68 16.95 -67.18
N VAL H 118 7.35 17.01 -67.06
CA VAL H 118 6.44 16.03 -67.65
C VAL H 118 5.54 16.81 -68.59
N THR H 119 5.39 16.31 -69.82
CA THR H 119 4.52 16.91 -70.80
C THR H 119 3.59 15.81 -71.29
N VAL H 120 2.28 16.10 -71.30
CA VAL H 120 1.27 15.13 -71.74
C VAL H 120 0.49 15.75 -72.88
N SER H 121 0.68 15.22 -74.08
CA SER H 121 0.02 15.76 -75.26
C SER H 121 -0.06 14.70 -76.35
N SER H 122 -1.09 14.81 -77.17
CA SER H 122 -1.32 13.85 -78.25
C SER H 122 -0.91 14.47 -79.56
N ALA H 123 -0.34 15.67 -79.46
CA ALA H 123 0.12 16.38 -80.63
C ALA H 123 1.33 15.67 -81.24
N SER H 124 1.59 15.98 -82.49
CA SER H 124 2.75 15.43 -83.22
C SER H 124 4.04 16.06 -82.70
N THR H 125 5.18 15.43 -82.97
CA THR H 125 6.46 15.99 -82.59
C THR H 125 7.29 16.21 -83.84
N LYS H 126 8.22 17.14 -83.78
CA LYS H 126 9.14 17.39 -84.90
C LYS H 126 10.49 17.78 -84.34
N GLY H 127 11.50 16.99 -84.68
CA GLY H 127 12.86 17.24 -84.24
C GLY H 127 13.49 18.38 -85.04
N PRO H 128 14.42 19.11 -84.40
CA PRO H 128 15.08 20.25 -85.01
C PRO H 128 16.18 20.00 -86.02
N SER H 129 16.52 21.06 -86.74
CA SER H 129 17.63 21.05 -87.65
C SER H 129 18.64 21.95 -86.95
N VAL H 130 19.90 21.52 -86.90
CA VAL H 130 20.93 22.25 -86.16
C VAL H 130 22.01 22.79 -87.07
N PHE H 131 22.44 24.02 -86.80
CA PHE H 131 23.49 24.65 -87.60
C PHE H 131 24.50 25.32 -86.69
N PRO H 132 25.78 25.24 -87.04
CA PRO H 132 26.82 25.86 -86.26
C PRO H 132 26.85 27.34 -86.53
N LEU H 133 27.06 28.13 -85.48
CA LEU H 133 27.17 29.56 -85.58
C LEU H 133 28.60 29.92 -85.25
N ALA H 134 29.34 30.36 -86.26
CA ALA H 134 30.73 30.69 -86.09
C ALA H 134 30.96 32.19 -86.25
N PRO H 135 31.84 32.74 -85.41
CA PRO H 135 32.18 34.16 -85.49
C PRO H 135 33.05 34.49 -86.72
N SER H 136 33.48 35.73 -86.82
CA SER H 136 34.43 36.13 -87.84
C SER H 136 35.15 37.29 -87.22
N SER H 137 35.52 38.28 -88.06
CA SER H 137 36.12 39.56 -87.65
C SER H 137 35.34 40.29 -86.52
N LYS H 138 34.34 39.59 -85.98
CA LYS H 138 33.50 40.04 -84.86
C LYS H 138 34.12 39.72 -83.51
N SER H 139 35.19 38.93 -83.51
CA SER H 139 35.94 38.59 -82.31
C SER H 139 36.69 39.85 -81.85
N THR H 140 36.38 40.32 -80.64
CA THR H 140 36.85 41.60 -80.14
C THR H 140 38.24 41.55 -79.50
N SER H 141 38.87 42.74 -79.42
CA SER H 141 40.14 42.92 -78.74
C SER H 141 40.09 42.55 -77.23
N GLY H 142 38.96 41.98 -76.80
CA GLY H 142 38.77 41.52 -75.42
C GLY H 142 39.06 40.04 -75.22
N GLY H 143 39.76 39.43 -76.19
CA GLY H 143 40.21 38.04 -76.08
C GLY H 143 39.18 36.92 -76.05
N THR H 144 37.91 37.22 -76.32
CA THR H 144 36.88 36.18 -76.33
C THR H 144 36.11 36.12 -77.62
N ALA H 145 35.59 34.92 -77.90
CA ALA H 145 34.81 34.65 -79.09
C ALA H 145 33.51 33.99 -78.69
N ALA H 146 32.43 34.33 -79.38
CA ALA H 146 31.14 33.67 -79.16
C ALA H 146 30.87 32.63 -80.25
N LEU H 147 30.76 31.37 -79.86
CA LEU H 147 30.39 30.30 -80.78
C LEU H 147 28.97 29.87 -80.44
N GLY H 148 28.27 29.26 -81.36
CA GLY H 148 26.92 28.80 -81.04
C GLY H 148 26.32 27.80 -82.00
N CYS H 149 25.11 27.39 -81.66
CA CYS H 149 24.31 26.49 -82.46
C CYS H 149 22.90 27.03 -82.59
N LEU H 150 22.39 27.04 -83.82
CA LEU H 150 21.02 27.44 -84.14
C LEU H 150 20.16 26.17 -84.21
N VAL H 151 19.19 26.07 -83.32
CA VAL H 151 18.29 24.89 -83.25
C VAL H 151 16.95 25.33 -83.82
N LYS H 152 16.68 24.82 -85.00
CA LYS H 152 15.60 25.32 -85.81
C LYS H 152 14.42 24.38 -85.96
N ASP H 153 13.23 24.97 -86.05
CA ASP H 153 12.02 24.26 -86.47
C ASP H 153 11.67 22.97 -85.72
N TYR H 154 11.56 23.03 -84.40
CA TYR H 154 11.16 21.86 -83.60
C TYR H 154 9.83 22.07 -82.92
N PHE H 155 9.25 20.99 -82.41
CA PHE H 155 7.97 21.05 -81.70
C PHE H 155 7.70 19.73 -80.97
N PRO H 156 7.20 19.78 -79.75
CA PRO H 156 7.05 20.99 -78.93
C PRO H 156 8.30 21.36 -78.17
N GLU H 157 8.19 22.31 -77.24
CA GLU H 157 9.25 22.55 -76.28
C GLU H 157 9.30 21.31 -75.36
N PRO H 158 10.44 21.06 -74.72
CA PRO H 158 11.65 21.90 -74.88
C PRO H 158 12.83 21.16 -75.52
N VAL H 159 13.87 21.92 -75.83
CA VAL H 159 15.14 21.39 -76.30
C VAL H 159 16.15 21.69 -75.23
N THR H 160 17.10 20.81 -75.00
CA THR H 160 18.22 21.16 -74.11
C THR H 160 19.48 21.22 -74.94
N VAL H 161 20.46 21.98 -74.49
CA VAL H 161 21.72 22.10 -75.22
C VAL H 161 22.87 22.12 -74.23
N SER H 162 23.79 21.17 -74.38
CA SER H 162 25.02 21.15 -73.63
C SER H 162 26.17 21.39 -74.60
N TRP H 163 27.37 21.65 -74.05
CA TRP H 163 28.56 21.91 -74.86
C TRP H 163 29.68 20.97 -74.41
N ASN H 164 30.21 20.21 -75.36
CA ASN H 164 31.26 19.23 -75.06
C ASN H 164 30.84 18.29 -73.91
N SER H 165 29.57 17.93 -73.92
CA SER H 165 28.99 17.02 -72.93
C SER H 165 29.08 17.53 -71.48
N GLY H 166 28.95 18.84 -71.30
CA GLY H 166 29.01 19.47 -69.98
C GLY H 166 30.42 19.78 -69.51
N ALA H 167 31.39 19.65 -70.41
CA ALA H 167 32.80 19.89 -70.07
C ALA H 167 33.16 21.36 -69.99
N LEU H 168 32.37 22.22 -70.60
CA LEU H 168 32.71 23.65 -70.59
C LEU H 168 32.31 24.31 -69.29
N THR H 169 33.31 24.93 -68.65
CA THR H 169 33.18 25.45 -67.32
C THR H 169 32.54 26.83 -67.14
N SER H 170 32.27 27.52 -68.24
CA SER H 170 31.67 28.84 -68.17
C SER H 170 31.22 29.31 -69.55
N GLY H 171 30.54 30.45 -69.57
CA GLY H 171 30.17 31.09 -70.83
C GLY H 171 29.06 30.50 -71.66
N VAL H 172 28.39 29.46 -71.16
CA VAL H 172 27.27 28.84 -71.86
C VAL H 172 25.93 29.55 -71.57
N HIS H 173 25.21 29.93 -72.63
CA HIS H 173 23.90 30.55 -72.48
C HIS H 173 22.94 30.07 -73.58
N THR H 174 22.04 29.16 -73.22
CA THR H 174 21.00 28.66 -74.13
C THR H 174 19.83 29.62 -73.93
N PHE H 175 19.37 30.25 -75.01
CA PHE H 175 18.33 31.27 -74.90
C PHE H 175 16.94 30.69 -74.97
N PRO H 176 15.97 31.39 -74.36
CA PRO H 176 14.58 31.00 -74.53
C PRO H 176 14.21 31.03 -76.01
N ALA H 177 13.38 30.05 -76.37
CA ALA H 177 12.99 29.80 -77.72
C ALA H 177 12.03 30.84 -78.26
N VAL H 178 12.04 31.01 -79.58
CA VAL H 178 11.08 31.87 -80.25
C VAL H 178 9.98 30.97 -80.82
N LEU H 179 8.72 31.40 -80.65
CA LEU H 179 7.59 30.76 -81.32
C LEU H 179 7.43 31.50 -82.66
N GLN H 180 7.53 30.75 -83.76
CA GLN H 180 7.49 31.27 -85.12
C GLN H 180 6.04 31.26 -85.58
N SER H 181 5.74 32.09 -86.58
CA SER H 181 4.41 32.11 -87.19
C SER H 181 3.98 30.73 -87.65
N SER H 182 4.94 29.88 -88.01
CA SER H 182 4.65 28.51 -88.49
C SER H 182 4.10 27.55 -87.41
N GLY H 183 4.24 27.90 -86.14
CA GLY H 183 3.82 27.03 -85.06
C GLY H 183 5.01 26.26 -84.50
N LEU H 184 6.15 26.29 -85.22
CA LEU H 184 7.35 25.63 -84.71
C LEU H 184 8.15 26.62 -83.87
N TYR H 185 9.03 26.11 -83.02
CA TYR H 185 9.95 26.90 -82.21
C TYR H 185 11.36 26.86 -82.79
N SER H 186 12.16 27.84 -82.39
CA SER H 186 13.60 27.84 -82.66
C SER H 186 14.33 28.43 -81.47
N LEU H 187 15.55 27.97 -81.25
CA LEU H 187 16.38 28.57 -80.21
C LEU H 187 17.84 28.53 -80.61
N SER H 188 18.64 29.24 -79.82
CA SER H 188 20.07 29.29 -80.01
C SER H 188 20.75 29.15 -78.66
N SER H 189 21.92 28.52 -78.68
CA SER H 189 22.78 28.40 -77.54
C SER H 189 24.11 28.96 -77.94
N VAL H 190 24.63 29.88 -77.15
CA VAL H 190 25.92 30.50 -77.41
C VAL H 190 26.86 30.12 -76.29
N VAL H 191 28.13 30.01 -76.62
CA VAL H 191 29.15 29.77 -75.62
C VAL H 191 30.30 30.69 -75.93
N THR H 192 30.73 31.42 -74.90
CA THR H 192 31.82 32.38 -74.97
C THR H 192 33.09 31.67 -74.57
N VAL H 193 34.10 31.75 -75.43
CA VAL H 193 35.33 31.00 -75.29
C VAL H 193 36.52 31.91 -75.55
N PRO H 194 37.72 31.48 -75.17
CA PRO H 194 38.91 32.27 -75.45
C PRO H 194 39.18 32.29 -76.95
N SER H 195 39.52 33.46 -77.46
CA SER H 195 39.88 33.66 -78.86
C SER H 195 41.06 32.80 -79.26
N SER H 196 42.07 32.79 -78.40
CA SER H 196 43.28 32.01 -78.63
C SER H 196 43.06 30.49 -78.68
N SER H 197 41.88 30.01 -78.30
CA SER H 197 41.58 28.57 -78.30
C SER H 197 41.02 28.10 -79.65
N LEU H 198 40.53 29.04 -80.45
CA LEU H 198 40.04 28.70 -81.78
C LEU H 198 41.24 28.12 -82.50
N GLY H 199 41.12 26.89 -83.00
CA GLY H 199 42.26 26.22 -83.62
C GLY H 199 43.03 25.31 -82.66
N THR H 200 42.73 25.40 -81.36
CA THR H 200 43.32 24.52 -80.36
C THR H 200 42.23 23.61 -79.71
N GLN H 201 41.06 24.18 -79.43
CA GLN H 201 39.99 23.42 -78.83
C GLN H 201 38.90 23.12 -79.84
N THR H 202 38.21 22.01 -79.62
CA THR H 202 37.08 21.60 -80.42
C THR H 202 35.84 21.90 -79.61
N TYR H 203 34.86 22.51 -80.26
CA TYR H 203 33.58 22.85 -79.61
C TYR H 203 32.45 22.15 -80.35
N ILE H 204 31.61 21.46 -79.59
CA ILE H 204 30.51 20.67 -80.12
C ILE H 204 29.28 20.91 -79.26
N CYS H 205 28.21 21.43 -79.85
CA CYS H 205 26.95 21.51 -79.12
C CYS H 205 26.22 20.18 -79.25
N ASN H 206 25.65 19.75 -78.11
CA ASN H 206 24.90 18.51 -78.01
C ASN H 206 23.46 18.95 -77.86
N VAL H 207 22.65 18.68 -78.88
CA VAL H 207 21.27 19.13 -78.86
C VAL H 207 20.34 17.97 -78.60
N ASN H 208 19.54 18.11 -77.56
CA ASN H 208 18.60 17.04 -77.18
C ASN H 208 17.16 17.54 -77.21
N HIS H 209 16.38 17.01 -78.15
CA HIS H 209 14.94 17.27 -78.21
C HIS H 209 14.24 15.95 -77.85
N LYS H 210 14.09 15.73 -76.55
CA LYS H 210 13.47 14.51 -76.01
C LYS H 210 12.06 14.18 -76.55
N PRO H 211 11.18 15.17 -76.73
CA PRO H 211 9.86 14.92 -77.33
C PRO H 211 9.87 14.12 -78.65
N SER H 212 10.87 14.35 -79.49
CA SER H 212 10.97 13.61 -80.77
C SER H 212 12.05 12.53 -80.79
N ASN H 213 12.68 12.25 -79.66
CA ASN H 213 13.78 11.28 -79.57
C ASN H 213 14.92 11.65 -80.50
N THR H 214 15.21 12.94 -80.54
CA THR H 214 16.22 13.52 -81.42
C THR H 214 17.42 14.03 -80.62
N LYS H 215 18.61 13.59 -81.02
CA LYS H 215 19.87 14.07 -80.48
C LYS H 215 20.78 14.43 -81.64
N VAL H 216 21.32 15.64 -81.63
CA VAL H 216 22.23 16.09 -82.67
C VAL H 216 23.46 16.70 -82.02
N ASP H 217 24.63 16.22 -82.43
CA ASP H 217 25.92 16.78 -82.04
C ASP H 217 26.41 17.57 -83.25
N LYS H 218 26.73 18.85 -83.03
CA LYS H 218 27.18 19.72 -84.12
C LYS H 218 28.48 20.39 -83.74
N LYS H 219 29.56 20.04 -84.43
CA LYS H 219 30.87 20.68 -84.23
C LYS H 219 30.82 22.10 -84.80
N VAL H 220 31.37 23.05 -84.05
CA VAL H 220 31.37 24.46 -84.48
C VAL H 220 32.80 24.94 -84.69
N GLU H 221 33.18 25.05 -85.96
CA GLU H 221 34.53 25.49 -86.30
C GLU H 221 34.50 26.93 -86.76
N PRO H 222 35.59 27.65 -86.53
CA PRO H 222 35.70 29.00 -87.06
C PRO H 222 35.87 28.88 -88.56
N LYS H 223 35.12 29.67 -89.32
CA LYS H 223 35.28 29.67 -90.78
C LYS H 223 36.41 30.63 -91.19
N SER I 1 -22.89 -2.14 35.70
CA SER I 1 -22.88 -3.46 36.42
C SER I 1 -23.00 -4.66 35.46
N TYR I 2 -22.06 -5.61 35.56
CA TYR I 2 -22.04 -6.77 34.65
C TYR I 2 -22.95 -7.84 35.22
N VAL I 3 -23.79 -8.44 34.36
CA VAL I 3 -24.82 -9.37 34.79
C VAL I 3 -24.68 -10.78 34.18
N LEU I 4 -24.85 -11.78 35.06
CA LEU I 4 -24.86 -13.20 34.69
C LEU I 4 -26.25 -13.71 35.01
N THR I 5 -26.86 -14.44 34.07
CA THR I 5 -28.22 -14.91 34.19
C THR I 5 -28.27 -16.43 34.20
N GLN I 6 -28.83 -16.98 35.28
CA GLN I 6 -29.08 -18.43 35.43
C GLN I 6 -30.55 -18.69 35.59
N PRO I 7 -31.05 -19.79 35.05
CA PRO I 7 -32.45 -20.13 35.31
C PRO I 7 -32.54 -20.51 36.79
N PRO I 8 -33.59 -20.10 37.48
CA PRO I 8 -33.67 -20.39 38.92
C PRO I 8 -33.80 -21.89 39.25
N SER I 9 -34.34 -22.65 38.30
CA SER I 9 -34.57 -24.08 38.48
C SER I 9 -34.26 -24.91 37.24
N VAL I 10 -33.56 -26.02 37.48
CA VAL I 10 -33.37 -27.10 36.50
C VAL I 10 -33.75 -28.44 37.16
N SER I 11 -34.68 -29.17 36.54
CA SER I 11 -35.16 -30.45 37.09
C SER I 11 -34.70 -31.56 36.18
N VAL I 12 -34.24 -32.67 36.77
CA VAL I 12 -33.71 -33.78 35.97
C VAL I 12 -33.97 -35.15 36.53
N ALA I 13 -33.80 -36.14 35.63
CA ALA I 13 -33.92 -37.57 35.94
C ALA I 13 -32.51 -38.14 36.13
N PRO I 14 -32.34 -39.14 36.99
CA PRO I 14 -31.05 -39.72 37.21
C PRO I 14 -30.57 -40.41 35.94
N GLY I 15 -29.30 -40.22 35.62
CA GLY I 15 -28.73 -40.85 34.45
C GLY I 15 -28.70 -39.93 33.26
N GLN I 16 -29.42 -38.81 33.31
CA GLN I 16 -29.31 -37.88 32.20
C GLN I 16 -28.17 -36.91 32.45
N THR I 17 -27.86 -36.16 31.40
CA THR I 17 -26.84 -35.15 31.43
C THR I 17 -27.59 -33.86 31.72
N ALA I 18 -27.41 -33.30 32.91
CA ALA I 18 -28.08 -32.06 33.28
C ALA I 18 -27.23 -30.94 32.72
N ARG I 19 -27.90 -29.85 32.33
CA ARG I 19 -27.21 -28.70 31.77
C ARG I 19 -27.72 -27.42 32.44
N ILE I 20 -26.81 -26.70 33.05
CA ILE I 20 -27.11 -25.45 33.72
C ILE I 20 -26.41 -24.34 32.96
N THR I 21 -27.19 -23.37 32.50
CA THR I 21 -26.68 -22.30 31.65
C THR I 21 -26.46 -21.01 32.41
N CYS I 22 -25.49 -20.24 31.91
CA CYS I 22 -25.05 -19.00 32.48
C CYS I 22 -24.82 -18.04 31.33
N GLY I 23 -25.77 -17.14 31.15
CA GLY I 23 -25.70 -16.16 30.07
C GLY I 23 -25.04 -14.87 30.50
N GLY I 24 -24.29 -14.26 29.61
CA GLY I 24 -23.64 -12.99 29.91
C GLY I 24 -23.14 -12.38 28.63
N ASN I 25 -23.23 -11.05 28.53
CA ASN I 25 -22.76 -10.32 27.36
C ASN I 25 -21.28 -10.66 27.13
N ASN I 26 -20.96 -11.28 26.00
CA ASN I 26 -19.57 -11.63 25.71
C ASN I 26 -18.91 -12.38 26.90
N ILE I 27 -19.67 -13.31 27.48
CA ILE I 27 -19.16 -14.11 28.61
C ILE I 27 -18.01 -15.00 28.11
N GLY I 28 -17.99 -15.27 26.80
CA GLY I 28 -16.92 -16.02 26.17
C GLY I 28 -15.54 -15.43 26.40
N SER I 29 -15.46 -14.12 26.58
CA SER I 29 -14.20 -13.46 26.80
C SER I 29 -13.80 -13.47 28.28
N ARG I 30 -14.59 -14.14 29.12
CA ARG I 30 -14.31 -14.21 30.54
C ARG I 30 -14.03 -15.64 30.92
N SER I 31 -13.51 -15.83 32.14
CA SER I 31 -13.09 -17.15 32.64
C SER I 31 -14.09 -17.59 33.70
N VAL I 32 -14.94 -18.54 33.30
CA VAL I 32 -16.08 -18.96 34.14
C VAL I 32 -15.70 -19.99 35.21
N HIS I 33 -16.27 -19.79 36.40
CA HIS I 33 -16.14 -20.73 37.52
C HIS I 33 -17.55 -21.07 37.94
N TRP I 34 -17.71 -22.31 38.41
CA TRP I 34 -18.97 -22.83 38.89
C TRP I 34 -18.80 -23.41 40.29
N TYR I 35 -19.78 -23.12 41.15
CA TYR I 35 -19.75 -23.59 42.54
C TYR I 35 -21.01 -24.40 42.80
N GLN I 36 -20.86 -25.39 43.66
CA GLN I 36 -21.94 -26.28 44.06
C GLN I 36 -22.19 -26.04 45.54
N GLN I 37 -23.42 -25.70 45.90
CA GLN I 37 -23.73 -25.54 47.33
C GLN I 37 -24.90 -26.41 47.72
N LYS I 38 -24.60 -27.50 48.43
CA LYS I 38 -25.62 -28.41 48.89
C LYS I 38 -26.22 -27.83 50.18
N PRO I 39 -27.40 -28.33 50.56
CA PRO I 39 -28.10 -27.87 51.75
C PRO I 39 -27.29 -27.96 53.04
N GLY I 40 -27.22 -26.84 53.77
CA GLY I 40 -26.45 -26.77 55.00
C GLY I 40 -24.93 -26.72 54.81
N GLN I 41 -24.46 -26.56 53.57
CA GLN I 41 -23.02 -26.59 53.32
C GLN I 41 -22.50 -25.32 52.68
N ALA I 42 -21.20 -25.07 52.86
CA ALA I 42 -20.56 -23.97 52.15
C ALA I 42 -20.41 -24.40 50.70
N PRO I 43 -20.27 -23.43 49.79
CA PRO I 43 -20.01 -23.73 48.39
C PRO I 43 -18.74 -24.51 48.14
N VAL I 44 -18.71 -25.22 47.00
CA VAL I 44 -17.55 -25.99 46.57
C VAL I 44 -17.29 -25.66 45.10
N LEU I 45 -16.03 -25.45 44.77
CA LEU I 45 -15.64 -25.20 43.39
C LEU I 45 -15.69 -26.51 42.61
N VAL I 46 -16.50 -26.57 41.55
CA VAL I 46 -16.58 -27.77 40.73
C VAL I 46 -15.90 -27.62 39.35
N VAL I 47 -15.90 -26.41 38.80
CA VAL I 47 -15.26 -26.12 37.53
C VAL I 47 -14.65 -24.74 37.61
N TYR I 48 -13.44 -24.58 37.08
CA TYR I 48 -12.80 -23.29 36.99
C TYR I 48 -12.26 -23.10 35.58
N ASP I 49 -12.18 -21.83 35.19
CA ASP I 49 -11.68 -21.43 33.90
C ASP I 49 -12.42 -22.15 32.78
N ASP I 50 -13.73 -21.98 32.78
CA ASP I 50 -14.66 -22.57 31.80
C ASP I 50 -14.78 -24.07 31.88
N SER I 51 -13.66 -24.80 31.85
CA SER I 51 -13.70 -26.25 31.67
C SER I 51 -12.84 -27.16 32.56
N ASP I 52 -12.12 -26.60 33.53
CA ASP I 52 -11.20 -27.41 34.33
C ASP I 52 -11.83 -27.84 35.64
N ARG I 53 -11.36 -28.97 36.13
CA ARG I 53 -11.87 -29.54 37.36
C ARG I 53 -10.82 -29.63 38.43
N PRO I 54 -11.11 -29.12 39.63
CA PRO I 54 -10.19 -29.28 40.73
C PRO I 54 -10.04 -30.78 41.00
N SER I 55 -8.92 -31.15 41.60
CA SER I 55 -8.65 -32.54 41.96
C SER I 55 -9.75 -32.99 42.91
N GLY I 56 -10.29 -34.18 42.68
CA GLY I 56 -11.35 -34.69 43.54
C GLY I 56 -12.74 -34.57 42.95
N ILE I 57 -12.91 -33.66 41.99
CA ILE I 57 -14.21 -33.49 41.35
C ILE I 57 -14.34 -34.52 40.25
N PRO I 58 -15.45 -35.28 40.25
CA PRO I 58 -15.72 -36.28 39.24
C PRO I 58 -15.66 -35.76 37.80
N GLU I 59 -15.24 -36.64 36.90
CA GLU I 59 -15.09 -36.34 35.47
C GLU I 59 -16.40 -35.96 34.81
N ARG I 60 -17.49 -36.46 35.37
CA ARG I 60 -18.82 -36.13 34.88
C ARG I 60 -19.23 -34.66 35.04
N PHE I 61 -18.49 -33.88 35.83
CA PHE I 61 -18.70 -32.43 35.87
C PHE I 61 -17.84 -31.78 34.77
N SER I 62 -18.47 -31.11 33.82
CA SER I 62 -17.74 -30.42 32.74
C SER I 62 -18.34 -29.05 32.39
N GLY I 63 -17.56 -28.27 31.66
CA GLY I 63 -18.01 -26.95 31.32
C GLY I 63 -17.57 -26.49 29.96
N SER I 64 -18.40 -25.61 29.40
CA SER I 64 -18.11 -24.98 28.13
C SER I 64 -18.40 -23.49 28.28
N ASN I 65 -17.80 -22.66 27.43
CA ASN I 65 -18.04 -21.23 27.42
C ASN I 65 -17.60 -20.61 26.13
N SER I 66 -18.55 -20.03 25.39
CA SER I 66 -18.25 -19.27 24.18
C SER I 66 -19.44 -18.35 23.88
N GLY I 67 -19.16 -17.24 23.20
CA GLY I 67 -20.18 -16.25 22.88
C GLY I 67 -20.80 -15.62 24.13
N ASN I 68 -22.13 -15.70 24.21
CA ASN I 68 -22.92 -15.11 25.29
C ASN I 68 -23.46 -16.17 26.24
N MET I 69 -22.88 -17.37 26.22
CA MET I 69 -23.38 -18.48 27.03
C MET I 69 -22.32 -19.48 27.52
N ALA I 70 -22.29 -19.69 28.83
CA ALA I 70 -21.49 -20.74 29.46
C ALA I 70 -22.46 -21.80 29.99
N THR I 71 -22.03 -23.06 29.99
CA THR I 71 -22.86 -24.17 30.46
C THR I 71 -22.10 -25.10 31.39
N LEU I 72 -22.71 -25.46 32.52
CA LEU I 72 -22.19 -26.54 33.35
C LEU I 72 -22.97 -27.80 32.96
N THR I 73 -22.24 -28.88 32.72
CA THR I 73 -22.83 -30.14 32.30
C THR I 73 -22.51 -31.18 33.34
N ILE I 74 -23.54 -31.92 33.78
CA ILE I 74 -23.33 -32.97 34.77
C ILE I 74 -23.88 -34.21 34.12
N SER I 75 -23.02 -35.13 33.71
CA SER I 75 -23.46 -36.36 33.07
C SER I 75 -23.70 -37.39 34.16
N ARG I 76 -24.48 -38.41 33.84
CA ARG I 76 -24.84 -39.44 34.81
C ARG I 76 -25.26 -38.81 36.12
N VAL I 77 -26.21 -37.89 36.05
CA VAL I 77 -26.64 -37.18 37.24
C VAL I 77 -27.26 -38.14 38.26
N GLU I 78 -26.88 -37.94 39.52
CA GLU I 78 -27.41 -38.75 40.62
C GLU I 78 -27.98 -37.82 41.70
N ALA I 79 -28.79 -38.40 42.58
CA ALA I 79 -29.48 -37.68 43.64
C ALA I 79 -28.57 -36.79 44.46
N GLY I 80 -27.35 -37.27 44.70
CA GLY I 80 -26.35 -36.51 45.47
C GLY I 80 -26.01 -35.17 44.86
N ASP I 81 -26.23 -35.03 43.55
CA ASP I 81 -25.90 -33.79 42.87
C ASP I 81 -26.89 -32.68 43.11
N GLU I 82 -28.01 -32.95 43.77
CA GLU I 82 -28.96 -31.88 44.06
C GLU I 82 -28.31 -30.80 44.86
N ALA I 83 -28.36 -29.57 44.35
CA ALA I 83 -27.74 -28.44 45.00
C ALA I 83 -28.12 -27.15 44.29
N ASP I 84 -27.62 -26.04 44.84
CA ASP I 84 -27.69 -24.75 44.18
C ASP I 84 -26.36 -24.62 43.49
N TYR I 85 -26.37 -24.32 42.20
CA TYR I 85 -25.13 -24.12 41.44
C TYR I 85 -25.05 -22.66 41.04
N TYR I 86 -23.86 -22.05 41.21
CA TYR I 86 -23.64 -20.64 40.85
C TYR I 86 -22.50 -20.49 39.88
N CYS I 87 -22.73 -19.77 38.77
CA CYS I 87 -21.64 -19.44 37.88
C CYS I 87 -21.04 -18.12 38.37
N GLN I 88 -19.82 -17.85 37.91
CA GLN I 88 -19.10 -16.68 38.37
C GLN I 88 -18.01 -16.30 37.38
N VAL I 89 -17.77 -14.99 37.27
CA VAL I 89 -16.66 -14.44 36.49
C VAL I 89 -16.09 -13.21 37.19
N TRP I 90 -14.79 -12.99 36.96
CA TRP I 90 -14.15 -11.74 37.30
C TRP I 90 -14.40 -10.83 36.11
N ASP I 91 -14.87 -9.61 36.40
CA ASP I 91 -15.09 -8.59 35.40
C ASP I 91 -14.11 -7.44 35.63
N SER I 92 -13.14 -7.29 34.73
CA SER I 92 -12.09 -6.30 34.95
C SER I 92 -12.58 -4.87 34.76
N ARG I 93 -13.49 -4.66 33.82
CA ARG I 93 -13.92 -3.30 33.59
C ARG I 93 -14.54 -2.74 34.88
N THR I 94 -15.40 -3.54 35.54
CA THR I 94 -16.00 -3.10 36.81
C THR I 94 -15.22 -3.46 38.08
N ASP I 95 -14.11 -4.18 37.97
CA ASP I 95 -13.32 -4.61 39.13
C ASP I 95 -14.15 -5.37 40.15
N HIS I 96 -15.08 -6.19 39.67
CA HIS I 96 -15.94 -6.99 40.54
C HIS I 96 -15.95 -8.41 40.11
N TRP I 97 -16.08 -9.28 41.10
CA TRP I 97 -16.42 -10.65 40.89
C TRP I 97 -17.93 -10.64 40.78
N VAL I 98 -18.48 -11.33 39.78
CA VAL I 98 -19.90 -11.39 39.61
C VAL I 98 -20.33 -12.85 39.73
N PHE I 99 -21.48 -13.06 40.36
CA PHE I 99 -22.07 -14.38 40.43
C PHE I 99 -23.42 -14.33 39.73
N GLY I 100 -23.81 -15.44 39.11
CA GLY I 100 -25.16 -15.57 38.64
C GLY I 100 -26.05 -15.74 39.86
N GLY I 101 -27.37 -15.65 39.65
CA GLY I 101 -28.33 -15.72 40.73
C GLY I 101 -28.51 -17.10 41.35
N GLY I 102 -27.92 -18.13 40.75
CA GLY I 102 -28.02 -19.50 41.24
C GLY I 102 -29.13 -20.29 40.59
N THR I 103 -28.84 -21.57 40.32
CA THR I 103 -29.80 -22.52 39.78
C THR I 103 -29.99 -23.65 40.80
N ASP I 104 -31.24 -23.92 41.12
CA ASP I 104 -31.58 -24.98 42.03
C ASP I 104 -31.77 -26.23 41.17
N LEU I 105 -30.90 -27.23 41.36
CA LEU I 105 -30.97 -28.46 40.60
C LEU I 105 -31.70 -29.50 41.40
N THR I 106 -32.89 -29.86 40.93
CA THR I 106 -33.69 -30.91 41.57
C THR I 106 -33.55 -32.16 40.73
N VAL I 107 -33.39 -33.28 41.41
CA VAL I 107 -33.35 -34.58 40.78
C VAL I 107 -34.69 -35.19 41.13
N LEU I 108 -35.56 -35.31 40.14
CA LEU I 108 -36.92 -35.83 40.36
C LEU I 108 -36.92 -37.34 40.49
N GLY I 109 -37.98 -37.85 41.10
CA GLY I 109 -38.23 -39.28 41.14
C GLY I 109 -37.55 -40.12 42.20
N GLN I 110 -37.03 -39.48 43.23
CA GLN I 110 -36.39 -40.22 44.30
C GLN I 110 -37.47 -41.04 45.02
N PRO I 111 -37.10 -42.18 45.61
CA PRO I 111 -38.08 -43.08 46.25
C PRO I 111 -38.92 -42.42 47.35
N LYS I 112 -40.21 -42.68 47.32
CA LYS I 112 -41.10 -42.23 48.37
C LYS I 112 -40.57 -42.88 49.68
N ALA I 113 -40.56 -42.09 50.75
CA ALA I 113 -40.06 -42.55 52.03
C ALA I 113 -40.94 -41.91 53.08
N ALA I 114 -41.61 -42.75 53.85
CA ALA I 114 -42.50 -42.29 54.90
C ALA I 114 -41.65 -41.76 56.06
N PRO I 115 -42.16 -40.76 56.78
CA PRO I 115 -41.42 -40.16 57.88
C PRO I 115 -41.24 -41.01 59.13
N SER I 116 -40.11 -40.83 59.80
CA SER I 116 -39.91 -41.35 61.16
C SER I 116 -40.32 -40.19 62.05
N VAL I 117 -41.16 -40.47 63.03
CA VAL I 117 -41.66 -39.45 63.94
C VAL I 117 -41.24 -39.75 65.36
N THR I 118 -40.70 -38.74 66.04
CA THR I 118 -40.35 -38.87 67.45
C THR I 118 -41.05 -37.75 68.22
N LEU I 119 -41.85 -38.15 69.20
CA LEU I 119 -42.59 -37.23 70.04
C LEU I 119 -42.04 -37.29 71.46
N PHE I 120 -41.60 -36.15 71.93
CA PHE I 120 -41.13 -36.02 73.30
C PHE I 120 -42.13 -35.26 74.18
N PRO I 121 -42.30 -35.73 75.41
CA PRO I 121 -43.09 -34.98 76.38
C PRO I 121 -42.23 -33.87 76.98
N PRO I 122 -42.86 -33.00 77.78
CA PRO I 122 -42.16 -31.94 78.47
C PRO I 122 -41.17 -32.48 79.52
N SER I 123 -40.03 -31.82 79.70
CA SER I 123 -39.06 -32.24 80.72
C SER I 123 -39.55 -31.86 82.10
N SER I 124 -39.02 -32.53 83.13
CA SER I 124 -39.35 -32.19 84.53
C SER I 124 -38.94 -30.75 84.74
N GLU I 125 -37.75 -30.42 84.25
CA GLU I 125 -37.20 -29.08 84.39
C GLU I 125 -38.16 -28.03 83.84
N GLU I 126 -38.67 -28.26 82.63
CA GLU I 126 -39.57 -27.29 82.02
C GLU I 126 -40.85 -27.11 82.83
N LEU I 127 -41.45 -28.23 83.24
CA LEU I 127 -42.67 -28.19 84.09
C LEU I 127 -42.37 -27.45 85.38
N GLN I 128 -41.20 -27.76 85.95
CA GLN I 128 -40.71 -27.11 87.15
C GLN I 128 -40.64 -25.59 86.95
N ALA I 129 -40.47 -25.14 85.70
CA ALA I 129 -40.47 -23.71 85.38
C ALA I 129 -41.88 -23.25 84.97
N ASN I 130 -42.87 -24.05 85.34
CA ASN I 130 -44.28 -23.78 85.04
C ASN I 130 -44.58 -23.59 83.54
N LYS I 131 -43.94 -24.39 82.71
CA LYS I 131 -44.18 -24.37 81.25
C LYS I 131 -44.13 -25.79 80.72
N ALA I 132 -44.66 -25.99 79.51
CA ALA I 132 -44.65 -27.31 78.92
C ALA I 132 -44.65 -27.26 77.40
N THR I 133 -43.71 -28.00 76.81
CA THR I 133 -43.59 -28.07 75.37
C THR I 133 -43.46 -29.50 74.96
N LEU I 134 -44.33 -29.92 74.04
CA LEU I 134 -44.23 -31.24 73.41
C LEU I 134 -43.50 -31.02 72.10
N VAL I 135 -42.57 -31.92 71.79
CA VAL I 135 -41.70 -31.74 70.63
C VAL I 135 -41.85 -32.91 69.65
N CYS I 136 -42.31 -32.61 68.45
CA CYS I 136 -42.55 -33.65 67.48
C CYS I 136 -41.53 -33.46 66.36
N LEU I 137 -40.68 -34.47 66.21
CA LEU I 137 -39.55 -34.47 65.28
C LEU I 137 -39.80 -35.47 64.16
N ILE I 138 -39.73 -34.98 62.93
CA ILE I 138 -40.12 -35.73 61.73
C ILE I 138 -38.94 -35.74 60.76
N SER I 139 -38.41 -36.93 60.46
CA SER I 139 -37.26 -37.04 59.61
C SER I 139 -37.38 -38.13 58.55
N ASP I 140 -36.47 -38.04 57.58
CA ASP I 140 -36.28 -39.01 56.51
C ASP I 140 -37.49 -39.24 55.64
N PHE I 141 -38.22 -38.18 55.32
CA PHE I 141 -39.35 -38.35 54.43
C PHE I 141 -39.07 -37.79 53.04
N TYR I 142 -39.74 -38.37 52.06
CA TYR I 142 -39.61 -37.93 50.69
C TYR I 142 -40.89 -38.31 49.97
N PRO I 143 -41.51 -37.38 49.23
CA PRO I 143 -41.03 -36.00 49.08
C PRO I 143 -41.32 -35.12 50.31
N GLY I 144 -40.90 -33.86 50.25
CA GLY I 144 -40.95 -32.92 51.38
C GLY I 144 -42.22 -32.13 51.65
N ALA I 145 -43.27 -32.82 52.04
CA ALA I 145 -44.55 -32.20 52.37
C ALA I 145 -45.29 -33.13 53.32
N VAL I 146 -45.79 -32.54 54.42
CA VAL I 146 -46.50 -33.27 55.46
C VAL I 146 -47.58 -32.38 56.10
N THR I 147 -48.58 -33.03 56.68
CA THR I 147 -49.60 -32.35 57.46
C THR I 147 -49.36 -32.82 58.88
N VAL I 148 -49.29 -31.87 59.81
CA VAL I 148 -49.10 -32.19 61.21
C VAL I 148 -50.35 -31.80 61.99
N ALA I 149 -50.91 -32.77 62.72
CA ALA I 149 -52.10 -32.53 63.55
C ALA I 149 -51.80 -32.91 65.00
N TRP I 150 -52.10 -31.99 65.92
CA TRP I 150 -52.00 -32.22 67.35
C TRP I 150 -53.40 -32.48 67.90
N LYS I 151 -53.48 -33.45 68.81
CA LYS I 151 -54.71 -33.77 69.53
C LYS I 151 -54.50 -34.00 71.04
N ALA I 152 -55.49 -33.57 71.82
CA ALA I 152 -55.53 -33.76 73.27
C ALA I 152 -56.66 -34.76 73.53
N ASP I 153 -56.32 -35.99 73.92
CA ASP I 153 -57.32 -37.05 74.08
C ASP I 153 -58.23 -37.16 72.84
N GLY I 154 -57.62 -37.14 71.65
CA GLY I 154 -58.36 -37.26 70.39
C GLY I 154 -58.98 -35.97 69.86
N SER I 155 -58.99 -34.93 70.69
CA SER I 155 -59.56 -33.63 70.34
C SER I 155 -58.47 -32.80 69.71
N PRO I 156 -58.68 -32.31 68.50
CA PRO I 156 -57.69 -31.47 67.81
C PRO I 156 -57.29 -30.17 68.53
N VAL I 157 -55.98 -29.95 68.65
CA VAL I 157 -55.41 -28.73 69.25
C VAL I 157 -54.76 -27.86 68.15
N LYS I 158 -55.18 -26.60 68.04
CA LYS I 158 -54.58 -25.67 67.07
C LYS I 158 -53.72 -24.57 67.71
N ALA I 159 -54.14 -24.09 68.88
CA ALA I 159 -53.40 -23.05 69.60
C ALA I 159 -52.06 -23.57 70.08
N GLY I 160 -51.10 -22.67 70.24
CA GLY I 160 -49.77 -23.01 70.73
C GLY I 160 -49.02 -23.96 69.83
N VAL I 161 -49.30 -23.92 68.52
CA VAL I 161 -48.59 -24.79 67.58
C VAL I 161 -47.64 -23.97 66.71
N GLU I 162 -46.47 -24.56 66.45
CA GLU I 162 -45.45 -23.98 65.60
C GLU I 162 -44.74 -25.14 64.88
N THR I 163 -44.95 -25.20 63.56
CA THR I 163 -44.42 -26.25 62.69
C THR I 163 -43.50 -25.59 61.66
N THR I 164 -42.36 -26.21 61.37
CA THR I 164 -41.45 -25.68 60.35
C THR I 164 -41.84 -26.20 58.99
N LYS I 165 -41.57 -25.38 57.98
CA LYS I 165 -41.72 -25.78 56.60
C LYS I 165 -40.60 -26.80 56.43
N PRO I 166 -40.85 -27.97 55.85
CA PRO I 166 -39.80 -28.98 55.71
C PRO I 166 -38.57 -28.49 54.96
N SER I 167 -37.39 -29.03 55.32
CA SER I 167 -36.16 -28.66 54.65
C SER I 167 -35.35 -29.91 54.33
N LYS I 168 -34.67 -29.87 53.18
CA LYS I 168 -33.91 -31.01 52.71
C LYS I 168 -32.75 -31.30 53.63
N GLN I 169 -32.67 -32.54 54.09
CA GLN I 169 -31.59 -33.03 54.92
C GLN I 169 -30.39 -33.35 54.07
N SER I 170 -29.31 -33.72 54.74
CA SER I 170 -28.06 -34.08 54.10
C SER I 170 -28.22 -35.23 53.09
N ASN I 171 -29.10 -36.17 53.43
CA ASN I 171 -29.36 -37.36 52.60
C ASN I 171 -30.40 -37.20 51.47
N ASN I 172 -30.74 -35.96 51.13
CA ASN I 172 -31.73 -35.64 50.10
C ASN I 172 -33.19 -35.91 50.53
N LYS I 173 -33.39 -36.33 51.77
CA LYS I 173 -34.73 -36.46 52.33
C LYS I 173 -34.99 -35.19 53.13
N TYR I 174 -36.18 -35.07 53.69
CA TYR I 174 -36.61 -33.88 54.39
C TYR I 174 -36.81 -34.08 55.88
N ALA I 175 -36.78 -32.98 56.61
CA ALA I 175 -37.04 -32.95 58.04
C ALA I 175 -37.96 -31.79 58.37
N ALA I 176 -38.68 -31.94 59.48
CA ALA I 176 -39.59 -30.91 59.97
C ALA I 176 -39.80 -31.10 61.47
N SER I 177 -40.25 -30.04 62.11
CA SER I 177 -40.48 -30.03 63.55
C SER I 177 -41.78 -29.35 63.84
N SER I 178 -42.47 -29.85 64.85
CA SER I 178 -43.66 -29.21 65.35
C SER I 178 -43.58 -29.18 66.88
N TYR I 179 -43.94 -28.05 67.47
CA TYR I 179 -43.87 -27.85 68.92
C TYR I 179 -45.22 -27.39 69.43
N LEU I 180 -45.73 -28.07 70.44
CA LEU I 180 -46.98 -27.72 71.11
C LEU I 180 -46.70 -27.14 72.48
N SER I 181 -47.14 -25.90 72.72
CA SER I 181 -47.00 -25.22 73.99
C SER I 181 -48.29 -25.39 74.80
N LEU I 182 -48.11 -25.78 76.06
CA LEU I 182 -49.20 -26.05 76.99
C LEU I 182 -48.87 -25.50 78.39
N THR I 183 -49.89 -25.31 79.22
CA THR I 183 -49.64 -25.04 80.63
C THR I 183 -49.45 -26.44 81.24
N PRO I 184 -48.69 -26.54 82.33
CA PRO I 184 -48.57 -27.80 83.05
C PRO I 184 -49.92 -28.41 83.38
N GLU I 185 -50.89 -27.56 83.70
CA GLU I 185 -52.23 -27.98 84.03
C GLU I 185 -52.87 -28.68 82.84
N GLN I 186 -52.83 -28.02 81.68
CA GLN I 186 -53.36 -28.61 80.45
C GLN I 186 -52.72 -29.97 80.20
N TRP I 187 -51.41 -30.01 80.31
CA TRP I 187 -50.67 -31.26 80.13
C TRP I 187 -51.19 -32.42 81.02
N LYS I 188 -51.42 -32.10 82.31
CA LYS I 188 -51.80 -33.09 83.31
C LYS I 188 -53.28 -33.48 83.28
N SER I 189 -54.13 -32.59 82.75
CA SER I 189 -55.57 -32.85 82.68
C SER I 189 -55.95 -33.81 81.56
N HIS I 190 -54.99 -34.28 80.77
CA HIS I 190 -55.26 -35.21 79.70
C HIS I 190 -54.56 -36.52 79.94
N ARG I 191 -55.16 -37.60 79.46
CA ARG I 191 -54.54 -38.91 79.54
C ARG I 191 -53.38 -38.96 78.55
N SER I 192 -53.54 -38.37 77.36
CA SER I 192 -52.43 -38.30 76.43
C SER I 192 -52.59 -37.24 75.36
N TYR I 193 -51.47 -36.93 74.73
CA TYR I 193 -51.43 -36.04 73.57
C TYR I 193 -50.84 -36.85 72.46
N SER I 194 -51.15 -36.51 71.21
CA SER I 194 -50.56 -37.19 70.08
C SER I 194 -50.14 -36.24 68.96
N CYS I 195 -49.10 -36.63 68.26
CA CYS I 195 -48.64 -35.93 67.08
C CYS I 195 -48.93 -36.86 65.93
N GLN I 196 -49.81 -36.44 65.04
CA GLN I 196 -50.26 -37.22 63.87
C GLN I 196 -49.66 -36.57 62.61
N VAL I 197 -48.78 -37.32 61.94
CA VAL I 197 -48.10 -36.83 60.74
C VAL I 197 -48.60 -37.58 59.51
N THR I 198 -49.26 -36.84 58.61
CA THR I 198 -49.71 -37.41 57.36
C THR I 198 -48.67 -37.12 56.26
N HIS I 199 -48.34 -38.15 55.50
CA HIS I 199 -47.40 -38.03 54.39
C HIS I 199 -47.85 -38.89 53.22
N GLU I 200 -48.17 -38.24 52.10
CA GLU I 200 -48.60 -38.94 50.89
C GLU I 200 -49.73 -39.91 51.20
N GLY I 201 -50.73 -39.40 51.90
CA GLY I 201 -51.93 -40.17 52.23
C GLY I 201 -51.79 -41.21 53.31
N SER I 202 -50.68 -41.20 54.03
CA SER I 202 -50.47 -42.17 55.12
C SER I 202 -50.00 -41.44 56.35
N THR I 203 -50.58 -41.84 57.46
CA THR I 203 -50.38 -41.17 58.73
C THR I 203 -49.63 -42.02 59.76
N VAL I 204 -48.65 -41.37 60.39
CA VAL I 204 -47.88 -41.94 61.47
C VAL I 204 -48.29 -41.16 62.72
N GLU I 205 -48.73 -41.85 63.75
CA GLU I 205 -49.12 -41.21 65.01
C GLU I 205 -48.18 -41.61 66.12
N LYS I 206 -47.81 -40.64 66.95
CA LYS I 206 -47.03 -40.90 68.15
C LYS I 206 -47.76 -40.26 69.33
N THR I 207 -47.60 -40.87 70.50
CA THR I 207 -48.31 -40.44 71.68
C THR I 207 -47.41 -40.30 72.89
N VAL I 208 -47.78 -39.37 73.78
CA VAL I 208 -47.12 -39.20 75.08
C VAL I 208 -48.17 -38.86 76.15
N ALA I 209 -47.87 -39.25 77.39
CA ALA I 209 -48.78 -39.09 78.54
C ALA I 209 -48.00 -38.68 79.79
N PRO I 210 -48.60 -37.88 80.67
CA PRO I 210 -47.90 -37.41 81.88
C PRO I 210 -47.29 -38.56 82.69
N SER J 1 -13.38 23.04 -50.53
CA SER J 1 -13.01 24.34 -51.19
C SER J 1 -12.24 25.24 -50.23
N TYR J 2 -11.14 24.77 -49.61
CA TYR J 2 -10.38 25.65 -48.77
C TYR J 2 -9.45 26.43 -49.66
N VAL J 3 -9.62 27.74 -49.62
CA VAL J 3 -8.92 28.66 -50.54
C VAL J 3 -8.14 29.72 -49.78
N LEU J 4 -6.92 29.93 -50.28
CA LEU J 4 -6.00 30.94 -49.78
C LEU J 4 -5.82 32.03 -50.84
N THR J 5 -5.94 33.30 -50.43
CA THR J 5 -5.88 34.41 -51.35
C THR J 5 -4.65 35.33 -51.17
N GLN J 6 -3.91 35.47 -52.26
CA GLN J 6 -2.74 36.37 -52.32
C GLN J 6 -2.93 37.38 -53.43
N PRO J 7 -2.43 38.62 -53.28
CA PRO J 7 -2.46 39.54 -54.41
C PRO J 7 -1.45 39.07 -55.49
N PRO J 8 -1.80 39.18 -56.75
CA PRO J 8 -0.92 38.73 -57.83
C PRO J 8 0.47 39.38 -57.86
N SER J 9 0.55 40.66 -57.54
CA SER J 9 1.80 41.39 -57.61
C SER J 9 1.94 42.44 -56.53
N VAL J 10 3.16 42.61 -56.03
CA VAL J 10 3.49 43.67 -55.12
C VAL J 10 4.71 44.38 -55.73
N SER J 11 4.70 45.72 -55.70
CA SER J 11 5.77 46.57 -56.21
C SER J 11 6.48 47.23 -55.03
N VAL J 12 7.80 47.06 -54.94
CA VAL J 12 8.58 47.64 -53.84
C VAL J 12 9.90 48.24 -54.33
N ALA J 13 10.47 49.16 -53.55
CA ALA J 13 11.76 49.77 -53.84
C ALA J 13 12.85 49.22 -52.92
N PRO J 14 14.10 49.17 -53.39
CA PRO J 14 15.16 48.67 -52.54
C PRO J 14 15.13 49.37 -51.19
N GLY J 15 15.46 48.64 -50.13
CA GLY J 15 15.50 49.19 -48.79
C GLY J 15 14.15 49.40 -48.11
N GLN J 16 13.05 49.25 -48.84
CA GLN J 16 11.77 49.44 -48.18
C GLN J 16 11.22 48.09 -47.72
N THR J 17 10.17 48.08 -46.89
CA THR J 17 9.70 46.83 -46.35
C THR J 17 8.49 46.40 -47.13
N ALA J 18 8.55 45.18 -47.68
CA ALA J 18 7.45 44.63 -48.46
C ALA J 18 6.56 43.77 -47.58
N ARG J 19 5.27 43.81 -47.90
CA ARG J 19 4.27 43.00 -47.23
C ARG J 19 3.48 42.20 -48.27
N ILE J 20 3.49 40.89 -48.12
CA ILE J 20 2.69 40.00 -48.95
C ILE J 20 1.62 39.36 -48.05
N THR J 21 0.36 39.56 -48.39
CA THR J 21 -0.74 39.02 -47.61
C THR J 21 -1.20 37.67 -48.12
N CYS J 22 -1.81 36.91 -47.21
CA CYS J 22 -2.35 35.61 -47.50
C CYS J 22 -3.65 35.42 -46.69
N GLY J 23 -4.77 35.63 -47.37
CA GLY J 23 -6.07 35.56 -46.74
C GLY J 23 -6.66 34.15 -46.71
N GLY J 24 -7.40 33.83 -45.68
CA GLY J 24 -8.04 32.51 -45.55
C GLY J 24 -9.01 32.50 -44.38
N ASN J 25 -10.11 31.78 -44.54
CA ASN J 25 -11.10 31.68 -43.45
C ASN J 25 -10.39 31.03 -42.27
N ASN J 26 -10.36 31.72 -41.13
CA ASN J 26 -9.69 31.20 -39.93
C ASN J 26 -8.30 30.65 -40.19
N ILE J 27 -7.56 31.34 -41.06
CA ILE J 27 -6.19 30.98 -41.33
C ILE J 27 -5.40 30.99 -40.03
N GLY J 28 -5.81 31.83 -39.09
CA GLY J 28 -5.19 31.90 -37.79
C GLY J 28 -5.12 30.60 -37.03
N SER J 29 -6.05 29.69 -37.33
CA SER J 29 -6.12 28.38 -36.69
C SER J 29 -5.24 27.35 -37.35
N ARG J 30 -4.65 27.69 -38.50
CA ARG J 30 -3.81 26.77 -39.28
C ARG J 30 -2.36 27.21 -39.19
N SER J 31 -1.43 26.38 -39.67
CA SER J 31 0.02 26.66 -39.54
C SER J 31 0.58 27.12 -40.88
N VAL J 32 0.97 28.39 -40.95
CA VAL J 32 1.37 29.00 -42.23
C VAL J 32 2.83 28.84 -42.62
N HIS J 33 3.04 28.47 -43.88
CA HIS J 33 4.37 28.34 -44.47
C HIS J 33 4.50 29.27 -45.67
N TRP J 34 5.68 29.84 -45.86
CA TRP J 34 5.94 30.73 -46.98
C TRP J 34 7.15 30.24 -47.77
N TYR J 35 7.00 30.29 -49.10
CA TYR J 35 8.01 29.83 -50.05
C TYR J 35 8.38 30.90 -51.06
N GLN J 36 9.67 30.93 -51.41
CA GLN J 36 10.20 31.92 -52.35
C GLN J 36 10.70 31.20 -53.59
N GLN J 37 10.25 31.65 -54.77
CA GLN J 37 10.65 31.04 -56.04
C GLN J 37 11.14 32.08 -57.02
N LYS J 38 12.46 32.10 -57.19
CA LYS J 38 13.12 32.98 -58.14
C LYS J 38 13.03 32.25 -59.47
N PRO J 39 13.15 32.97 -60.58
CA PRO J 39 12.97 32.38 -61.90
C PRO J 39 14.05 31.36 -62.25
N GLY J 40 13.63 30.25 -62.85
CA GLY J 40 14.53 29.14 -63.22
C GLY J 40 14.77 28.17 -62.08
N GLN J 41 14.45 28.57 -60.86
CA GLN J 41 14.76 27.77 -59.67
C GLN J 41 13.54 27.16 -58.98
N ALA J 42 13.83 26.20 -58.11
CA ALA J 42 12.82 25.56 -57.28
C ALA J 42 12.48 26.48 -56.10
N PRO J 43 11.31 26.28 -55.51
CA PRO J 43 10.93 27.06 -54.35
C PRO J 43 11.86 26.83 -53.15
N VAL J 44 11.88 27.81 -52.25
CA VAL J 44 12.69 27.77 -51.05
C VAL J 44 11.79 28.18 -49.91
N LEU J 45 11.85 27.42 -48.83
CA LEU J 45 11.10 27.68 -47.63
C LEU J 45 11.69 28.89 -46.90
N VAL J 46 10.92 29.95 -46.69
CA VAL J 46 11.49 31.08 -45.96
C VAL J 46 10.93 31.25 -44.56
N VAL J 47 9.69 30.81 -44.35
CA VAL J 47 9.03 30.91 -43.07
C VAL J 47 8.15 29.68 -42.89
N TYR J 48 8.25 29.08 -41.70
CA TYR J 48 7.41 27.94 -41.37
C TYR J 48 6.72 28.21 -40.02
N ASP J 49 5.58 27.55 -39.80
CA ASP J 49 4.79 27.70 -38.58
C ASP J 49 4.54 29.18 -38.25
N ASP J 50 3.95 29.88 -39.23
CA ASP J 50 3.54 31.27 -39.11
C ASP J 50 4.69 32.28 -39.09
N SER J 51 5.64 32.09 -38.19
CA SER J 51 6.72 33.06 -38.00
C SER J 51 8.14 32.53 -37.71
N ASP J 52 8.39 31.23 -37.86
CA ASP J 52 9.74 30.67 -37.68
C ASP J 52 10.50 30.70 -39.01
N ARG J 53 11.82 30.72 -38.93
CA ARG J 53 12.71 30.79 -40.07
C ARG J 53 13.66 29.62 -40.09
N PRO J 54 13.80 28.98 -41.26
CA PRO J 54 14.79 27.94 -41.41
C PRO J 54 16.17 28.55 -41.33
N SER J 55 17.14 27.69 -41.09
CA SER J 55 18.54 28.08 -41.06
C SER J 55 18.96 28.66 -42.41
N GLY J 56 19.76 29.72 -42.37
CA GLY J 56 20.25 30.38 -43.56
C GLY J 56 19.31 31.43 -44.10
N ILE J 57 18.11 31.54 -43.53
CA ILE J 57 17.16 32.54 -44.01
C ILE J 57 17.36 33.80 -43.17
N PRO J 58 17.61 34.95 -43.81
CA PRO J 58 17.82 36.20 -43.08
C PRO J 58 16.62 36.61 -42.21
N GLU J 59 16.90 37.31 -41.12
CA GLU J 59 15.86 37.77 -40.22
C GLU J 59 15.04 38.94 -40.78
N ARG J 60 15.35 39.38 -42.01
CA ARG J 60 14.52 40.37 -42.70
C ARG J 60 13.17 39.74 -43.06
N PHE J 61 13.14 38.42 -43.15
CA PHE J 61 11.92 37.67 -43.47
C PHE J 61 11.21 37.39 -42.17
N SER J 62 9.98 37.88 -42.10
CA SER J 62 9.17 37.82 -40.89
C SER J 62 7.76 37.39 -41.27
N GLY J 63 7.10 36.69 -40.37
CA GLY J 63 5.73 36.22 -40.61
C GLY J 63 4.80 36.46 -39.43
N SER J 64 3.51 36.58 -39.72
CA SER J 64 2.47 36.71 -38.71
C SER J 64 1.22 36.04 -39.27
N ASN J 65 0.35 35.58 -38.37
CA ASN J 65 -0.87 34.90 -38.76
C ASN J 65 -1.86 35.01 -37.64
N SER J 66 -3.05 35.50 -37.96
CA SER J 66 -4.15 35.56 -37.00
C SER J 66 -5.45 35.88 -37.72
N GLY J 67 -6.57 35.54 -37.11
CA GLY J 67 -7.86 35.81 -37.71
C GLY J 67 -7.90 35.25 -39.13
N ASN J 68 -8.20 36.11 -40.11
CA ASN J 68 -8.38 35.69 -41.51
C ASN J 68 -7.26 36.12 -42.46
N MET J 69 -6.10 36.42 -41.87
CA MET J 69 -5.00 36.99 -42.63
C MET J 69 -3.60 36.64 -42.08
N ALA J 70 -2.74 36.11 -42.95
CA ALA J 70 -1.34 35.88 -42.65
C ALA J 70 -0.58 36.90 -43.52
N THR J 71 0.57 37.37 -43.05
CA THR J 71 1.37 38.33 -43.79
C THR J 71 2.85 37.96 -43.77
N LEU J 72 3.48 37.92 -44.94
CA LEU J 72 4.93 37.78 -45.03
C LEU J 72 5.49 39.21 -45.13
N THR J 73 6.35 39.55 -44.19
CA THR J 73 6.95 40.86 -44.16
C THR J 73 8.42 40.71 -44.48
N ILE J 74 8.90 41.45 -45.49
CA ILE J 74 10.31 41.43 -45.88
C ILE J 74 10.89 42.82 -45.67
N SER J 75 11.64 42.96 -44.58
CA SER J 75 12.24 44.21 -44.21
C SER J 75 13.45 44.48 -45.10
N ARG J 76 13.74 45.77 -45.37
CA ARG J 76 14.92 46.18 -46.17
C ARG J 76 15.13 45.33 -47.47
N VAL J 77 14.15 45.38 -48.35
CA VAL J 77 14.19 44.58 -49.58
C VAL J 77 15.43 44.84 -50.42
N GLU J 78 15.95 43.76 -51.01
CA GLU J 78 17.11 43.80 -51.89
C GLU J 78 16.67 43.23 -53.21
N ALA J 79 17.35 43.63 -54.29
CA ALA J 79 17.10 43.08 -55.64
C ALA J 79 16.98 41.54 -55.64
N GLY J 80 17.82 40.90 -54.83
CA GLY J 80 17.80 39.43 -54.71
C GLY J 80 16.52 38.83 -54.16
N ASP J 81 15.67 39.63 -53.51
CA ASP J 81 14.39 39.17 -53.00
C ASP J 81 13.29 39.05 -54.06
N GLU J 82 13.58 39.50 -55.28
CA GLU J 82 12.62 39.49 -56.36
C GLU J 82 12.29 38.06 -56.73
N ALA J 83 11.04 37.68 -56.56
CA ALA J 83 10.64 36.32 -56.72
C ALA J 83 9.12 36.20 -56.62
N ASP J 84 8.61 35.01 -56.87
CA ASP J 84 7.21 34.70 -56.55
C ASP J 84 7.15 34.19 -55.13
N TYR J 85 6.20 34.69 -54.34
CA TYR J 85 6.02 34.20 -52.95
C TYR J 85 4.69 33.49 -52.83
N TYR J 86 4.73 32.27 -52.30
CA TYR J 86 3.56 31.43 -52.08
C TYR J 86 3.32 31.17 -50.61
N CYS J 87 2.09 31.36 -50.15
CA CYS J 87 1.78 30.90 -48.81
C CYS J 87 1.14 29.54 -48.97
N GLN J 88 1.05 28.83 -47.85
CA GLN J 88 0.55 27.49 -47.84
C GLN J 88 0.06 27.07 -46.44
N VAL J 89 -1.01 26.27 -46.40
CA VAL J 89 -1.44 25.62 -45.15
C VAL J 89 -1.89 24.18 -45.40
N TRP J 90 -1.70 23.34 -44.39
CA TRP J 90 -2.32 22.02 -44.34
C TRP J 90 -3.72 22.23 -43.79
N ASP J 91 -4.72 21.69 -44.48
CA ASP J 91 -6.10 21.79 -44.04
C ASP J 91 -6.65 20.39 -43.75
N SER J 92 -6.87 20.08 -42.47
CA SER J 92 -7.25 18.73 -42.08
C SER J 92 -8.63 18.34 -42.59
N ARG J 93 -9.60 19.25 -42.50
CA ARG J 93 -10.96 18.90 -42.93
C ARG J 93 -11.05 18.53 -44.43
N THR J 94 -10.25 19.16 -45.28
CA THR J 94 -10.28 18.80 -46.70
C THR J 94 -9.20 17.80 -47.01
N ASP J 95 -8.28 17.58 -46.05
CA ASP J 95 -7.22 16.58 -46.20
C ASP J 95 -6.29 16.87 -47.41
N HIS J 96 -5.96 18.16 -47.56
CA HIS J 96 -5.09 18.67 -48.61
C HIS J 96 -4.10 19.68 -48.08
N TRP J 97 -2.93 19.71 -48.70
CA TRP J 97 -2.05 20.85 -48.56
C TRP J 97 -2.60 21.86 -49.58
N VAL J 98 -2.70 23.13 -49.15
CA VAL J 98 -3.28 24.21 -49.95
C VAL J 98 -2.26 25.34 -50.06
N PHE J 99 -2.03 25.79 -51.29
CA PHE J 99 -1.13 26.91 -51.59
C PHE J 99 -1.98 28.10 -52.04
N GLY J 100 -1.49 29.29 -51.74
CA GLY J 100 -2.01 30.51 -52.31
C GLY J 100 -1.60 30.57 -53.79
N GLY J 101 -2.20 31.50 -54.52
CA GLY J 101 -1.96 31.64 -55.97
C GLY J 101 -0.62 32.26 -56.33
N GLY J 102 0.08 32.76 -55.30
CA GLY J 102 1.40 33.33 -55.48
C GLY J 102 1.40 34.84 -55.72
N THR J 103 2.41 35.50 -55.15
CA THR J 103 2.61 36.94 -55.38
C THR J 103 3.96 37.18 -56.06
N ASP J 104 3.94 37.88 -57.20
CA ASP J 104 5.16 38.25 -57.92
C ASP J 104 5.66 39.55 -57.28
N LEU J 105 6.78 39.46 -56.58
CA LEU J 105 7.37 40.63 -55.95
C LEU J 105 8.40 41.27 -56.88
N THR J 106 8.15 42.50 -57.29
CA THR J 106 9.06 43.25 -58.15
C THR J 106 9.79 44.27 -57.30
N VAL J 107 11.11 44.33 -57.45
CA VAL J 107 11.93 45.33 -56.83
C VAL J 107 12.32 46.30 -57.97
N LEU J 108 11.61 47.42 -58.02
CA LEU J 108 11.84 48.48 -59.04
C LEU J 108 12.85 49.51 -58.56
N GLY J 109 13.69 49.95 -59.47
CA GLY J 109 14.72 50.92 -59.13
C GLY J 109 16.06 50.26 -58.87
N GLN J 110 16.28 49.11 -59.49
CA GLN J 110 17.57 48.45 -59.45
C GLN J 110 18.49 49.18 -60.43
N PRO J 111 19.80 48.96 -60.34
CA PRO J 111 20.73 49.59 -61.26
C PRO J 111 20.48 49.22 -62.73
N LYS J 112 20.48 50.25 -63.58
CA LYS J 112 20.34 50.04 -65.02
C LYS J 112 21.54 49.24 -65.54
N ALA J 113 21.26 48.29 -66.43
CA ALA J 113 22.30 47.47 -67.05
C ALA J 113 22.05 47.36 -68.55
N ALA J 114 22.93 47.97 -69.34
CA ALA J 114 22.87 47.92 -70.79
C ALA J 114 23.04 46.49 -71.32
N PRO J 115 22.39 46.18 -72.45
CA PRO J 115 22.47 44.83 -73.01
C PRO J 115 23.79 44.57 -73.69
N SER J 116 24.16 43.29 -73.70
CA SER J 116 25.29 42.81 -74.45
C SER J 116 24.63 42.19 -75.68
N VAL J 117 25.22 42.42 -76.86
CA VAL J 117 24.66 41.91 -78.12
C VAL J 117 25.68 41.10 -78.92
N THR J 118 25.24 39.94 -79.42
CA THR J 118 26.05 39.07 -80.28
C THR J 118 25.21 38.82 -81.50
N LEU J 119 25.79 39.05 -82.67
CA LEU J 119 25.06 38.86 -83.92
C LEU J 119 25.82 37.85 -84.77
N PHE J 120 25.11 36.81 -85.20
CA PHE J 120 25.67 35.79 -86.05
C PHE J 120 25.06 35.89 -87.45
N PRO J 121 25.90 35.73 -88.48
CA PRO J 121 25.44 35.65 -89.85
C PRO J 121 24.98 34.22 -90.11
N PRO J 122 24.36 33.97 -91.27
CA PRO J 122 23.94 32.62 -91.63
C PRO J 122 25.16 31.72 -91.80
N SER J 123 25.03 30.47 -91.41
CA SER J 123 26.11 29.51 -91.55
C SER J 123 26.13 29.07 -93.02
N SER J 124 27.28 28.60 -93.48
CA SER J 124 27.39 28.13 -94.86
C SER J 124 26.58 26.84 -95.02
N GLU J 125 26.44 26.09 -93.94
CA GLU J 125 25.60 24.90 -93.90
C GLU J 125 24.17 25.30 -94.23
N GLU J 126 23.63 26.30 -93.53
CA GLU J 126 22.27 26.78 -93.80
C GLU J 126 22.12 27.35 -95.22
N LEU J 127 23.11 28.17 -95.62
CA LEU J 127 23.13 28.76 -96.95
C LEU J 127 23.17 27.67 -98.00
N GLN J 128 23.87 26.58 -97.70
CA GLN J 128 23.95 25.45 -98.60
C GLN J 128 22.56 24.84 -98.69
N ALA J 129 21.82 24.85 -97.59
CA ALA J 129 20.43 24.37 -97.54
C ALA J 129 19.41 25.37 -98.11
N ASN J 130 19.90 26.38 -98.81
CA ASN J 130 19.04 27.40 -99.45
C ASN J 130 18.22 28.21 -98.46
N LYS J 131 18.78 28.44 -97.26
CA LYS J 131 18.11 29.26 -96.26
C LYS J 131 19.11 30.23 -95.66
N ALA J 132 18.64 31.16 -94.84
CA ALA J 132 19.52 32.16 -94.24
C ALA J 132 18.83 32.81 -93.04
N THR J 133 19.44 32.65 -91.87
CA THR J 133 18.97 33.22 -90.63
C THR J 133 20.10 34.06 -89.93
N LEU J 134 19.78 35.31 -89.62
CA LEU J 134 20.65 36.14 -88.80
C LEU J 134 20.14 35.95 -87.38
N VAL J 135 21.04 35.84 -86.40
CA VAL J 135 20.65 35.59 -85.02
C VAL J 135 21.20 36.69 -84.08
N CYS J 136 20.30 37.46 -83.51
CA CYS J 136 20.70 38.50 -82.58
C CYS J 136 20.38 38.06 -81.15
N LEU J 137 21.45 37.92 -80.34
CA LEU J 137 21.36 37.45 -78.95
C LEU J 137 21.66 38.61 -78.01
N ILE J 138 20.70 38.88 -77.13
CA ILE J 138 20.69 40.04 -76.26
C ILE J 138 20.64 39.61 -74.79
N SER J 139 21.65 39.92 -74.01
CA SER J 139 21.64 39.49 -72.60
C SER J 139 22.04 40.52 -71.55
N ASP J 140 21.75 40.16 -70.30
CA ASP J 140 22.13 40.96 -69.15
C ASP J 140 21.70 42.40 -69.26
N PHE J 141 20.43 42.62 -69.58
CA PHE J 141 19.90 43.97 -69.53
C PHE J 141 18.84 44.11 -68.42
N TYR J 142 18.73 45.33 -67.91
CA TYR J 142 17.77 45.70 -66.88
C TYR J 142 17.52 47.23 -66.99
N PRO J 143 16.28 47.70 -67.04
CA PRO J 143 15.05 46.90 -66.95
C PRO J 143 14.76 46.04 -68.18
N GLY J 144 13.80 45.14 -68.04
CA GLY J 144 13.50 44.15 -69.06
C GLY J 144 12.66 44.63 -70.21
N ALA J 145 13.16 45.56 -71.00
CA ALA J 145 12.49 46.04 -72.20
C ALA J 145 13.52 46.61 -73.17
N VAL J 146 13.49 46.13 -74.41
CA VAL J 146 14.36 46.64 -75.47
C VAL J 146 13.59 46.78 -76.76
N THR J 147 14.14 47.62 -77.65
CA THR J 147 13.61 47.78 -79.00
C THR J 147 14.62 47.20 -79.91
N VAL J 148 14.23 46.21 -80.72
CA VAL J 148 15.15 45.60 -81.67
C VAL J 148 14.83 46.11 -83.05
N ALA J 149 15.84 46.72 -83.68
CA ALA J 149 15.70 47.28 -85.01
C ALA J 149 16.81 46.76 -85.93
N TRP J 150 16.41 46.00 -86.95
CA TRP J 150 17.32 45.51 -87.95
C TRP J 150 17.45 46.51 -89.11
N LYS J 151 18.61 46.47 -89.75
CA LYS J 151 18.92 47.27 -90.92
C LYS J 151 19.64 46.38 -91.92
N ALA J 152 19.33 46.56 -93.19
CA ALA J 152 20.02 45.91 -94.28
C ALA J 152 20.78 47.08 -94.88
N ASP J 153 22.10 47.04 -94.78
CA ASP J 153 22.98 48.17 -95.07
C ASP J 153 22.53 49.28 -94.12
N GLY J 154 22.07 50.42 -94.64
CA GLY J 154 21.60 51.52 -93.80
C GLY J 154 20.08 51.61 -93.63
N SER J 155 19.33 50.80 -94.37
CA SER J 155 17.87 50.91 -94.38
C SER J 155 17.15 50.05 -93.34
N PRO J 156 16.25 50.67 -92.56
CA PRO J 156 15.43 49.93 -91.60
C PRO J 156 14.69 48.80 -92.31
N VAL J 157 14.68 47.63 -91.69
CA VAL J 157 14.00 46.46 -92.21
C VAL J 157 13.37 45.64 -91.09
N LYS J 158 12.11 45.26 -91.29
CA LYS J 158 11.35 44.42 -90.33
C LYS J 158 10.81 43.12 -90.95
N ALA J 159 10.89 42.99 -92.27
CA ALA J 159 10.40 41.80 -92.97
C ALA J 159 11.20 40.57 -92.54
N GLY J 160 10.51 39.47 -92.21
CA GLY J 160 11.18 38.21 -91.80
C GLY J 160 11.81 38.20 -90.40
N VAL J 161 11.51 39.23 -89.60
CA VAL J 161 12.06 39.37 -88.25
C VAL J 161 11.10 38.72 -87.25
N GLU J 162 11.66 38.01 -86.27
CA GLU J 162 10.92 37.42 -85.17
C GLU J 162 11.73 37.63 -83.88
N THR J 163 11.12 38.35 -82.93
CA THR J 163 11.74 38.72 -81.65
C THR J 163 10.94 38.18 -80.46
N THR J 164 11.67 37.59 -79.50
CA THR J 164 11.07 37.06 -78.30
C THR J 164 10.82 38.15 -77.29
N LYS J 165 10.00 37.81 -76.31
CA LYS J 165 9.81 38.68 -75.16
C LYS J 165 11.10 38.59 -74.33
N PRO J 166 11.39 39.58 -73.52
CA PRO J 166 12.52 39.46 -72.61
C PRO J 166 12.13 38.50 -71.49
N SER J 167 13.01 37.62 -71.07
CA SER J 167 12.69 36.78 -69.92
C SER J 167 13.77 36.87 -68.85
N LYS J 168 13.34 36.88 -67.59
CA LYS J 168 14.25 36.98 -66.44
C LYS J 168 15.31 35.89 -66.31
N GLN J 169 16.57 36.33 -66.17
CA GLN J 169 17.71 35.46 -65.94
C GLN J 169 17.85 35.26 -64.42
N SER J 170 18.89 34.53 -64.02
CA SER J 170 19.14 34.27 -62.59
C SER J 170 19.66 35.49 -61.83
N ASN J 171 20.35 36.39 -62.52
CA ASN J 171 20.95 37.56 -61.87
C ASN J 171 20.05 38.80 -61.83
N ASN J 172 18.75 38.58 -61.99
CA ASN J 172 17.74 39.65 -62.03
C ASN J 172 17.65 40.38 -63.38
N LYS J 173 18.55 40.06 -64.30
CA LYS J 173 18.56 40.72 -65.63
C LYS J 173 17.84 39.87 -66.67
N TYR J 174 17.68 40.43 -67.86
CA TYR J 174 16.89 39.77 -68.90
C TYR J 174 17.67 39.40 -70.13
N ALA J 175 17.21 38.32 -70.78
CA ALA J 175 17.73 37.88 -72.07
C ALA J 175 16.58 37.93 -73.10
N ALA J 176 16.96 38.16 -74.35
CA ALA J 176 16.02 38.08 -75.45
C ALA J 176 16.79 37.70 -76.73
N SER J 177 16.02 37.34 -77.73
CA SER J 177 16.51 36.91 -79.02
C SER J 177 15.73 37.53 -80.17
N SER J 178 16.41 37.79 -81.29
CA SER J 178 15.74 38.26 -82.52
C SER J 178 16.34 37.49 -83.69
N TYR J 179 15.46 37.05 -84.58
CA TYR J 179 15.83 36.29 -85.76
C TYR J 179 15.34 36.98 -87.01
N LEU J 180 16.25 37.13 -87.97
CA LEU J 180 15.92 37.71 -89.26
C LEU J 180 16.16 36.65 -90.32
N SER J 181 15.08 36.18 -90.91
CA SER J 181 15.15 35.20 -91.98
C SER J 181 15.19 35.90 -93.33
N LEU J 182 16.14 35.49 -94.17
CA LEU J 182 16.32 36.03 -95.49
C LEU J 182 16.51 34.88 -96.45
N THR J 183 16.41 35.16 -97.77
CA THR J 183 16.83 34.19 -98.78
C THR J 183 18.35 34.39 -98.87
N PRO J 184 19.09 33.35 -99.27
CA PRO J 184 20.53 33.50 -99.47
C PRO J 184 20.88 34.62 -100.48
N GLU J 185 19.97 34.88 -101.41
CA GLU J 185 20.15 35.95 -102.42
C GLU J 185 20.09 37.33 -101.73
N GLN J 186 19.09 37.56 -100.87
CA GLN J 186 18.99 38.84 -100.13
C GLN J 186 20.26 39.12 -99.33
N TRP J 187 20.74 38.08 -98.65
CA TRP J 187 21.89 38.14 -97.76
C TRP J 187 23.15 38.59 -98.47
N LYS J 188 23.40 37.98 -99.63
CA LYS J 188 24.57 38.28 -100.45
C LYS J 188 24.52 39.63 -101.15
N SER J 189 23.31 40.19 -101.31
CA SER J 189 23.12 41.43 -102.06
C SER J 189 23.37 42.68 -101.22
N HIS J 190 23.49 42.54 -99.89
CA HIS J 190 23.82 43.70 -99.07
C HIS J 190 25.26 43.61 -98.61
N ARG J 191 25.87 44.77 -98.37
CA ARG J 191 27.21 44.84 -97.80
C ARG J 191 27.21 44.43 -96.32
N SER J 192 26.15 44.74 -95.61
CA SER J 192 26.04 44.32 -94.22
C SER J 192 24.61 44.33 -93.73
N TYR J 193 24.45 43.71 -92.55
CA TYR J 193 23.20 43.68 -91.82
C TYR J 193 23.51 44.07 -90.39
N SER J 194 22.66 44.88 -89.77
CA SER J 194 22.87 45.24 -88.40
C SER J 194 21.68 44.90 -87.53
N CYS J 195 21.99 44.58 -86.27
CA CYS J 195 20.99 44.39 -85.27
C CYS J 195 21.18 45.53 -84.27
N GLN J 196 20.22 46.45 -84.21
CA GLN J 196 20.27 47.56 -83.26
C GLN J 196 19.31 47.31 -82.11
N VAL J 197 19.86 47.31 -80.90
CA VAL J 197 19.09 47.08 -79.70
C VAL J 197 19.09 48.40 -78.91
N THR J 198 17.91 49.00 -78.81
CA THR J 198 17.79 50.26 -78.10
C THR J 198 17.26 49.95 -76.70
N HIS J 199 17.93 50.49 -75.71
CA HIS J 199 17.57 50.22 -74.33
C HIS J 199 17.75 51.51 -73.53
N GLU J 200 16.66 51.94 -72.91
CA GLU J 200 16.65 53.14 -72.08
C GLU J 200 17.33 54.31 -72.80
N GLY J 201 16.93 54.51 -74.04
CA GLY J 201 17.44 55.61 -74.86
C GLY J 201 18.84 55.42 -75.43
N SER J 202 19.47 54.27 -75.16
CA SER J 202 20.81 53.98 -75.67
C SER J 202 20.81 52.78 -76.58
N THR J 203 21.43 52.91 -77.75
CA THR J 203 21.49 51.83 -78.72
C THR J 203 22.83 51.12 -78.74
N VAL J 204 22.76 49.80 -78.73
CA VAL J 204 23.91 48.90 -78.89
C VAL J 204 23.69 48.15 -80.23
N GLU J 205 24.63 48.32 -81.15
CA GLU J 205 24.53 47.77 -82.49
C GLU J 205 25.65 46.81 -82.79
N LYS J 206 25.32 45.70 -83.44
CA LYS J 206 26.30 44.76 -83.94
C LYS J 206 26.00 44.68 -85.42
N THR J 207 27.02 44.37 -86.21
CA THR J 207 26.93 44.30 -87.66
C THR J 207 27.68 43.10 -88.19
N VAL J 208 27.11 42.39 -89.17
CA VAL J 208 27.78 41.27 -89.84
C VAL J 208 27.75 41.44 -91.38
N ALA J 209 28.64 40.74 -92.07
CA ALA J 209 28.77 40.87 -93.51
C ALA J 209 29.01 39.48 -94.16
N PRO J 210 28.54 39.29 -95.40
CA PRO J 210 28.78 38.04 -96.12
C PRO J 210 30.26 37.62 -96.24
#